data_3T04
# 
_entry.id   3T04 
# 
_audit_conform.dict_name       mmcif_pdbx.dic 
_audit_conform.dict_version    5.379 
_audit_conform.dict_location   http://mmcif.pdb.org/dictionaries/ascii/mmcif_pdbx.dic 
# 
loop_
_database_2.database_id 
_database_2.database_code 
_database_2.pdbx_database_accession 
_database_2.pdbx_DOI 
PDB   3T04         pdb_00003t04 10.2210/pdb3t04/pdb 
RCSB  RCSB066868   ?            ?                   
WWPDB D_1000066868 ?            ?                   
# 
_pdbx_database_status.status_code                     REL 
_pdbx_database_status.entry_id                        3T04 
_pdbx_database_status.recvd_initial_deposition_date   2011-07-19 
_pdbx_database_status.deposit_site                    RCSB 
_pdbx_database_status.process_site                    RCSB 
_pdbx_database_status.status_code_sf                  REL 
_pdbx_database_status.status_code_mr                  ? 
_pdbx_database_status.SG_entry                        ? 
_pdbx_database_status.status_code_cs                  ? 
_pdbx_database_status.pdb_format_compatible           Y 
_pdbx_database_status.status_code_nmr_data            ? 
_pdbx_database_status.methods_development_category    ? 
# 
loop_
_audit_author.name 
_audit_author.pdbx_ordinal 
_audit_author.identifier_ORCID 
'Wojcik, J.B.'   1 ? 
'Wyrzucki, A.M.' 2 ? 
'Koide, S.'      3 ? 
# 
_citation.id                        primary 
_citation.title                     'Targeting the SH2-Kinase Interface in Bcr-Abl Inhibits Leukemogenesis.' 
_citation.journal_abbrev            'Cell(Cambridge,Mass.)' 
_citation.journal_volume            147 
_citation.page_first                306 
_citation.page_last                 319 
_citation.year                      2011 
_citation.journal_id_ASTM           CELLB5 
_citation.country                   US 
_citation.journal_id_ISSN           0092-8674 
_citation.journal_id_CSD            0998 
_citation.book_publisher            ? 
_citation.pdbx_database_id_PubMed   22000011 
_citation.pdbx_database_id_DOI      10.1016/j.cell.2011.08.046 
# 
loop_
_citation_author.citation_id 
_citation_author.name 
_citation_author.ordinal 
_citation_author.identifier_ORCID 
primary 'Grebien, F.'        1  ? 
primary 'Hantschel, O.'      2  ? 
primary 'Wojcik, J.'         3  ? 
primary 'Kaupe, I.'          4  ? 
primary 'Kovacic, B.'        5  ? 
primary 'Wyrzucki, A.M.'     6  ? 
primary 'Gish, G.D.'         7  ? 
primary 'Cerny-Reiterer, S.' 8  ? 
primary 'Koide, A.'          9  ? 
primary 'Beug, H.'           10 ? 
primary 'Pawson, T.'         11 ? 
primary 'Valent, P.'         12 ? 
primary 'Koide, S.'          13 ? 
primary 'Superti-Furga, G.'  14 ? 
# 
_cell.entry_id           3T04 
_cell.length_a           39.336 
_cell.length_b           49.396 
_cell.length_c           107.354 
_cell.angle_alpha        90.00 
_cell.angle_beta         90.00 
_cell.angle_gamma        90.00 
_cell.Z_PDB              4 
_cell.pdbx_unique_axis   ? 
_cell.length_a_esd       ? 
_cell.length_b_esd       ? 
_cell.length_c_esd       ? 
_cell.angle_alpha_esd    ? 
_cell.angle_beta_esd     ? 
_cell.angle_gamma_esd    ? 
# 
_symmetry.entry_id                         3T04 
_symmetry.space_group_name_H-M             'P 21 21 21' 
_symmetry.pdbx_full_space_group_name_H-M   ? 
_symmetry.cell_setting                     ? 
_symmetry.Int_Tables_number                19 
_symmetry.space_group_name_Hall            ? 
# 
loop_
_entity.id 
_entity.type 
_entity.src_method 
_entity.pdbx_description 
_entity.formula_weight 
_entity.pdbx_number_of_molecules 
_entity.pdbx_ec 
_entity.pdbx_mutation 
_entity.pdbx_fragment 
_entity.details 
1 polymer     man 'Tyrosine-protein kinase ABL1' 13715.132 1   2.7.10.2 ? 'SH2 DOMAIN (UNP RESIDUES 112-232)' ? 
2 polymer     man 'MONOBODY 7C12'                11286.290 1   ?        ? ?                                   ? 
3 non-polymer syn GLYCEROL                       92.094    4   ?        ? ?                                   ? 
4 non-polymer syn 'SULFATE ION'                  96.063    1   ?        ? ?                                   ? 
5 water       nat water                          18.015    127 ?        ? ?                                   ? 
# 
_entity_name_com.entity_id   1 
_entity_name_com.name        'Abelson murine leukemia viral oncogene homolog 1, Proto-oncogene c-Abl, p150' 
# 
loop_
_entity_poly.entity_id 
_entity_poly.type 
_entity_poly.nstd_linkage 
_entity_poly.nstd_monomer 
_entity_poly.pdbx_seq_one_letter_code 
_entity_poly.pdbx_seq_one_letter_code_can 
_entity_poly.pdbx_strand_id 
_entity_poly.pdbx_target_identifier 
1 'polypeptide(L)' no no 
;GSPSNYITPVNSLEKHSWYHGPVSRNAAEYLLSSGINGSFLVRESESSPGQRSISLRYEGRVYHYRINTASDGKLYVSSE
SRFNTLAELVHHHSTVADGLITTLHYPAPKRNKPTVYGVSPNY
;
;GSPSNYITPVNSLEKHSWYHGPVSRNAAEYLLSSGINGSFLVRESESSPGQRSISLRYEGRVYHYRINTASDGKLYVSSE
SRFNTLAELVHHHSTVADGLITTLHYPAPKRNKPTVYGVSPNY
;
A ? 
2 'polypeptide(L)' no no 
;GGSGSSVSSVPTKLEVVDATPTSLKISWDAYYSSWQNVKYYRITYGETGGDSPVQEFTVPGYYSTATISGLKPGVDYTIT
VYAYDTFFPGYEPNSPISINYRT
;
;GGSGSSVSSVPTKLEVVDATPTSLKISWDAYYSSWQNVKYYRITYGETGGDSPVQEFTVPGYYSTATISGLKPGVDYTIT
VYAYDTFFPGYEPNSPISINYRT
;
D ? 
# 
loop_
_entity_poly_seq.entity_id 
_entity_poly_seq.num 
_entity_poly_seq.mon_id 
_entity_poly_seq.hetero 
1 1   GLY n 
1 2   SER n 
1 3   PRO n 
1 4   SER n 
1 5   ASN n 
1 6   TYR n 
1 7   ILE n 
1 8   THR n 
1 9   PRO n 
1 10  VAL n 
1 11  ASN n 
1 12  SER n 
1 13  LEU n 
1 14  GLU n 
1 15  LYS n 
1 16  HIS n 
1 17  SER n 
1 18  TRP n 
1 19  TYR n 
1 20  HIS n 
1 21  GLY n 
1 22  PRO n 
1 23  VAL n 
1 24  SER n 
1 25  ARG n 
1 26  ASN n 
1 27  ALA n 
1 28  ALA n 
1 29  GLU n 
1 30  TYR n 
1 31  LEU n 
1 32  LEU n 
1 33  SER n 
1 34  SER n 
1 35  GLY n 
1 36  ILE n 
1 37  ASN n 
1 38  GLY n 
1 39  SER n 
1 40  PHE n 
1 41  LEU n 
1 42  VAL n 
1 43  ARG n 
1 44  GLU n 
1 45  SER n 
1 46  GLU n 
1 47  SER n 
1 48  SER n 
1 49  PRO n 
1 50  GLY n 
1 51  GLN n 
1 52  ARG n 
1 53  SER n 
1 54  ILE n 
1 55  SER n 
1 56  LEU n 
1 57  ARG n 
1 58  TYR n 
1 59  GLU n 
1 60  GLY n 
1 61  ARG n 
1 62  VAL n 
1 63  TYR n 
1 64  HIS n 
1 65  TYR n 
1 66  ARG n 
1 67  ILE n 
1 68  ASN n 
1 69  THR n 
1 70  ALA n 
1 71  SER n 
1 72  ASP n 
1 73  GLY n 
1 74  LYS n 
1 75  LEU n 
1 76  TYR n 
1 77  VAL n 
1 78  SER n 
1 79  SER n 
1 80  GLU n 
1 81  SER n 
1 82  ARG n 
1 83  PHE n 
1 84  ASN n 
1 85  THR n 
1 86  LEU n 
1 87  ALA n 
1 88  GLU n 
1 89  LEU n 
1 90  VAL n 
1 91  HIS n 
1 92  HIS n 
1 93  HIS n 
1 94  SER n 
1 95  THR n 
1 96  VAL n 
1 97  ALA n 
1 98  ASP n 
1 99  GLY n 
1 100 LEU n 
1 101 ILE n 
1 102 THR n 
1 103 THR n 
1 104 LEU n 
1 105 HIS n 
1 106 TYR n 
1 107 PRO n 
1 108 ALA n 
1 109 PRO n 
1 110 LYS n 
1 111 ARG n 
1 112 ASN n 
1 113 LYS n 
1 114 PRO n 
1 115 THR n 
1 116 VAL n 
1 117 TYR n 
1 118 GLY n 
1 119 VAL n 
1 120 SER n 
1 121 PRO n 
1 122 ASN n 
1 123 TYR n 
2 1   GLY n 
2 2   GLY n 
2 3   SER n 
2 4   GLY n 
2 5   SER n 
2 6   SER n 
2 7   VAL n 
2 8   SER n 
2 9   SER n 
2 10  VAL n 
2 11  PRO n 
2 12  THR n 
2 13  LYS n 
2 14  LEU n 
2 15  GLU n 
2 16  VAL n 
2 17  VAL n 
2 18  ASP n 
2 19  ALA n 
2 20  THR n 
2 21  PRO n 
2 22  THR n 
2 23  SER n 
2 24  LEU n 
2 25  LYS n 
2 26  ILE n 
2 27  SER n 
2 28  TRP n 
2 29  ASP n 
2 30  ALA n 
2 31  TYR n 
2 32  TYR n 
2 33  SER n 
2 34  SER n 
2 35  TRP n 
2 36  GLN n 
2 37  ASN n 
2 38  VAL n 
2 39  LYS n 
2 40  TYR n 
2 41  TYR n 
2 42  ARG n 
2 43  ILE n 
2 44  THR n 
2 45  TYR n 
2 46  GLY n 
2 47  GLU n 
2 48  THR n 
2 49  GLY n 
2 50  GLY n 
2 51  ASP n 
2 52  SER n 
2 53  PRO n 
2 54  VAL n 
2 55  GLN n 
2 56  GLU n 
2 57  PHE n 
2 58  THR n 
2 59  VAL n 
2 60  PRO n 
2 61  GLY n 
2 62  TYR n 
2 63  TYR n 
2 64  SER n 
2 65  THR n 
2 66  ALA n 
2 67  THR n 
2 68  ILE n 
2 69  SER n 
2 70  GLY n 
2 71  LEU n 
2 72  LYS n 
2 73  PRO n 
2 74  GLY n 
2 75  VAL n 
2 76  ASP n 
2 77  TYR n 
2 78  THR n 
2 79  ILE n 
2 80  THR n 
2 81  VAL n 
2 82  TYR n 
2 83  ALA n 
2 84  TYR n 
2 85  ASP n 
2 86  THR n 
2 87  PHE n 
2 88  PHE n 
2 89  PRO n 
2 90  GLY n 
2 91  TYR n 
2 92  GLU n 
2 93  PRO n 
2 94  ASN n 
2 95  SER n 
2 96  PRO n 
2 97  ILE n 
2 98  SER n 
2 99  ILE n 
2 100 ASN n 
2 101 TYR n 
2 102 ARG n 
2 103 THR n 
# 
loop_
_entity_src_gen.entity_id 
_entity_src_gen.pdbx_src_id 
_entity_src_gen.pdbx_alt_source_flag 
_entity_src_gen.pdbx_seq_type 
_entity_src_gen.pdbx_beg_seq_num 
_entity_src_gen.pdbx_end_seq_num 
_entity_src_gen.gene_src_common_name 
_entity_src_gen.gene_src_genus 
_entity_src_gen.pdbx_gene_src_gene 
_entity_src_gen.gene_src_species 
_entity_src_gen.gene_src_strain 
_entity_src_gen.gene_src_tissue 
_entity_src_gen.gene_src_tissue_fraction 
_entity_src_gen.gene_src_details 
_entity_src_gen.pdbx_gene_src_fragment 
_entity_src_gen.pdbx_gene_src_scientific_name 
_entity_src_gen.pdbx_gene_src_ncbi_taxonomy_id 
_entity_src_gen.pdbx_gene_src_variant 
_entity_src_gen.pdbx_gene_src_cell_line 
_entity_src_gen.pdbx_gene_src_atcc 
_entity_src_gen.pdbx_gene_src_organ 
_entity_src_gen.pdbx_gene_src_organelle 
_entity_src_gen.pdbx_gene_src_cell 
_entity_src_gen.pdbx_gene_src_cellular_location 
_entity_src_gen.host_org_common_name 
_entity_src_gen.pdbx_host_org_scientific_name 
_entity_src_gen.pdbx_host_org_ncbi_taxonomy_id 
_entity_src_gen.host_org_genus 
_entity_src_gen.pdbx_host_org_gene 
_entity_src_gen.pdbx_host_org_organ 
_entity_src_gen.host_org_species 
_entity_src_gen.pdbx_host_org_tissue 
_entity_src_gen.pdbx_host_org_tissue_fraction 
_entity_src_gen.pdbx_host_org_strain 
_entity_src_gen.pdbx_host_org_variant 
_entity_src_gen.pdbx_host_org_cell_line 
_entity_src_gen.pdbx_host_org_atcc 
_entity_src_gen.pdbx_host_org_culture_collection 
_entity_src_gen.pdbx_host_org_cell 
_entity_src_gen.pdbx_host_org_organelle 
_entity_src_gen.pdbx_host_org_cellular_location 
_entity_src_gen.pdbx_host_org_vector_type 
_entity_src_gen.pdbx_host_org_vector 
_entity_src_gen.host_org_details 
_entity_src_gen.expression_system_id 
_entity_src_gen.plasmid_name 
_entity_src_gen.plasmid_details 
_entity_src_gen.pdbx_description 
1 1 sample ? ? ? human ? 'ABL, ABL1, JTK7' ? ? ? ? ? ? 'Homo sapiens' 9606 ? ? ? ? ? ? ? ? 'Escherichia coli' 469008 ? ? ? ? ? ? 
'BL21(DE3)' ? ? ? ? ? ? ? ? ? ? ? PHFT2 ? ? 
2 1 sample ? ? ? human ? ?                 ? ? ? ? ? ? 'Homo sapiens' 9606 ? ? ? ? ? ? ? ? 'Escherichia coli' 469008 ? ? ? ? ? ? 
'BL21(DE3)' ? ? ? ? ? ? ? ? ? ? ? PHFT2 ? ? 
# 
loop_
_struct_ref.id 
_struct_ref.db_name 
_struct_ref.db_code 
_struct_ref.pdbx_db_accession 
_struct_ref.entity_id 
_struct_ref.pdbx_seq_one_letter_code 
_struct_ref.pdbx_align_begin 
_struct_ref.pdbx_db_isoform 
1 UNP ABL1_HUMAN P00519 1 
;PSNYITPVNSLEKHSWYHGPVSRNAAEYLLSSGINGSFLVRESESSPGQRSISLRYEGRVYHYRINTASDGKLYVSSESR
FNTLAELVHHHSTVADGLITTLHYPAPKRNKPTVYGVSPNY
;
112 ? 
2 PDB 3T04       3T04   2 ? ?   ? 
# 
loop_
_struct_ref_seq.align_id 
_struct_ref_seq.ref_id 
_struct_ref_seq.pdbx_PDB_id_code 
_struct_ref_seq.pdbx_strand_id 
_struct_ref_seq.seq_align_beg 
_struct_ref_seq.pdbx_seq_align_beg_ins_code 
_struct_ref_seq.seq_align_end 
_struct_ref_seq.pdbx_seq_align_end_ins_code 
_struct_ref_seq.pdbx_db_accession 
_struct_ref_seq.db_align_beg 
_struct_ref_seq.pdbx_db_align_beg_ins_code 
_struct_ref_seq.db_align_end 
_struct_ref_seq.pdbx_db_align_end_ins_code 
_struct_ref_seq.pdbx_auth_seq_align_beg 
_struct_ref_seq.pdbx_auth_seq_align_end 
1 1 3T04 A 3 ? 123 ? P00519 112 ? 232 ? 131 251 
2 2 3T04 D 1 ? 103 ? 3T04   1   ? 103 ? 1   103 
# 
loop_
_struct_ref_seq_dif.align_id 
_struct_ref_seq_dif.pdbx_pdb_id_code 
_struct_ref_seq_dif.mon_id 
_struct_ref_seq_dif.pdbx_pdb_strand_id 
_struct_ref_seq_dif.seq_num 
_struct_ref_seq_dif.pdbx_pdb_ins_code 
_struct_ref_seq_dif.pdbx_seq_db_name 
_struct_ref_seq_dif.pdbx_seq_db_accession_code 
_struct_ref_seq_dif.db_mon_id 
_struct_ref_seq_dif.pdbx_seq_db_seq_num 
_struct_ref_seq_dif.details 
_struct_ref_seq_dif.pdbx_auth_seq_num 
_struct_ref_seq_dif.pdbx_ordinal 
1 3T04 GLY A 1 ? UNP P00519 ? ? 'expression tag' 129 1 
1 3T04 SER A 2 ? UNP P00519 ? ? 'expression tag' 130 2 
# 
loop_
_chem_comp.id 
_chem_comp.type 
_chem_comp.mon_nstd_flag 
_chem_comp.name 
_chem_comp.pdbx_synonyms 
_chem_comp.formula 
_chem_comp.formula_weight 
ALA 'L-peptide linking' y ALANINE         ?                               'C3 H7 N O2'     89.093  
ARG 'L-peptide linking' y ARGININE        ?                               'C6 H15 N4 O2 1' 175.209 
ASN 'L-peptide linking' y ASPARAGINE      ?                               'C4 H8 N2 O3'    132.118 
ASP 'L-peptide linking' y 'ASPARTIC ACID' ?                               'C4 H7 N O4'     133.103 
GLN 'L-peptide linking' y GLUTAMINE       ?                               'C5 H10 N2 O3'   146.144 
GLU 'L-peptide linking' y 'GLUTAMIC ACID' ?                               'C5 H9 N O4'     147.129 
GLY 'peptide linking'   y GLYCINE         ?                               'C2 H5 N O2'     75.067  
GOL non-polymer         . GLYCEROL        'GLYCERIN; PROPANE-1,2,3-TRIOL' 'C3 H8 O3'       92.094  
HIS 'L-peptide linking' y HISTIDINE       ?                               'C6 H10 N3 O2 1' 156.162 
HOH non-polymer         . WATER           ?                               'H2 O'           18.015  
ILE 'L-peptide linking' y ISOLEUCINE      ?                               'C6 H13 N O2'    131.173 
LEU 'L-peptide linking' y LEUCINE         ?                               'C6 H13 N O2'    131.173 
LYS 'L-peptide linking' y LYSINE          ?                               'C6 H15 N2 O2 1' 147.195 
PHE 'L-peptide linking' y PHENYLALANINE   ?                               'C9 H11 N O2'    165.189 
PRO 'L-peptide linking' y PROLINE         ?                               'C5 H9 N O2'     115.130 
SER 'L-peptide linking' y SERINE          ?                               'C3 H7 N O3'     105.093 
SO4 non-polymer         . 'SULFATE ION'   ?                               'O4 S -2'        96.063  
THR 'L-peptide linking' y THREONINE       ?                               'C4 H9 N O3'     119.119 
TRP 'L-peptide linking' y TRYPTOPHAN      ?                               'C11 H12 N2 O2'  204.225 
TYR 'L-peptide linking' y TYROSINE        ?                               'C9 H11 N O3'    181.189 
VAL 'L-peptide linking' y VALINE          ?                               'C5 H11 N O2'    117.146 
# 
_exptl.entry_id          3T04 
_exptl.method            'X-RAY DIFFRACTION' 
_exptl.crystals_number   ? 
# 
_exptl_crystal.id                    1 
_exptl_crystal.density_meas          ? 
_exptl_crystal.density_Matthews      2.09 
_exptl_crystal.density_percent_sol   41.03 
_exptl_crystal.description           ? 
_exptl_crystal.F_000                 ? 
_exptl_crystal.preparation           ? 
# 
_exptl_crystal_grow.crystal_id      1 
_exptl_crystal_grow.method          ? 
_exptl_crystal_grow.temp            ? 
_exptl_crystal_grow.temp_details    ? 
_exptl_crystal_grow.pH              6.0 
_exptl_crystal_grow.pdbx_details    
'0.2M MG(NO3)2, 100MM LICL, 20% PEG 3350, VAPOR DIFFUSION, HANGING DROP, TEMPERATURE 292K, pH 6.0' 
_exptl_crystal_grow.pdbx_pH_range   ? 
# 
_diffrn.id                     1 
_diffrn.ambient_temp           100 
_diffrn.ambient_temp_details   ? 
_diffrn.crystal_id             1 
# 
_diffrn_detector.diffrn_id              1 
_diffrn_detector.detector               CCD 
_diffrn_detector.type                   'ADSC QUANTUM 315' 
_diffrn_detector.pdbx_collection_date   2010-03-05 
_diffrn_detector.details                ? 
# 
_diffrn_radiation.diffrn_id                        1 
_diffrn_radiation.wavelength_id                    1 
_diffrn_radiation.pdbx_monochromatic_or_laue_m_l   M 
_diffrn_radiation.monochromator                    'SI 111 SIDE BOUNCE MONOCHROMATOR' 
_diffrn_radiation.pdbx_diffrn_protocol             'SINGLE WAVELENGTH' 
_diffrn_radiation.pdbx_scattering_type             x-ray 
# 
_diffrn_radiation_wavelength.id           1 
_diffrn_radiation_wavelength.wavelength   0.97917 
_diffrn_radiation_wavelength.wt           1.0 
# 
_diffrn_source.diffrn_id                   1 
_diffrn_source.source                      SYNCHROTRON 
_diffrn_source.type                        'APS BEAMLINE 24-ID-E' 
_diffrn_source.pdbx_synchrotron_site       APS 
_diffrn_source.pdbx_synchrotron_beamline   24-ID-E 
_diffrn_source.pdbx_wavelength             0.97917 
_diffrn_source.pdbx_wavelength_list        ? 
# 
_reflns.entry_id                     3T04 
_reflns.observed_criterion_sigma_I   2.000 
_reflns.observed_criterion_sigma_F   ? 
_reflns.d_resolution_low             30.000 
_reflns.d_resolution_high            2.100 
_reflns.number_obs                   12700 
_reflns.number_all                   ? 
_reflns.percent_possible_obs         99.2 
_reflns.pdbx_Rmerge_I_obs            ? 
_reflns.pdbx_Rsym_value              0.13300 
_reflns.pdbx_netI_over_sigmaI        11.8000 
_reflns.B_iso_Wilson_estimate        ? 
_reflns.pdbx_redundancy              5.200 
_reflns.R_free_details               ? 
_reflns.limit_h_max                  ? 
_reflns.limit_h_min                  ? 
_reflns.limit_k_max                  ? 
_reflns.limit_k_min                  ? 
_reflns.limit_l_max                  ? 
_reflns.limit_l_min                  ? 
_reflns.observed_criterion_F_max     ? 
_reflns.observed_criterion_F_min     ? 
_reflns.pdbx_chi_squared             ? 
_reflns.pdbx_scaling_rejects         ? 
_reflns.pdbx_ordinal                 1 
_reflns.pdbx_diffrn_id               1 
# 
_reflns_shell.d_res_high             2.10 
_reflns_shell.d_res_low              2.18 
_reflns_shell.percent_possible_all   99.3 
_reflns_shell.Rmerge_I_obs           ? 
_reflns_shell.pdbx_Rsym_value        ? 
_reflns_shell.meanI_over_sigI_obs    2.400 
_reflns_shell.pdbx_redundancy        5.10 
_reflns_shell.percent_possible_obs   ? 
_reflns_shell.number_unique_all      ? 
_reflns_shell.number_measured_all    ? 
_reflns_shell.number_measured_obs    ? 
_reflns_shell.number_unique_obs      ? 
_reflns_shell.pdbx_chi_squared       ? 
_reflns_shell.pdbx_ordinal           1 
_reflns_shell.pdbx_diffrn_id         1 
# 
_refine.entry_id                                 3T04 
_refine.ls_number_reflns_obs                     11957 
_refine.ls_number_reflns_all                     ? 
_refine.pdbx_ls_sigma_I                          ? 
_refine.pdbx_ls_sigma_F                          2.000 
_refine.pdbx_data_cutoff_high_absF               ? 
_refine.pdbx_data_cutoff_low_absF                ? 
_refine.pdbx_data_cutoff_high_rms_absF           ? 
_refine.ls_d_res_low                             30.00 
_refine.ls_d_res_high                            2.10 
_refine.ls_percent_reflns_obs                    98.1 
_refine.ls_R_factor_obs                          0.193 
_refine.ls_R_factor_all                          ? 
_refine.ls_R_factor_R_work                       0.190 
_refine.ls_R_factor_R_free                       0.251 
_refine.ls_R_factor_R_free_error                 ? 
_refine.ls_R_factor_R_free_error_details         ? 
_refine.ls_percent_reflns_R_free                 4.900 
_refine.ls_number_reflns_R_free                  617 
_refine.ls_number_parameters                     ? 
_refine.ls_number_restraints                     ? 
_refine.occupancy_min                            ? 
_refine.occupancy_max                            ? 
_refine.correlation_coeff_Fo_to_Fc               0.942 
_refine.correlation_coeff_Fo_to_Fc_free          0.902 
_refine.B_iso_mean                               24.52 
_refine.aniso_B[1][1]                            1.56000 
_refine.aniso_B[2][2]                            -0.85000 
_refine.aniso_B[3][3]                            -0.72000 
_refine.aniso_B[1][2]                            -0.00000 
_refine.aniso_B[1][3]                            -0.00000 
_refine.aniso_B[2][3]                            0.00000 
_refine.solvent_model_details                    MASK 
_refine.solvent_model_param_ksol                 ? 
_refine.solvent_model_param_bsol                 ? 
_refine.pdbx_solvent_vdw_probe_radii             1.40 
_refine.pdbx_solvent_ion_probe_radii             0.80 
_refine.pdbx_solvent_shrinkage_radii             0.80 
_refine.pdbx_ls_cross_valid_method               THROUGHOUT 
_refine.details                                  'HYDROGENS HAVE BEEN ADDED IN THE RIDING POSITIONS' 
_refine.pdbx_starting_model                      '1OPK: 154-235, 1FNF: LOOPS OMITTED' 
_refine.pdbx_method_to_determine_struct          'MOLECULAR REPLACEMENT' 
_refine.pdbx_isotropic_thermal_model             ? 
_refine.pdbx_stereochemistry_target_values       'MAXIMUM LIKELIHOOD' 
_refine.pdbx_stereochem_target_val_spec_case     ? 
_refine.pdbx_R_Free_selection_details            RANDOM 
_refine.pdbx_overall_ESU_R_Free                  0.205 
_refine.overall_SU_ML                            0.133 
_refine.pdbx_overall_phase_error                 ? 
_refine.overall_SU_B                             4.957 
_refine.overall_SU_R_Cruickshank_DPI             ? 
_refine.ls_redundancy_reflns_obs                 ? 
_refine.B_iso_min                                ? 
_refine.B_iso_max                                ? 
_refine.overall_SU_R_free                        ? 
_refine.ls_wR_factor_R_free                      ? 
_refine.ls_wR_factor_R_work                      ? 
_refine.overall_FOM_free_R_set                   ? 
_refine.overall_FOM_work_R_set                   ? 
_refine.pdbx_diffrn_id                           1 
_refine.pdbx_refine_id                           'X-RAY DIFFRACTION' 
_refine.pdbx_overall_ESU_R                       ? 
_refine.pdbx_TLS_residual_ADP_flag               ? 
_refine.pdbx_overall_SU_R_free_Cruickshank_DPI   ? 
_refine.pdbx_overall_SU_R_Blow_DPI               ? 
_refine.pdbx_overall_SU_R_free_Blow_DPI          ? 
# 
_refine_hist.pdbx_refine_id                   'X-RAY DIFFRACTION' 
_refine_hist.cycle_id                         LAST 
_refine_hist.pdbx_number_atoms_protein        1580 
_refine_hist.pdbx_number_atoms_nucleic_acid   0 
_refine_hist.pdbx_number_atoms_ligand         29 
_refine_hist.number_atoms_solvent             127 
_refine_hist.number_atoms_total               1736 
_refine_hist.d_res_high                       2.10 
_refine_hist.d_res_low                        30.00 
# 
loop_
_refine_ls_restr.type 
_refine_ls_restr.dev_ideal 
_refine_ls_restr.dev_ideal_target 
_refine_ls_restr.weight 
_refine_ls_restr.number 
_refine_ls_restr.pdbx_restraint_function 
_refine_ls_restr.pdbx_refine_id 
r_bond_refined_d       0.013  0.021  ? 1652 ? 'X-RAY DIFFRACTION' 
r_angle_refined_deg    1.378  1.959  ? 2249 ? 'X-RAY DIFFRACTION' 
r_dihedral_angle_1_deg 6.710  5.000  ? 199  ? 'X-RAY DIFFRACTION' 
r_dihedral_angle_2_deg 32.370 22.676 ? 71   ? 'X-RAY DIFFRACTION' 
r_dihedral_angle_3_deg 15.008 15.000 ? 238  ? 'X-RAY DIFFRACTION' 
r_dihedral_angle_4_deg 17.743 15.000 ? 9    ? 'X-RAY DIFFRACTION' 
r_chiral_restr         0.093  0.200  ? 239  ? 'X-RAY DIFFRACTION' 
r_gen_planes_refined   0.006  0.021  ? 1268 ? 'X-RAY DIFFRACTION' 
r_mcbond_it            0.985  1.500  ? 1000 ? 'X-RAY DIFFRACTION' 
r_mcangle_it           1.824  2.000  ? 1623 ? 'X-RAY DIFFRACTION' 
r_scbond_it            2.283  3.000  ? 652  ? 'X-RAY DIFFRACTION' 
r_scangle_it           3.738  4.500  ? 626  ? 'X-RAY DIFFRACTION' 
# 
_refine_ls_shell.pdbx_total_number_of_bins_used   20 
_refine_ls_shell.d_res_high                       2.10 
_refine_ls_shell.d_res_low                        2.15 
_refine_ls_shell.number_reflns_R_work             805 
_refine_ls_shell.R_factor_R_work                  0.2140 
_refine_ls_shell.percent_reflns_obs               92.42 
_refine_ls_shell.R_factor_R_free                  0.2660 
_refine_ls_shell.R_factor_R_free_error            ? 
_refine_ls_shell.percent_reflns_R_free            ? 
_refine_ls_shell.number_reflns_R_free             48 
_refine_ls_shell.number_reflns_all                ? 
_refine_ls_shell.R_factor_all                     ? 
_refine_ls_shell.number_reflns_obs                ? 
_refine_ls_shell.redundancy_reflns_obs            ? 
_refine_ls_shell.pdbx_refine_id                   'X-RAY DIFFRACTION' 
# 
_struct.entry_id                  3T04 
_struct.title                     'Crystal structure of monobody 7c12/abl1 sh2 domain complex' 
_struct.pdbx_model_details        ? 
_struct.pdbx_CASP_flag            ? 
_struct.pdbx_model_type_details   ? 
# 
_struct_keywords.entry_id        3T04 
_struct_keywords.pdbx_keywords   'SIGNALING PROTEIN/PROTEIN BINDING' 
_struct_keywords.text            
;ENGINEERED BINDING PROTEIN, ANTIBODY MIMIC, PROTEIN-PROTEIN COMPLEX, SH2 DOMAIN, ATP-BINDING, PHOSPHOPROTEIN, TYROSINE-PROTEIN KINASE, SIGNALING PROTEIN-PROTEIN BINDING complex
;
# 
loop_
_struct_asym.id 
_struct_asym.pdbx_blank_PDB_chainid_flag 
_struct_asym.pdbx_modified 
_struct_asym.entity_id 
_struct_asym.details 
A N N 1 ? 
B N N 2 ? 
C N N 3 ? 
D N N 3 ? 
E N N 3 ? 
F N N 3 ? 
G N N 4 ? 
H N N 5 ? 
I N N 5 ? 
# 
loop_
_struct_conf.conf_type_id 
_struct_conf.id 
_struct_conf.pdbx_PDB_helix_id 
_struct_conf.beg_label_comp_id 
_struct_conf.beg_label_asym_id 
_struct_conf.beg_label_seq_id 
_struct_conf.pdbx_beg_PDB_ins_code 
_struct_conf.end_label_comp_id 
_struct_conf.end_label_asym_id 
_struct_conf.end_label_seq_id 
_struct_conf.pdbx_end_PDB_ins_code 
_struct_conf.beg_auth_comp_id 
_struct_conf.beg_auth_asym_id 
_struct_conf.beg_auth_seq_id 
_struct_conf.end_auth_comp_id 
_struct_conf.end_auth_asym_id 
_struct_conf.end_auth_seq_id 
_struct_conf.pdbx_PDB_helix_class 
_struct_conf.details 
_struct_conf.pdbx_PDB_helix_length 
HELX_P HELX_P1 1 SER A 24 ? LEU A 32 ? SER A 152 LEU A 160 1 ? 9  
HELX_P HELX_P2 2 THR A 85 ? VAL A 96 ? THR A 213 VAL A 224 1 ? 12 
# 
_struct_conf_type.id          HELX_P 
_struct_conf_type.criteria    ? 
_struct_conf_type.reference   ? 
# 
_struct_mon_prot_cis.pdbx_id                1 
_struct_mon_prot_cis.label_comp_id          GLY 
_struct_mon_prot_cis.label_seq_id           2 
_struct_mon_prot_cis.label_asym_id          B 
_struct_mon_prot_cis.label_alt_id           . 
_struct_mon_prot_cis.pdbx_PDB_ins_code      ? 
_struct_mon_prot_cis.auth_comp_id           GLY 
_struct_mon_prot_cis.auth_seq_id            2 
_struct_mon_prot_cis.auth_asym_id           D 
_struct_mon_prot_cis.pdbx_label_comp_id_2   SER 
_struct_mon_prot_cis.pdbx_label_seq_id_2    3 
_struct_mon_prot_cis.pdbx_label_asym_id_2   B 
_struct_mon_prot_cis.pdbx_PDB_ins_code_2    ? 
_struct_mon_prot_cis.pdbx_auth_comp_id_2    SER 
_struct_mon_prot_cis.pdbx_auth_seq_id_2     3 
_struct_mon_prot_cis.pdbx_auth_asym_id_2    D 
_struct_mon_prot_cis.pdbx_PDB_model_num     1 
_struct_mon_prot_cis.pdbx_omega_angle       -6.55 
# 
loop_
_struct_sheet.id 
_struct_sheet.type 
_struct_sheet.number_strands 
_struct_sheet.details 
A ? 5 ? 
B ? 3 ? 
C ? 3 ? 
D ? 4 ? 
# 
loop_
_struct_sheet_order.sheet_id 
_struct_sheet_order.range_id_1 
_struct_sheet_order.range_id_2 
_struct_sheet_order.offset 
_struct_sheet_order.sense 
A 1 2 ? parallel      
A 2 3 ? anti-parallel 
A 3 4 ? anti-parallel 
A 4 5 ? anti-parallel 
B 1 2 ? parallel      
B 2 3 ? parallel      
C 1 2 ? anti-parallel 
C 2 3 ? anti-parallel 
D 1 2 ? anti-parallel 
D 2 3 ? anti-parallel 
D 3 4 ? anti-parallel 
# 
loop_
_struct_sheet_range.sheet_id 
_struct_sheet_range.id 
_struct_sheet_range.beg_label_comp_id 
_struct_sheet_range.beg_label_asym_id 
_struct_sheet_range.beg_label_seq_id 
_struct_sheet_range.pdbx_beg_PDB_ins_code 
_struct_sheet_range.end_label_comp_id 
_struct_sheet_range.end_label_asym_id 
_struct_sheet_range.end_label_seq_id 
_struct_sheet_range.pdbx_end_PDB_ins_code 
_struct_sheet_range.beg_auth_comp_id 
_struct_sheet_range.beg_auth_asym_id 
_struct_sheet_range.beg_auth_seq_id 
_struct_sheet_range.end_auth_comp_id 
_struct_sheet_range.end_auth_asym_id 
_struct_sheet_range.end_auth_seq_id 
A 1 TYR A 19  ? PRO A 22  ? TYR A 147 PRO A 150 
A 2 SER A 39  ? GLU A 44  ? SER A 167 GLU A 172 
A 3 ARG A 52  ? TYR A 58  ? ARG A 180 TYR A 186 
A 4 ARG A 61  ? THR A 69  ? ARG A 189 THR A 197 
A 5 LEU A 75  ? TYR A 76  ? LEU A 203 TYR A 204 
B 1 TYR A 19  ? PRO A 22  ? TYR A 147 PRO A 150 
B 2 SER A 39  ? GLU A 44  ? SER A 167 GLU A 172 
B 3 TYR A 106 ? PRO A 107 ? TYR A 234 PRO A 235 
C 1 GLU B 15  ? THR B 20  ? GLU D 15  THR D 20  
C 2 SER B 23  ? SER B 27  ? SER D 23  SER D 27  
C 3 THR B 65  ? ILE B 68  ? THR D 65  ILE D 68  
D 1 GLN B 55  ? PRO B 60  ? GLN D 55  PRO D 60  
D 2 TYR B 40  ? GLU B 47  ? TYR D 40  GLU D 47  
D 3 TYR B 77  ? TYR B 84  ? TYR D 77  TYR D 84  
D 4 ILE B 97  ? TYR B 101 ? ILE D 97  TYR D 101 
# 
loop_
_pdbx_struct_sheet_hbond.sheet_id 
_pdbx_struct_sheet_hbond.range_id_1 
_pdbx_struct_sheet_hbond.range_id_2 
_pdbx_struct_sheet_hbond.range_1_label_atom_id 
_pdbx_struct_sheet_hbond.range_1_label_comp_id 
_pdbx_struct_sheet_hbond.range_1_label_asym_id 
_pdbx_struct_sheet_hbond.range_1_label_seq_id 
_pdbx_struct_sheet_hbond.range_1_PDB_ins_code 
_pdbx_struct_sheet_hbond.range_1_auth_atom_id 
_pdbx_struct_sheet_hbond.range_1_auth_comp_id 
_pdbx_struct_sheet_hbond.range_1_auth_asym_id 
_pdbx_struct_sheet_hbond.range_1_auth_seq_id 
_pdbx_struct_sheet_hbond.range_2_label_atom_id 
_pdbx_struct_sheet_hbond.range_2_label_comp_id 
_pdbx_struct_sheet_hbond.range_2_label_asym_id 
_pdbx_struct_sheet_hbond.range_2_label_seq_id 
_pdbx_struct_sheet_hbond.range_2_PDB_ins_code 
_pdbx_struct_sheet_hbond.range_2_auth_atom_id 
_pdbx_struct_sheet_hbond.range_2_auth_comp_id 
_pdbx_struct_sheet_hbond.range_2_auth_asym_id 
_pdbx_struct_sheet_hbond.range_2_auth_seq_id 
A 1 2 N HIS A 20 ? N HIS A 148 O VAL A 42  ? O VAL A 170 
A 2 3 N SER A 39 ? N SER A 167 O ARG A 57  ? O ARG A 185 
A 3 4 N ARG A 52 ? N ARG A 180 O ILE A 67  ? O ILE A 195 
A 4 5 N ASN A 68 ? N ASN A 196 O TYR A 76  ? O TYR A 204 
B 1 2 N HIS A 20 ? N HIS A 148 O VAL A 42  ? O VAL A 170 
B 2 3 N PHE A 40 ? N PHE A 168 O TYR A 106 ? O TYR A 234 
C 1 2 N GLU B 15 ? N GLU D 15  O SER B 27  ? O SER D 27  
C 2 3 N LEU B 24 ? N LEU D 24  O ILE B 68  ? O ILE D 68  
D 1 2 O PHE B 57 ? O PHE D 57  N ILE B 43  ? N ILE D 43  
D 2 3 N THR B 44 ? N THR D 44  O THR B 80  ? O THR D 80  
D 3 4 N TYR B 77 ? N TYR D 77  O TYR B 101 ? O TYR D 101 
# 
loop_
_struct_site.id 
_struct_site.pdbx_evidence_code 
_struct_site.pdbx_auth_asym_id 
_struct_site.pdbx_auth_comp_id 
_struct_site.pdbx_auth_seq_id 
_struct_site.pdbx_auth_ins_code 
_struct_site.pdbx_num_residues 
_struct_site.details 
AC1 Software A GOL 1   ? 5 'BINDING SITE FOR RESIDUE GOL A 1'   
AC2 Software A GOL 252 ? 8 'BINDING SITE FOR RESIDUE GOL A 252' 
AC3 Software A GOL 253 ? 5 'BINDING SITE FOR RESIDUE GOL A 253' 
AC4 Software D GOL 104 ? 9 'BINDING SITE FOR RESIDUE GOL D 104' 
AC5 Software D SO4 105 ? 6 'BINDING SITE FOR RESIDUE SO4 D 105' 
# 
loop_
_struct_site_gen.id 
_struct_site_gen.site_id 
_struct_site_gen.pdbx_num_res 
_struct_site_gen.label_comp_id 
_struct_site_gen.label_asym_id 
_struct_site_gen.label_seq_id 
_struct_site_gen.pdbx_auth_ins_code 
_struct_site_gen.auth_comp_id 
_struct_site_gen.auth_asym_id 
_struct_site_gen.auth_seq_id 
_struct_site_gen.label_atom_id 
_struct_site_gen.label_alt_id 
_struct_site_gen.symmetry 
_struct_site_gen.details 
1  AC1 5 SER A 33  ? SER A 161 . ? 1_555 ? 
2  AC1 5 ARG A 57  ? ARG A 185 . ? 1_555 ? 
3  AC1 5 PRO B 11  ? PRO D 11  . ? 3_545 ? 
4  AC1 5 ILE B 97  ? ILE D 97  . ? 3_545 ? 
5  AC1 5 SER B 98  ? SER D 98  . ? 3_545 ? 
6  AC2 8 ARG A 61  ? ARG A 189 . ? 1_555 ? 
7  AC2 8 TYR A 63  ? TYR A 191 . ? 1_555 ? 
8  AC2 8 ASP A 72  ? ASP A 200 . ? 4_455 ? 
9  AC2 8 GLY B 1   ? GLY D 1   . ? 3_545 ? 
10 AC2 8 VAL B 7   ? VAL D 7   . ? 3_545 ? 
11 AC2 8 LYS B 72  ? LYS D 72  . ? 2_554 ? 
12 AC2 8 VAL B 75  ? VAL D 75  . ? 2_554 ? 
13 AC2 8 HOH I .   ? HOH D 141 . ? 2_554 ? 
14 AC3 5 THR A 95  ? THR A 223 . ? 1_555 ? 
15 AC3 5 VAL A 96  ? VAL A 224 . ? 1_555 ? 
16 AC3 5 THR B 20  ? THR D 20  . ? 3_555 ? 
17 AC3 5 THR B 103 ? THR D 103 . ? 3_555 ? 
18 AC3 5 HOH I .   ? HOH D 126 . ? 3_555 ? 
19 AC4 9 HIS A 91  ? HIS A 219 . ? 3_545 ? 
20 AC4 9 SER A 94  ? SER A 222 . ? 3_545 ? 
21 AC4 9 THR A 95  ? THR A 223 . ? 3_545 ? 
22 AC4 9 ASP B 18  ? ASP D 18  . ? 1_555 ? 
23 AC4 9 ALA B 19  ? ALA D 19  . ? 1_555 ? 
24 AC4 9 LYS B 39  ? LYS D 39  . ? 3_545 ? 
25 AC4 9 ASP B 85  ? ASP D 85  . ? 3_545 ? 
26 AC4 9 THR B 86  ? THR D 86  . ? 3_545 ? 
27 AC4 9 PHE B 87  ? PHE D 87  . ? 3_545 ? 
28 AC5 6 ASP A 72  ? ASP A 200 . ? 3_645 ? 
29 AC5 6 GLY A 73  ? GLY A 201 . ? 3_645 ? 
30 AC5 6 LYS A 74  ? LYS A 202 . ? 3_645 ? 
31 AC5 6 ASN A 84  ? ASN A 212 . ? 3_645 ? 
32 AC5 6 LEU B 71  ? LEU D 71  . ? 1_555 ? 
33 AC5 6 LYS B 72  ? LYS D 72  . ? 1_555 ? 
# 
_atom_sites.entry_id                    3T04 
_atom_sites.fract_transf_matrix[1][1]   0.02114558 
_atom_sites.fract_transf_matrix[1][2]   0.00356821 
_atom_sites.fract_transf_matrix[1][3]   0.01365322 
_atom_sites.fract_transf_matrix[2][1]   0.00470415 
_atom_sites.fract_transf_matrix[2][2]   0.01600620 
_atom_sites.fract_transf_matrix[2][3]   -0.01146876 
_atom_sites.fract_transf_matrix[3][1]   -0.00469596 
_atom_sites.fract_transf_matrix[3][2]   0.00555170 
_atom_sites.fract_transf_matrix[3][3]   0.00582201 
_atom_sites.fract_transf_vector[1]      0.192974 
_atom_sites.fract_transf_vector[2]      0.173112 
_atom_sites.fract_transf_vector[3]      0.219537 
# 
loop_
_atom_type.symbol 
C 
N 
O 
S 
# 
loop_
_atom_site.group_PDB 
_atom_site.id 
_atom_site.type_symbol 
_atom_site.label_atom_id 
_atom_site.label_alt_id 
_atom_site.label_comp_id 
_atom_site.label_asym_id 
_atom_site.label_entity_id 
_atom_site.label_seq_id 
_atom_site.pdbx_PDB_ins_code 
_atom_site.Cartn_x 
_atom_site.Cartn_y 
_atom_site.Cartn_z 
_atom_site.occupancy 
_atom_site.B_iso_or_equiv 
_atom_site.pdbx_formal_charge 
_atom_site.auth_seq_id 
_atom_site.auth_comp_id 
_atom_site.auth_asym_id 
_atom_site.auth_atom_id 
_atom_site.pdbx_PDB_model_num 
ATOM   1    N N   . LEU A 1 13  ? 13.458  3.456   2.295   1.00 45.46 ? 141 LEU A N   1 
ATOM   2    C CA  . LEU A 1 13  ? 13.077  3.300   3.731   1.00 45.38 ? 141 LEU A CA  1 
ATOM   3    C C   . LEU A 1 13  ? 11.845  2.402   3.887   1.00 45.01 ? 141 LEU A C   1 
ATOM   4    O O   . LEU A 1 13  ? 11.154  2.058   2.903   1.00 44.71 ? 141 LEU A O   1 
ATOM   5    C CB  . LEU A 1 13  ? 12.796  4.669   4.379   1.00 45.77 ? 141 LEU A CB  1 
ATOM   6    C CG  . LEU A 1 13  ? 13.902  5.708   4.644   1.00 46.48 ? 141 LEU A CG  1 
ATOM   7    C CD1 . LEU A 1 13  ? 13.289  7.096   4.707   1.00 45.75 ? 141 LEU A CD1 1 
ATOM   8    C CD2 . LEU A 1 13  ? 14.714  5.399   5.916   1.00 47.25 ? 141 LEU A CD2 1 
ATOM   9    N N   . GLU A 1 14  ? 11.562  2.041   5.136   1.00 44.30 ? 142 GLU A N   1 
ATOM   10   C CA  . GLU A 1 14  ? 10.343  1.325   5.440   1.00 44.10 ? 142 GLU A CA  1 
ATOM   11   C C   . GLU A 1 14  ? 9.097   2.224   5.317   1.00 42.72 ? 142 GLU A C   1 
ATOM   12   O O   . GLU A 1 14  ? 8.012   1.842   5.738   1.00 42.71 ? 142 GLU A O   1 
ATOM   13   C CB  . GLU A 1 14  ? 10.433  0.619   6.804   1.00 45.04 ? 142 GLU A CB  1 
ATOM   14   C CG  . GLU A 1 14  ? 11.586  1.081   7.695   1.00 48.28 ? 142 GLU A CG  1 
ATOM   15   C CD  . GLU A 1 14  ? 12.861  0.269   7.481   1.00 53.49 ? 142 GLU A CD  1 
ATOM   16   O OE1 . GLU A 1 14  ? 13.881  0.874   7.054   1.00 54.30 ? 142 GLU A OE1 1 
ATOM   17   O OE2 . GLU A 1 14  ? 12.842  -0.971  7.735   1.00 55.21 ? 142 GLU A OE2 1 
ATOM   18   N N   . LYS A 1 15  ? 9.272   3.405   4.712   1.00 40.98 ? 143 LYS A N   1 
ATOM   19   C CA  . LYS A 1 15  ? 8.178   4.312   4.323   1.00 38.77 ? 143 LYS A CA  1 
ATOM   20   C C   . LYS A 1 15  ? 7.375   3.769   3.135   1.00 36.49 ? 143 LYS A C   1 
ATOM   21   O O   . LYS A 1 15  ? 6.194   4.103   2.947   1.00 36.55 ? 143 LYS A O   1 
ATOM   22   C CB  . LYS A 1 15  ? 8.762   5.694   3.980   1.00 39.93 ? 143 LYS A CB  1 
ATOM   23   C CG  . LYS A 1 15  ? 8.021   6.481   2.885   1.00 42.80 ? 143 LYS A CG  1 
ATOM   24   C CD  . LYS A 1 15  ? 8.162   7.999   3.058   1.00 47.83 ? 143 LYS A CD  1 
ATOM   25   C CE  . LYS A 1 15  ? 7.405   8.786   1.958   1.00 50.70 ? 143 LYS A CE  1 
ATOM   26   N NZ  . LYS A 1 15  ? 5.946   8.411   1.844   1.00 51.82 ? 143 LYS A NZ  1 
ATOM   27   N N   . HIS A 1 16  ? 8.029   2.934   2.335   1.00 32.54 ? 144 HIS A N   1 
ATOM   28   C CA  . HIS A 1 16  ? 7.415   2.366   1.159   1.00 28.95 ? 144 HIS A CA  1 
ATOM   29   C C   . HIS A 1 16  ? 6.524   1.212   1.529   1.00 26.48 ? 144 HIS A C   1 
ATOM   30   O O   . HIS A 1 16  ? 6.860   0.392   2.391   1.00 25.31 ? 144 HIS A O   1 
ATOM   31   C CB  . HIS A 1 16  ? 8.497   1.893   0.180   1.00 29.04 ? 144 HIS A CB  1 
ATOM   32   C CG  . HIS A 1 16  ? 9.313   3.006   -0.382  1.00 28.76 ? 144 HIS A CG  1 
ATOM   33   N ND1 . HIS A 1 16  ? 8.863   3.815   -1.403  1.00 30.19 ? 144 HIS A ND1 1 
ATOM   34   C CD2 . HIS A 1 16  ? 10.547  3.456   -0.059  1.00 28.27 ? 144 HIS A CD2 1 
ATOM   35   C CE1 . HIS A 1 16  ? 9.791   4.711   -1.691  1.00 29.59 ? 144 HIS A CE1 1 
ATOM   36   N NE2 . HIS A 1 16  ? 10.822  4.517   -0.887  1.00 28.77 ? 144 HIS A NE2 1 
ATOM   37   N N   . SER A 1 17  ? 5.400   1.131   0.839   1.00 23.84 ? 145 SER A N   1 
ATOM   38   C CA  . SER A 1 17  ? 4.412   0.080   1.081   1.00 21.96 ? 145 SER A CA  1 
ATOM   39   C C   . SER A 1 17  ? 4.991   -1.310  0.846   1.00 20.77 ? 145 SER A C   1 
ATOM   40   O O   . SER A 1 17  ? 4.629   -2.257  1.539   1.00 19.89 ? 145 SER A O   1 
ATOM   41   C CB  . SER A 1 17  ? 3.191   0.292   0.184   1.00 22.29 ? 145 SER A CB  1 
ATOM   42   O OG  . SER A 1 17  ? 3.522   0.152   -1.195  1.00 20.81 ? 145 SER A OG  1 
ATOM   43   N N   . TRP A 1 18  ? 5.909   -1.414  -0.116  1.00 19.75 ? 146 TRP A N   1 
ATOM   44   C CA  . TRP A 1 18  ? 6.507   -2.698  -0.476  1.00 19.49 ? 146 TRP A CA  1 
ATOM   45   C C   . TRP A 1 18  ? 7.726   -3.084  0.370   1.00 19.39 ? 146 TRP A C   1 
ATOM   46   O O   . TRP A 1 18  ? 8.251   -4.188  0.223   1.00 18.38 ? 146 TRP A O   1 
ATOM   47   C CB  . TRP A 1 18  ? 6.873   -2.737  -1.974  1.00 18.90 ? 146 TRP A CB  1 
ATOM   48   C CG  . TRP A 1 18  ? 7.501   -1.499  -2.461  1.00 17.64 ? 146 TRP A CG  1 
ATOM   49   C CD1 . TRP A 1 18  ? 6.885   -0.480  -3.149  1.00 18.68 ? 146 TRP A CD1 1 
ATOM   50   C CD2 . TRP A 1 18  ? 8.872   -1.103  -2.293  1.00 17.08 ? 146 TRP A CD2 1 
ATOM   51   N NE1 . TRP A 1 18  ? 7.792   0.530   -3.411  1.00 18.45 ? 146 TRP A NE1 1 
ATOM   52   C CE2 . TRP A 1 18  ? 9.020   0.166   -2.914  1.00 16.64 ? 146 TRP A CE2 1 
ATOM   53   C CE3 . TRP A 1 18  ? 9.992   -1.695  -1.669  1.00 16.68 ? 146 TRP A CE3 1 
ATOM   54   C CZ2 . TRP A 1 18  ? 10.233  0.856   -2.929  1.00 15.69 ? 146 TRP A CZ2 1 
ATOM   55   C CZ3 . TRP A 1 18  ? 11.207  -1.012  -1.697  1.00 17.09 ? 146 TRP A CZ3 1 
ATOM   56   C CH2 . TRP A 1 18  ? 11.313  0.262   -2.328  1.00 17.11 ? 146 TRP A CH2 1 
ATOM   57   N N   . TYR A 1 19  ? 8.193   -2.203  1.251   1.00 19.53 ? 147 TYR A N   1 
ATOM   58   C CA  . TYR A 1 19  ? 9.399   -2.567  2.002   1.00 20.70 ? 147 TYR A CA  1 
ATOM   59   C C   . TYR A 1 19  ? 9.113   -2.995  3.440   1.00 21.21 ? 147 TYR A C   1 
ATOM   60   O O   . TYR A 1 19  ? 8.596   -2.211  4.221   1.00 21.45 ? 147 TYR A O   1 
ATOM   61   C CB  . TYR A 1 19  ? 10.447  -1.464  1.976   1.00 21.03 ? 147 TYR A CB  1 
ATOM   62   C CG  . TYR A 1 19  ? 11.777  -1.909  2.546   1.00 21.95 ? 147 TYR A CG  1 
ATOM   63   C CD1 . TYR A 1 19  ? 12.671  -2.642  1.769   1.00 21.84 ? 147 TYR A CD1 1 
ATOM   64   C CD2 . TYR A 1 19  ? 12.137  -1.610  3.861   1.00 22.03 ? 147 TYR A CD2 1 
ATOM   65   C CE1 . TYR A 1 19  ? 13.893  -3.053  2.277   1.00 23.62 ? 147 TYR A CE1 1 
ATOM   66   C CE2 . TYR A 1 19  ? 13.387  -2.016  4.379   1.00 22.04 ? 147 TYR A CE2 1 
ATOM   67   C CZ  . TYR A 1 19  ? 14.247  -2.734  3.583   1.00 22.44 ? 147 TYR A CZ  1 
ATOM   68   O OH  . TYR A 1 19  ? 15.475  -3.153  4.059   1.00 28.08 ? 147 TYR A OH  1 
ATOM   69   N N   . HIS A 1 20  ? 9.485   -4.225  3.778   1.00 21.79 ? 148 HIS A N   1 
ATOM   70   C CA  . HIS A 1 20  ? 9.098   -4.825  5.056   1.00 22.93 ? 148 HIS A CA  1 
ATOM   71   C C   . HIS A 1 20  ? 10.232  -5.005  6.089   1.00 23.90 ? 148 HIS A C   1 
ATOM   72   O O   . HIS A 1 20  ? 10.016  -5.647  7.113   1.00 24.10 ? 148 HIS A O   1 
ATOM   73   C CB  . HIS A 1 20  ? 8.368   -6.170  4.825   1.00 22.56 ? 148 HIS A CB  1 
ATOM   74   C CG  . HIS A 1 20  ? 6.925   -6.010  4.464   1.00 23.13 ? 148 HIS A CG  1 
ATOM   75   N ND1 . HIS A 1 20  ? 6.514   -5.495  3.251   1.00 25.08 ? 148 HIS A ND1 1 
ATOM   76   C CD2 . HIS A 1 20  ? 5.795   -6.269  5.163   1.00 24.63 ? 148 HIS A CD2 1 
ATOM   77   C CE1 . HIS A 1 20  ? 5.192   -5.433  3.223   1.00 26.53 ? 148 HIS A CE1 1 
ATOM   78   N NE2 . HIS A 1 20  ? 4.731   -5.904  4.369   1.00 26.69 ? 148 HIS A NE2 1 
ATOM   79   N N   . GLY A 1 21  ? 11.418  -4.454  5.820   1.00 25.09 ? 149 GLY A N   1 
ATOM   80   C CA  . GLY A 1 21  ? 12.594  -4.666  6.680   1.00 25.57 ? 149 GLY A CA  1 
ATOM   81   C C   . GLY A 1 21  ? 13.060  -6.120  6.768   1.00 27.00 ? 149 GLY A C   1 
ATOM   82   O O   . GLY A 1 21  ? 12.764  -6.939  5.881   1.00 26.83 ? 149 GLY A O   1 
ATOM   83   N N   . PRO A 1 22  ? 13.796  -6.466  7.847   1.00 27.53 ? 150 PRO A N   1 
ATOM   84   C CA  . PRO A 1 22  ? 14.300  -7.829  7.996   1.00 27.52 ? 150 PRO A CA  1 
ATOM   85   C C   . PRO A 1 22  ? 13.151  -8.831  8.135   1.00 27.41 ? 150 PRO A C   1 
ATOM   86   O O   . PRO A 1 22  ? 12.378  -8.744  9.072   1.00 27.82 ? 150 PRO A O   1 
ATOM   87   C CB  . PRO A 1 22  ? 15.110  -7.765  9.300   1.00 27.84 ? 150 PRO A CB  1 
ATOM   88   C CG  . PRO A 1 22  ? 15.467  -6.328  9.454   1.00 27.96 ? 150 PRO A CG  1 
ATOM   89   C CD  . PRO A 1 22  ? 14.284  -5.579  8.923   1.00 27.71 ? 150 PRO A CD  1 
ATOM   90   N N   . VAL A 1 23  ? 13.040  -9.757  7.186   1.00 26.89 ? 151 VAL A N   1 
ATOM   91   C CA  . VAL A 1 23  ? 12.018  -10.805 7.216   1.00 26.36 ? 151 VAL A CA  1 
ATOM   92   C C   . VAL A 1 23  ? 12.712  -12.020 6.634   1.00 25.70 ? 151 VAL A C   1 
ATOM   93   O O   . VAL A 1 23  ? 13.379  -11.910 5.590   1.00 25.58 ? 151 VAL A O   1 
ATOM   94   C CB  . VAL A 1 23  ? 10.771  -10.449 6.340   1.00 26.44 ? 151 VAL A CB  1 
ATOM   95   C CG1 . VAL A 1 23  ? 9.774   -11.578 6.315   1.00 25.20 ? 151 VAL A CG1 1 
ATOM   96   C CG2 . VAL A 1 23  ? 10.099  -9.156  6.801   1.00 26.41 ? 151 VAL A CG2 1 
ATOM   97   N N   . SER A 1 24  ? 12.563  -13.163 7.298   1.00 24.57 ? 152 SER A N   1 
ATOM   98   C CA  . SER A 1 24  ? 13.151  -14.418 6.827   1.00 24.51 ? 152 SER A CA  1 
ATOM   99   C C   . SER A 1 24  ? 12.362  -14.931 5.630   1.00 24.62 ? 152 SER A C   1 
ATOM   100  O O   . SER A 1 24  ? 11.237  -14.498 5.421   1.00 23.37 ? 152 SER A O   1 
ATOM   101  C CB  . SER A 1 24  ? 13.112  -15.466 7.941   1.00 24.76 ? 152 SER A CB  1 
ATOM   102  O OG  . SER A 1 24  ? 11.769  -15.723 8.353   1.00 25.59 ? 152 SER A OG  1 
ATOM   103  N N   . ARG A 1 25  ? 12.955  -15.827 4.838   1.00 25.56 ? 153 ARG A N   1 
ATOM   104  C CA  . ARG A 1 25  ? 12.240  -16.476 3.741   1.00 26.76 ? 153 ARG A CA  1 
ATOM   105  C C   . ARG A 1 25  ? 10.903  -17.030 4.221   1.00 26.21 ? 153 ARG A C   1 
ATOM   106  O O   . ARG A 1 25  ? 9.862   -16.736 3.643   1.00 25.26 ? 153 ARG A O   1 
ATOM   107  C CB  . ARG A 1 25  ? 13.034  -17.650 3.182   1.00 27.49 ? 153 ARG A CB  1 
ATOM   108  C CG  . ARG A 1 25  ? 13.983  -17.323 2.069   1.00 32.08 ? 153 ARG A CG  1 
ATOM   109  C CD  . ARG A 1 25  ? 14.229  -18.617 1.366   1.00 40.12 ? 153 ARG A CD  1 
ATOM   110  N NE  . ARG A 1 25  ? 15.615  -18.797 0.960   1.00 45.62 ? 153 ARG A NE  1 
ATOM   111  C CZ  . ARG A 1 25  ? 16.199  -19.990 0.862   1.00 48.72 ? 153 ARG A CZ  1 
ATOM   112  N NH1 . ARG A 1 25  ? 15.507  -21.099 1.155   1.00 50.03 ? 153 ARG A NH1 1 
ATOM   113  N NH2 . ARG A 1 25  ? 17.472  -20.080 0.481   1.00 48.78 ? 153 ARG A NH2 1 
ATOM   114  N N   . ASN A 1 26  ? 10.965  -17.836 5.284   1.00 25.90 ? 154 ASN A N   1 
ATOM   115  C CA  . ASN A 1 26  ? 9.799   -18.522 5.802   1.00 25.89 ? 154 ASN A CA  1 
ATOM   116  C C   . ASN A 1 26  ? 8.708   -17.560 6.238   1.00 24.32 ? 154 ASN A C   1 
ATOM   117  O O   . ASN A 1 26  ? 7.535   -17.797 5.961   1.00 24.30 ? 154 ASN A O   1 
ATOM   118  C CB  . ASN A 1 26  ? 10.166  -19.449 6.965   1.00 27.20 ? 154 ASN A CB  1 
ATOM   119  C CG  . ASN A 1 26  ? 8.978   -20.283 7.422   1.00 31.37 ? 154 ASN A CG  1 
ATOM   120  O OD1 . ASN A 1 26  ? 8.505   -21.169 6.689   1.00 37.44 ? 154 ASN A OD1 1 
ATOM   121  N ND2 . ASN A 1 26  ? 8.466   -19.988 8.617   1.00 33.15 ? 154 ASN A ND2 1 
ATOM   122  N N   . ALA A 1 27  ? 9.088   -16.484 6.920   1.00 22.42 ? 155 ALA A N   1 
ATOM   123  C CA  . ALA A 1 27  ? 8.111   -15.501 7.345   1.00 21.16 ? 155 ALA A CA  1 
ATOM   124  C C   . ALA A 1 27  ? 7.527   -14.784 6.112   1.00 20.63 ? 155 ALA A C   1 
ATOM   125  O O   . ALA A 1 27  ? 6.317   -14.482 6.069   1.00 20.39 ? 155 ALA A O   1 
ATOM   126  C CB  . ALA A 1 27  ? 8.720   -14.527 8.336   1.00 21.49 ? 155 ALA A CB  1 
ATOM   127  N N   . ALA A 1 28  ? 8.367   -14.582 5.089   1.00 18.85 ? 156 ALA A N   1 
ATOM   128  C CA  . ALA A 1 28  ? 7.920   -13.950 3.852   1.00 18.31 ? 156 ALA A CA  1 
ATOM   129  C C   . ALA A 1 28  ? 6.850   -14.833 3.203   1.00 17.53 ? 156 ALA A C   1 
ATOM   130  O O   . ALA A 1 28  ? 5.828   -14.332 2.729   1.00 16.45 ? 156 ALA A O   1 
ATOM   131  C CB  . ALA A 1 28  ? 9.104   -13.706 2.882   1.00 16.92 ? 156 ALA A CB  1 
ATOM   132  N N   . GLU A 1 29  ? 7.069   -16.146 3.220   1.00 17.32 ? 157 GLU A N   1 
ATOM   133  C CA  . GLU A 1 29  ? 6.115   -17.083 2.592   1.00 18.73 ? 157 GLU A CA  1 
ATOM   134  C C   . GLU A 1 29  ? 4.754   -17.066 3.274   1.00 19.11 ? 157 GLU A C   1 
ATOM   135  O O   . GLU A 1 29  ? 3.711   -17.133 2.616   1.00 19.21 ? 157 GLU A O   1 
ATOM   136  C CB  . GLU A 1 29  ? 6.693   -18.502 2.517   1.00 18.21 ? 157 GLU A CB  1 
ATOM   137  C CG  . GLU A 1 29  ? 7.865   -18.607 1.547   1.00 19.26 ? 157 GLU A CG  1 
ATOM   138  C CD  . GLU A 1 29  ? 8.799   -19.786 1.823   1.00 23.83 ? 157 GLU A CD  1 
ATOM   139  O OE1 . GLU A 1 29  ? 8.444   -20.654 2.663   1.00 23.53 ? 157 GLU A OE1 1 
ATOM   140  O OE2 . GLU A 1 29  ? 9.891   -19.843 1.191   1.00 23.35 ? 157 GLU A OE2 1 
ATOM   141  N N   . TYR A 1 30  ? 4.765   -16.953 4.595   1.00 20.62 ? 158 TYR A N   1 
ATOM   142  C CA  . TYR A 1 30  ? 3.515   -16.844 5.344   1.00 22.39 ? 158 TYR A CA  1 
ATOM   143  C C   . TYR A 1 30  ? 2.864   -15.492 5.123   1.00 22.06 ? 158 TYR A C   1 
ATOM   144  O O   . TYR A 1 30  ? 1.656   -15.398 5.030   1.00 22.19 ? 158 TYR A O   1 
ATOM   145  C CB  . TYR A 1 30  ? 3.733   -17.106 6.841   1.00 23.22 ? 158 TYR A CB  1 
ATOM   146  C CG  . TYR A 1 30  ? 3.817   -18.571 7.151   1.00 25.59 ? 158 TYR A CG  1 
ATOM   147  C CD1 . TYR A 1 30  ? 2.671   -19.382 7.103   1.00 28.98 ? 158 TYR A CD1 1 
ATOM   148  C CD2 . TYR A 1 30  ? 5.034   -19.161 7.466   1.00 27.35 ? 158 TYR A CD2 1 
ATOM   149  C CE1 . TYR A 1 30  ? 2.744   -20.753 7.380   1.00 30.54 ? 158 TYR A CE1 1 
ATOM   150  C CE2 . TYR A 1 30  ? 5.125   -20.532 7.738   1.00 30.55 ? 158 TYR A CE2 1 
ATOM   151  C CZ  . TYR A 1 30  ? 3.977   -21.319 7.700   1.00 31.50 ? 158 TYR A CZ  1 
ATOM   152  O OH  . TYR A 1 30  ? 4.070   -22.660 7.987   1.00 33.12 ? 158 TYR A OH  1 
ATOM   153  N N   . LEU A 1 31  ? 3.658   -14.440 5.000   1.00 22.75 ? 159 LEU A N   1 
ATOM   154  C CA  . LEU A 1 31  ? 3.053   -13.131 4.682   1.00 23.53 ? 159 LEU A CA  1 
ATOM   155  C C   . LEU A 1 31  ? 2.287   -13.134 3.356   1.00 22.81 ? 159 LEU A C   1 
ATOM   156  O O   . LEU A 1 31  ? 1.252   -12.476 3.234   1.00 23.82 ? 159 LEU A O   1 
ATOM   157  C CB  . LEU A 1 31  ? 4.100   -12.018 4.706   1.00 23.58 ? 159 LEU A CB  1 
ATOM   158  C CG  . LEU A 1 31  ? 3.699   -10.720 5.394   1.00 27.89 ? 159 LEU A CG  1 
ATOM   159  C CD1 . LEU A 1 31  ? 3.276   -10.910 6.886   1.00 25.04 ? 159 LEU A CD1 1 
ATOM   160  C CD2 . LEU A 1 31  ? 4.883   -9.755  5.260   1.00 29.00 ? 159 LEU A CD2 1 
ATOM   161  N N   . LEU A 1 32  ? 2.796   -13.865 2.363   1.00 21.99 ? 160 LEU A N   1 
ATOM   162  C CA  . LEU A 1 32  ? 2.170   -13.941 1.046   1.00 21.48 ? 160 LEU A CA  1 
ATOM   163  C C   . LEU A 1 32  ? 1.052   -14.998 0.972   1.00 21.92 ? 160 LEU A C   1 
ATOM   164  O O   . LEU A 1 32  ? 0.376   -15.129 -0.037  1.00 21.44 ? 160 LEU A O   1 
ATOM   165  C CB  . LEU A 1 32  ? 3.244   -14.200 -0.031  1.00 21.31 ? 160 LEU A CB  1 
ATOM   166  C CG  . LEU A 1 32  ? 4.244   -13.056 -0.228  1.00 20.49 ? 160 LEU A CG  1 
ATOM   167  C CD1 . LEU A 1 32  ? 5.459   -13.418 -1.169  1.00 17.60 ? 160 LEU A CD1 1 
ATOM   168  C CD2 . LEU A 1 32  ? 3.461   -11.832 -0.729  1.00 19.46 ? 160 LEU A CD2 1 
ATOM   169  N N   . SER A 1 33  ? 0.849   -15.718 2.071   1.00 22.22 ? 161 SER A N   1 
ATOM   170  C CA  . SER A 1 33  ? -0.050  -16.861 2.136   1.00 24.08 ? 161 SER A CA  1 
ATOM   171  C C   . SER A 1 33  ? -1.499  -16.515 1.776   1.00 23.53 ? 161 SER A C   1 
ATOM   172  O O   . SER A 1 33  ? -2.205  -17.303 1.158   1.00 23.21 ? 161 SER A O   1 
ATOM   173  C CB  . SER A 1 33  ? -0.001  -17.450 3.554   1.00 24.22 ? 161 SER A CB  1 
ATOM   174  O OG  . SER A 1 33  ? -0.695  -18.668 3.578   1.00 29.86 ? 161 SER A OG  1 
ATOM   175  N N   . SER A 1 34  ? -1.937  -15.337 2.182   1.00 23.96 ? 162 SER A N   1 
ATOM   176  C CA  . SER A 1 34  ? -3.260  -14.858 1.812   1.00 25.08 ? 162 SER A CA  1 
ATOM   177  C C   . SER A 1 34  ? -3.256  -13.868 0.618   1.00 24.49 ? 162 SER A C   1 
ATOM   178  O O   . SER A 1 34  ? -4.290  -13.283 0.295   1.00 26.72 ? 162 SER A O   1 
ATOM   179  C CB  . SER A 1 34  ? -3.955  -14.271 3.047   1.00 25.62 ? 162 SER A CB  1 
ATOM   180  O OG  . SER A 1 34  ? -3.396  -13.010 3.374   1.00 29.30 ? 162 SER A OG  1 
ATOM   181  N N   . GLY A 1 35  ? -2.124  -13.706 -0.070  1.00 22.92 ? 163 GLY A N   1 
ATOM   182  C CA  . GLY A 1 35  ? -2.082  -12.849 -1.270  1.00 20.70 ? 163 GLY A CA  1 
ATOM   183  C C   . GLY A 1 35  ? -2.522  -13.622 -2.497  1.00 19.43 ? 163 GLY A C   1 
ATOM   184  O O   . GLY A 1 35  ? -3.011  -14.753 -2.386  1.00 18.92 ? 163 GLY A O   1 
ATOM   185  N N   . ILE A 1 36  ? -2.346  -13.010 -3.669  1.00 17.45 ? 164 ILE A N   1 
ATOM   186  C CA  . ILE A 1 36  ? -2.711  -13.613 -4.950  1.00 15.61 ? 164 ILE A CA  1 
ATOM   187  C C   . ILE A 1 36  ? -1.514  -13.436 -5.879  1.00 14.49 ? 164 ILE A C   1 
ATOM   188  O O   . ILE A 1 36  ? -0.432  -13.045 -5.416  1.00 13.59 ? 164 ILE A O   1 
ATOM   189  C CB  . ILE A 1 36  ? -4.026  -12.960 -5.519  1.00 16.18 ? 164 ILE A CB  1 
ATOM   190  C CG1 . ILE A 1 36  ? -3.844  -11.456 -5.789  1.00 17.14 ? 164 ILE A CG1 1 
ATOM   191  C CG2 . ILE A 1 36  ? -5.223  -13.178 -4.523  1.00 17.26 ? 164 ILE A CG2 1 
ATOM   192  C CD1 . ILE A 1 36  ? -5.070  -10.777 -6.423  1.00 17.15 ? 164 ILE A CD1 1 
ATOM   193  N N   . ASN A 1 37  ? -1.694  -13.714 -7.172  1.00 13.78 ? 165 ASN A N   1 
ATOM   194  C CA  . ASN A 1 37  ? -0.654  -13.533 -8.188  1.00 13.21 ? 165 ASN A CA  1 
ATOM   195  C C   . ASN A 1 37  ? -0.225  -12.072 -8.233  1.00 13.40 ? 165 ASN A C   1 
ATOM   196  O O   . ASN A 1 37  ? -1.085  -11.200 -8.325  1.00 12.86 ? 165 ASN A O   1 
ATOM   197  C CB  . ASN A 1 37  ? -1.155  -13.959 -9.598  1.00 13.29 ? 165 ASN A CB  1 
ATOM   198  C CG  . ASN A 1 37  ? -1.195  -15.476 -9.788  1.00 14.33 ? 165 ASN A CG  1 
ATOM   199  O OD1 . ASN A 1 37  ? -0.768  -16.236 -8.931  1.00 12.66 ? 165 ASN A OD1 1 
ATOM   200  N ND2 . ASN A 1 37  ? -1.713  -15.919 -10.934 1.00 17.64 ? 165 ASN A ND2 1 
ATOM   201  N N   . GLY A 1 38  ? 1.092   -11.834 -8.135  1.00 12.25 ? 166 GLY A N   1 
ATOM   202  C CA  . GLY A 1 38  ? 1.650   -10.497 -8.122  1.00 12.31 ? 166 GLY A CA  1 
ATOM   203  C C   . GLY A 1 38  ? 1.816   -9.884  -6.741  1.00 11.94 ? 166 GLY A C   1 
ATOM   204  O O   . GLY A 1 38  ? 2.303   -8.759  -6.643  1.00 9.53  ? 166 GLY A O   1 
ATOM   205  N N   . SER A 1 39  ? 1.364   -10.590 -5.681  1.00 11.63 ? 167 SER A N   1 
ATOM   206  C CA  . SER A 1 39  ? 1.619   -10.131 -4.318  1.00 11.89 ? 167 SER A CA  1 
ATOM   207  C C   . SER A 1 39  ? 3.110   -10.265 -4.057  1.00 12.12 ? 167 SER A C   1 
ATOM   208  O O   . SER A 1 39  ? 3.715   -11.280 -4.439  1.00 12.33 ? 167 SER A O   1 
ATOM   209  C CB  . SER A 1 39  ? 0.841   -10.971 -3.270  1.00 12.29 ? 167 SER A CB  1 
ATOM   210  O OG  . SER A 1 39  ? -0.545  -10.703 -3.362  1.00 12.21 ? 167 SER A OG  1 
ATOM   211  N N   . PHE A 1 40  ? 3.706   -9.279  -3.387  1.00 12.33 ? 168 PHE A N   1 
ATOM   212  C CA  . PHE A 1 40  ? 5.152   -9.302  -3.166  1.00 12.13 ? 168 PHE A CA  1 
ATOM   213  C C   . PHE A 1 40  ? 5.564   -8.428  -2.002  1.00 13.58 ? 168 PHE A C   1 
ATOM   214  O O   . PHE A 1 40  ? 4.788   -7.616  -1.503  1.00 13.76 ? 168 PHE A O   1 
ATOM   215  C CB  . PHE A 1 40  ? 5.898   -8.820  -4.402  1.00 11.29 ? 168 PHE A CB  1 
ATOM   216  C CG  . PHE A 1 40  ? 5.864   -7.306  -4.594  1.00 11.67 ? 168 PHE A CG  1 
ATOM   217  C CD1 . PHE A 1 40  ? 6.968   -6.521  -4.250  1.00 10.69 ? 168 PHE A CD1 1 
ATOM   218  C CD2 . PHE A 1 40  ? 4.726   -6.676  -5.109  1.00 10.41 ? 168 PHE A CD2 1 
ATOM   219  C CE1 . PHE A 1 40  ? 6.949   -5.142  -4.429  1.00 11.26 ? 168 PHE A CE1 1 
ATOM   220  C CE2 . PHE A 1 40  ? 4.679   -5.284  -5.284  1.00 10.62 ? 168 PHE A CE2 1 
ATOM   221  C CZ  . PHE A 1 40  ? 5.790   -4.509  -4.939  1.00 12.40 ? 168 PHE A CZ  1 
ATOM   222  N N   . LEU A 1 41  ? 6.817   -8.578  -1.594  1.00 14.41 ? 169 LEU A N   1 
ATOM   223  C CA  . LEU A 1 41  ? 7.389   -7.675  -0.627  1.00 15.59 ? 169 LEU A CA  1 
ATOM   224  C C   . LEU A 1 41  ? 8.855   -7.672  -0.904  1.00 15.75 ? 169 LEU A C   1 
ATOM   225  O O   . LEU A 1 41  ? 9.366   -8.588  -1.531  1.00 15.28 ? 169 LEU A O   1 
ATOM   226  C CB  . LEU A 1 41  ? 7.112   -8.154  0.798   1.00 16.16 ? 169 LEU A CB  1 
ATOM   227  C CG  . LEU A 1 41  ? 7.504   -9.608  1.087   1.00 19.03 ? 169 LEU A CG  1 
ATOM   228  C CD1 . LEU A 1 41  ? 8.930   -9.641  1.612   1.00 21.44 ? 169 LEU A CD1 1 
ATOM   229  C CD2 . LEU A 1 41  ? 6.573   -10.211 2.090   1.00 23.23 ? 169 LEU A CD2 1 
ATOM   230  N N   . VAL A 1 42  ? 9.519   -6.620  -0.451  1.00 15.84 ? 170 VAL A N   1 
ATOM   231  C CA  . VAL A 1 42  ? 10.948  -6.517  -0.488  1.00 16.38 ? 170 VAL A CA  1 
ATOM   232  C C   . VAL A 1 42  ? 11.348  -6.562  0.979   1.00 17.13 ? 170 VAL A C   1 
ATOM   233  O O   . VAL A 1 42  ? 10.698  -5.933  1.830   1.00 18.05 ? 170 VAL A O   1 
ATOM   234  C CB  . VAL A 1 42  ? 11.368  -5.175  -1.158  1.00 15.96 ? 170 VAL A CB  1 
ATOM   235  C CG1 . VAL A 1 42  ? 12.881  -4.939  -1.091  1.00 15.61 ? 170 VAL A CG1 1 
ATOM   236  C CG2 . VAL A 1 42  ? 10.904  -5.161  -2.577  1.00 16.33 ? 170 VAL A CG2 1 
ATOM   237  N N   . ARG A 1 43  ? 12.386  -7.327  1.287   1.00 18.49 ? 171 ARG A N   1 
ATOM   238  C CA  . ARG A 1 43  ? 12.816  -7.532  2.665   1.00 20.34 ? 171 ARG A CA  1 
ATOM   239  C C   . ARG A 1 43  ? 14.333  -7.499  2.758   1.00 21.76 ? 171 ARG A C   1 
ATOM   240  O O   . ARG A 1 43  ? 15.030  -7.634  1.755   1.00 22.12 ? 171 ARG A O   1 
ATOM   241  C CB  . ARG A 1 43  ? 12.299  -8.890  3.178   1.00 20.71 ? 171 ARG A CB  1 
ATOM   242  C CG  . ARG A 1 43  ? 12.850  -10.095 2.390   1.00 20.37 ? 171 ARG A CG  1 
ATOM   243  C CD  . ARG A 1 43  ? 12.101  -11.412 2.671   1.00 21.09 ? 171 ARG A CD  1 
ATOM   244  N NE  . ARG A 1 43  ? 12.471  -12.432 1.697   1.00 21.04 ? 171 ARG A NE  1 
ATOM   245  C CZ  . ARG A 1 43  ? 13.551  -13.204 1.782   1.00 23.25 ? 171 ARG A CZ  1 
ATOM   246  N NH1 . ARG A 1 43  ? 14.359  -13.126 2.838   1.00 22.56 ? 171 ARG A NH1 1 
ATOM   247  N NH2 . ARG A 1 43  ? 13.807  -14.079 0.816   1.00 25.16 ? 171 ARG A NH2 1 
ATOM   248  N N   . GLU A 1 44  ? 14.847  -7.349  3.969   1.00 23.91 ? 172 GLU A N   1 
ATOM   249  C CA  . GLU A 1 44  ? 16.264  -7.581  4.228   1.00 25.87 ? 172 GLU A CA  1 
ATOM   250  C C   . GLU A 1 44  ? 16.442  -9.021  4.701   1.00 27.47 ? 172 GLU A C   1 
ATOM   251  O O   . GLU A 1 44  ? 15.613  -9.545  5.460   1.00 27.18 ? 172 GLU A O   1 
ATOM   252  C CB  . GLU A 1 44  ? 16.808  -6.606  5.275   1.00 25.71 ? 172 GLU A CB  1 
ATOM   253  C CG  . GLU A 1 44  ? 18.303  -6.768  5.502   1.00 29.45 ? 172 GLU A CG  1 
ATOM   254  C CD  . GLU A 1 44  ? 18.906  -5.797  6.517   1.00 34.47 ? 172 GLU A CD  1 
ATOM   255  O OE1 . GLU A 1 44  ? 18.162  -4.961  7.101   1.00 34.32 ? 172 GLU A OE1 1 
ATOM   256  O OE2 . GLU A 1 44  ? 20.149  -5.888  6.716   1.00 36.35 ? 172 GLU A OE2 1 
ATOM   257  N N   . SER A 1 45  ? 17.507  -9.654  4.221   1.00 29.56 ? 173 SER A N   1 
ATOM   258  C CA  . SER A 1 45  ? 17.920  -10.987 4.645   1.00 32.24 ? 173 SER A CA  1 
ATOM   259  C C   . SER A 1 45  ? 18.268  -11.026 6.145   1.00 34.07 ? 173 SER A C   1 
ATOM   260  O O   . SER A 1 45  ? 19.018  -10.180 6.661   1.00 34.25 ? 173 SER A O   1 
ATOM   261  C CB  . SER A 1 45  ? 19.135  -11.420 3.814   1.00 32.01 ? 173 SER A CB  1 
ATOM   262  O OG  . SER A 1 45  ? 19.354  -12.819 3.884   1.00 33.72 ? 173 SER A OG  1 
ATOM   263  N N   . GLU A 1 46  ? 17.720  -12.010 6.846   1.00 36.20 ? 174 GLU A N   1 
ATOM   264  C CA  . GLU A 1 46  ? 18.085  -12.226 8.242   1.00 37.99 ? 174 GLU A CA  1 
ATOM   265  C C   . GLU A 1 46  ? 19.446  -12.920 8.405   1.00 38.41 ? 174 GLU A C   1 
ATOM   266  O O   . GLU A 1 46  ? 20.178  -12.613 9.342   1.00 38.95 ? 174 GLU A O   1 
ATOM   267  C CB  . GLU A 1 46  ? 16.956  -12.924 9.011   1.00 38.37 ? 174 GLU A CB  1 
ATOM   268  C CG  . GLU A 1 46  ? 16.031  -11.901 9.677   1.00 40.89 ? 174 GLU A CG  1 
ATOM   269  C CD  . GLU A 1 46  ? 14.707  -12.467 10.146  1.00 44.54 ? 174 GLU A CD  1 
ATOM   270  O OE1 . GLU A 1 46  ? 14.584  -13.709 10.303  1.00 45.64 ? 174 GLU A OE1 1 
ATOM   271  O OE2 . GLU A 1 46  ? 13.778  -11.648 10.361  1.00 45.86 ? 174 GLU A OE2 1 
ATOM   272  N N   . SER A 1 47  ? 19.791  -13.804 7.467   1.00 38.95 ? 175 SER A N   1 
ATOM   273  C CA  . SER A 1 47  ? 21.076  -14.526 7.464   1.00 39.47 ? 175 SER A CA  1 
ATOM   274  C C   . SER A 1 47  ? 22.224  -13.786 6.774   1.00 39.71 ? 175 SER A C   1 
ATOM   275  O O   . SER A 1 47  ? 23.398  -14.024 7.101   1.00 40.01 ? 175 SER A O   1 
ATOM   276  C CB  . SER A 1 47  ? 20.915  -15.874 6.772   1.00 39.62 ? 175 SER A CB  1 
ATOM   277  O OG  . SER A 1 47  ? 20.777  -15.678 5.376   1.00 41.09 ? 175 SER A OG  1 
ATOM   278  N N   . SER A 1 48  ? 21.902  -12.930 5.796   1.00 39.33 ? 176 SER A N   1 
ATOM   279  C CA  . SER A 1 48  ? 22.919  -12.088 5.156   1.00 38.70 ? 176 SER A CA  1 
ATOM   280  C C   . SER A 1 48  ? 22.611  -10.592 5.316   1.00 38.11 ? 176 SER A C   1 
ATOM   281  O O   . SER A 1 48  ? 22.133  -9.960  4.373   1.00 38.26 ? 176 SER A O   1 
ATOM   282  C CB  . SER A 1 48  ? 23.068  -12.434 3.671   1.00 39.03 ? 176 SER A CB  1 
ATOM   283  O OG  . SER A 1 48  ? 23.383  -13.798 3.476   1.00 40.15 ? 176 SER A OG  1 
ATOM   284  N N   . PRO A 1 49  ? 22.885  -10.014 6.504   1.00 37.08 ? 177 PRO A N   1 
ATOM   285  C CA  . PRO A 1 49  ? 22.568  -8.593  6.717   1.00 36.25 ? 177 PRO A CA  1 
ATOM   286  C C   . PRO A 1 49  ? 23.197  -7.678  5.664   1.00 35.05 ? 177 PRO A C   1 
ATOM   287  O O   . PRO A 1 49  ? 24.312  -7.915  5.213   1.00 34.80 ? 177 PRO A O   1 
ATOM   288  C CB  . PRO A 1 49  ? 23.147  -8.297  8.105   1.00 36.17 ? 177 PRO A CB  1 
ATOM   289  C CG  . PRO A 1 49  ? 23.119  -9.608  8.806   1.00 37.28 ? 177 PRO A CG  1 
ATOM   290  C CD  . PRO A 1 49  ? 23.410  -10.646 7.727   1.00 37.66 ? 177 PRO A CD  1 
ATOM   291  N N   . GLY A 1 50  ? 22.459  -6.646  5.274   1.00 34.08 ? 178 GLY A N   1 
ATOM   292  C CA  . GLY A 1 50  ? 22.874  -5.770  4.191   1.00 32.10 ? 178 GLY A CA  1 
ATOM   293  C C   . GLY A 1 50  ? 22.318  -6.211  2.842   1.00 30.78 ? 178 GLY A C   1 
ATOM   294  O O   . GLY A 1 50  ? 22.272  -5.412  1.921   1.00 30.61 ? 178 GLY A O   1 
ATOM   295  N N   . GLN A 1 51  ? 21.922  -7.482  2.721   1.00 29.11 ? 179 GLN A N   1 
ATOM   296  C CA  . GLN A 1 51  ? 21.375  -8.018  1.461   1.00 27.62 ? 179 GLN A CA  1 
ATOM   297  C C   . GLN A 1 51  ? 19.857  -7.941  1.453   1.00 25.91 ? 179 GLN A C   1 
ATOM   298  O O   . GLN A 1 51  ? 19.204  -8.138  2.479   1.00 25.13 ? 179 GLN A O   1 
ATOM   299  C CB  . GLN A 1 51  ? 21.783  -9.476  1.240   1.00 28.04 ? 179 GLN A CB  1 
ATOM   300  C CG  . GLN A 1 51  ? 23.270  -9.710  1.090   1.00 32.16 ? 179 GLN A CG  1 
ATOM   301  C CD  . GLN A 1 51  ? 23.816  -9.264  -0.268  1.00 35.47 ? 179 GLN A CD  1 
ATOM   302  O OE1 . GLN A 1 51  ? 23.746  -9.994  -1.268  1.00 37.75 ? 179 GLN A OE1 1 
ATOM   303  N NE2 . GLN A 1 51  ? 24.360  -8.064  -0.301  1.00 35.63 ? 179 GLN A NE2 1 
ATOM   304  N N   . ARG A 1 52  ? 19.309  -7.665  0.276   1.00 23.74 ? 180 ARG A N   1 
ATOM   305  C CA  . ARG A 1 52  ? 17.880  -7.516  0.098   1.00 21.80 ? 180 ARG A CA  1 
ATOM   306  C C   . ARG A 1 52  ? 17.344  -8.490  -0.936  1.00 20.36 ? 180 ARG A C   1 
ATOM   307  O O   . ARG A 1 52  ? 18.038  -8.894  -1.877  1.00 19.05 ? 180 ARG A O   1 
ATOM   308  C CB  . ARG A 1 52  ? 17.495  -6.068  -0.232  1.00 21.73 ? 180 ARG A CB  1 
ATOM   309  C CG  . ARG A 1 52  ? 17.490  -5.207  1.013   1.00 23.13 ? 180 ARG A CG  1 
ATOM   310  C CD  . ARG A 1 52  ? 17.428  -3.736  0.761   1.00 26.52 ? 180 ARG A CD  1 
ATOM   311  N NE  . ARG A 1 52  ? 17.503  -3.033  2.037   1.00 32.12 ? 180 ARG A NE  1 
ATOM   312  C CZ  . ARG A 1 52  ? 18.625  -2.551  2.564   1.00 34.63 ? 180 ARG A CZ  1 
ATOM   313  N NH1 . ARG A 1 52  ? 19.782  -2.660  1.916   1.00 35.67 ? 180 ARG A NH1 1 
ATOM   314  N NH2 . ARG A 1 52  ? 18.583  -1.946  3.743   1.00 36.63 ? 180 ARG A NH2 1 
ATOM   315  N N   . SER A 1 53  ? 16.101  -8.875  -0.713  1.00 18.73 ? 181 SER A N   1 
ATOM   316  C CA  . SER A 1 53  ? 15.445  -9.866  -1.530  1.00 18.28 ? 181 SER A CA  1 
ATOM   317  C C   . SER A 1 53  ? 14.031  -9.431  -1.859  1.00 17.49 ? 181 SER A C   1 
ATOM   318  O O   . SER A 1 53  ? 13.405  -8.648  -1.096  1.00 16.19 ? 181 SER A O   1 
ATOM   319  C CB  . SER A 1 53  ? 15.413  -11.192 -0.792  1.00 18.56 ? 181 SER A CB  1 
ATOM   320  O OG  . SER A 1 53  ? 14.592  -12.093 -1.498  1.00 21.58 ? 181 SER A OG  1 
ATOM   321  N N   . ILE A 1 54  ? 13.542  -9.923  -3.005  1.00 16.21 ? 182 ILE A N   1 
ATOM   322  C CA  . ILE A 1 54  ? 12.147  -9.753  -3.395  1.00 16.02 ? 182 ILE A CA  1 
ATOM   323  C C   . ILE A 1 54  ? 11.487  -11.109 -3.260  1.00 15.74 ? 182 ILE A C   1 
ATOM   324  O O   . ILE A 1 54  ? 12.010  -12.105 -3.768  1.00 15.96 ? 182 ILE A O   1 
ATOM   325  C CB  . ILE A 1 54  ? 11.985  -9.281  -4.876  1.00 16.14 ? 182 ILE A CB  1 
ATOM   326  C CG1 . ILE A 1 54  ? 12.694  -7.929  -5.104  1.00 16.12 ? 182 ILE A CG1 1 
ATOM   327  C CG2 . ILE A 1 54  ? 10.483  -9.250  -5.282  1.00 15.73 ? 182 ILE A CG2 1 
ATOM   328  C CD1 . ILE A 1 54  ? 12.760  -7.463  -6.591  1.00 16.83 ? 182 ILE A CD1 1 
ATOM   329  N N   . SER A 1 55  ? 10.345  -11.154 -2.586  1.00 14.78 ? 183 SER A N   1 
ATOM   330  C CA  . SER A 1 55  ? 9.569   -12.385 -2.526  1.00 14.84 ? 183 SER A CA  1 
ATOM   331  C C   . SER A 1 55  ? 8.251   -12.147 -3.265  1.00 14.56 ? 183 SER A C   1 
ATOM   332  O O   . SER A 1 55  ? 7.550   -11.184 -2.987  1.00 14.32 ? 183 SER A O   1 
ATOM   333  C CB  . SER A 1 55  ? 9.332   -12.793 -1.066  1.00 15.10 ? 183 SER A CB  1 
ATOM   334  O OG  . SER A 1 55  ? 10.575  -13.106 -0.408  1.00 15.10 ? 183 SER A OG  1 
ATOM   335  N N   . LEU A 1 56  ? 7.910   -13.035 -4.192  1.00 14.55 ? 184 LEU A N   1 
ATOM   336  C CA  . LEU A 1 56  ? 6.797   -12.795 -5.110  1.00 13.76 ? 184 LEU A CA  1 
ATOM   337  C C   . LEU A 1 56  ? 5.928   -14.024 -5.258  1.00 13.73 ? 184 LEU A C   1 
ATOM   338  O O   . LEU A 1 56  ? 6.432   -15.107 -5.547  1.00 13.38 ? 184 LEU A O   1 
ATOM   339  C CB  . LEU A 1 56  ? 7.373   -12.383 -6.484  1.00 13.33 ? 184 LEU A CB  1 
ATOM   340  C CG  . LEU A 1 56  ? 6.521   -12.235 -7.758  1.00 14.42 ? 184 LEU A CG  1 
ATOM   341  C CD1 . LEU A 1 56  ? 5.377   -11.202 -7.573  1.00 11.13 ? 184 LEU A CD1 1 
ATOM   342  C CD2 . LEU A 1 56  ? 7.434   -11.849 -8.958  1.00 11.70 ? 184 LEU A CD2 1 
ATOM   343  N N   . ARG A 1 57  ? 4.615   -13.847 -5.090  1.00 13.99 ? 185 ARG A N   1 
ATOM   344  C CA  . ARG A 1 57  ? 3.657   -14.935 -5.287  1.00 14.19 ? 185 ARG A CA  1 
ATOM   345  C C   . ARG A 1 57  ? 3.206   -15.081 -6.728  1.00 14.85 ? 185 ARG A C   1 
ATOM   346  O O   . ARG A 1 57  ? 2.848   -14.085 -7.401  1.00 14.60 ? 185 ARG A O   1 
ATOM   347  C CB  . ARG A 1 57  ? 2.420   -14.748 -4.426  1.00 13.56 ? 185 ARG A CB  1 
ATOM   348  C CG  . ARG A 1 57  ? 1.498   -15.954 -4.457  1.00 15.90 ? 185 ARG A CG  1 
ATOM   349  C CD  . ARG A 1 57  ? 0.276   -15.763 -3.578  1.00 17.86 ? 185 ARG A CD  1 
ATOM   350  N NE  . ARG A 1 57  ? -0.678  -16.842 -3.801  1.00 20.83 ? 185 ARG A NE  1 
ATOM   351  C CZ  . ARG A 1 57  ? -1.413  -17.400 -2.846  1.00 19.38 ? 185 ARG A CZ  1 
ATOM   352  N NH1 . ARG A 1 57  ? -1.301  -16.982 -1.595  1.00 17.27 ? 185 ARG A NH1 1 
ATOM   353  N NH2 . ARG A 1 57  ? -2.261  -18.368 -3.154  1.00 21.28 ? 185 ARG A NH2 1 
ATOM   354  N N   . TYR A 1 58  ? 3.198   -16.330 -7.196  1.00 14.13 ? 186 TYR A N   1 
ATOM   355  C CA  . TYR A 1 58  ? 2.643   -16.632 -8.496  1.00 14.43 ? 186 TYR A CA  1 
ATOM   356  C C   . TYR A 1 58  ? 2.216   -18.093 -8.592  1.00 14.33 ? 186 TYR A C   1 
ATOM   357  O O   . TYR A 1 58  ? 3.000   -18.987 -8.298  1.00 14.13 ? 186 TYR A O   1 
ATOM   358  C CB  . TYR A 1 58  ? 3.632   -16.290 -9.602  1.00 14.16 ? 186 TYR A CB  1 
ATOM   359  C CG  . TYR A 1 58  ? 3.032   -16.408 -10.973 1.00 15.32 ? 186 TYR A CG  1 
ATOM   360  C CD1 . TYR A 1 58  ? 2.072   -15.508 -11.411 1.00 17.30 ? 186 TYR A CD1 1 
ATOM   361  C CD2 . TYR A 1 58  ? 3.403   -17.446 -11.823 1.00 18.20 ? 186 TYR A CD2 1 
ATOM   362  C CE1 . TYR A 1 58  ? 1.505   -15.620 -12.707 1.00 20.95 ? 186 TYR A CE1 1 
ATOM   363  C CE2 . TYR A 1 58  ? 2.854   -17.565 -13.111 1.00 19.87 ? 186 TYR A CE2 1 
ATOM   364  C CZ  . TYR A 1 58  ? 1.909   -16.658 -13.548 1.00 21.46 ? 186 TYR A CZ  1 
ATOM   365  O OH  . TYR A 1 58  ? 1.365   -16.804 -14.828 1.00 25.17 ? 186 TYR A OH  1 
ATOM   366  N N   . GLU A 1 59  ? 0.954   -18.310 -8.953  1.00 14.99 ? 187 GLU A N   1 
ATOM   367  C CA  . GLU A 1 59  ? 0.395   -19.661 -9.117  1.00 16.46 ? 187 GLU A CA  1 
ATOM   368  C C   . GLU A 1 59  ? 0.747   -20.643 -7.994  1.00 16.34 ? 187 GLU A C   1 
ATOM   369  O O   . GLU A 1 59  ? 1.264   -21.736 -8.248  1.00 15.78 ? 187 GLU A O   1 
ATOM   370  C CB  . GLU A 1 59  ? 0.755   -20.256 -10.502 1.00 16.69 ? 187 GLU A CB  1 
ATOM   371  C CG  . GLU A 1 59  ? 0.176   -19.438 -11.645 1.00 21.37 ? 187 GLU A CG  1 
ATOM   372  C CD  . GLU A 1 59  ? -1.365  -19.557 -11.689 1.00 28.70 ? 187 GLU A CD  1 
ATOM   373  O OE1 . GLU A 1 59  ? -1.860  -20.694 -11.742 1.00 32.49 ? 187 GLU A OE1 1 
ATOM   374  O OE2 . GLU A 1 59  ? -2.086  -18.539 -11.658 1.00 30.33 ? 187 GLU A OE2 1 
ATOM   375  N N   . GLY A 1 60  ? 0.478   -20.227 -6.757  1.00 16.67 ? 188 GLY A N   1 
ATOM   376  C CA  . GLY A 1 60  ? 0.480   -21.131 -5.612  1.00 17.08 ? 188 GLY A CA  1 
ATOM   377  C C   . GLY A 1 60  ? 1.870   -21.379 -5.105  1.00 17.44 ? 188 GLY A C   1 
ATOM   378  O O   . GLY A 1 60  ? 2.063   -22.235 -4.251  1.00 18.28 ? 188 GLY A O   1 
ATOM   379  N N   . ARG A 1 61  ? 2.833   -20.625 -5.634  1.00 17.29 ? 189 ARG A N   1 
ATOM   380  C CA  . ARG A 1 61  ? 4.224   -20.672 -5.202  1.00 16.59 ? 189 ARG A CA  1 
ATOM   381  C C   . ARG A 1 61  ? 4.792   -19.285 -4.874  1.00 15.96 ? 189 ARG A C   1 
ATOM   382  O O   . ARG A 1 61  ? 4.275   -18.258 -5.335  1.00 14.75 ? 189 ARG A O   1 
ATOM   383  C CB  . ARG A 1 61  ? 5.097   -21.321 -6.275  1.00 17.61 ? 189 ARG A CB  1 
ATOM   384  C CG  . ARG A 1 61  ? 4.880   -22.812 -6.400  1.00 20.23 ? 189 ARG A CG  1 
ATOM   385  C CD  . ARG A 1 61  ? 5.853   -23.422 -7.374  1.00 21.97 ? 189 ARG A CD  1 
ATOM   386  N NE  . ARG A 1 61  ? 5.397   -24.756 -7.735  1.00 26.46 ? 189 ARG A NE  1 
ATOM   387  C CZ  . ARG A 1 61  ? 4.522   -25.027 -8.700  1.00 27.65 ? 189 ARG A CZ  1 
ATOM   388  N NH1 . ARG A 1 61  ? 3.989   -24.052 -9.442  1.00 27.84 ? 189 ARG A NH1 1 
ATOM   389  N NH2 . ARG A 1 61  ? 4.190   -26.286 -8.932  1.00 29.73 ? 189 ARG A NH2 1 
ATOM   390  N N   . VAL A 1 62  ? 5.855   -19.287 -4.065  1.00 14.74 ? 190 VAL A N   1 
ATOM   391  C CA  . VAL A 1 62  ? 6.595   -18.085 -3.706  1.00 14.31 ? 190 VAL A CA  1 
ATOM   392  C C   . VAL A 1 62  ? 7.994   -18.134 -4.306  1.00 14.09 ? 190 VAL A C   1 
ATOM   393  O O   . VAL A 1 62  ? 8.745   -19.097 -4.094  1.00 14.58 ? 190 VAL A O   1 
ATOM   394  C CB  . VAL A 1 62  ? 6.666   -17.924 -2.165  1.00 14.56 ? 190 VAL A CB  1 
ATOM   395  C CG1 . VAL A 1 62  ? 7.453   -16.676 -1.765  1.00 12.94 ? 190 VAL A CG1 1 
ATOM   396  C CG2 . VAL A 1 62  ? 5.232   -17.879 -1.587  1.00 13.88 ? 190 VAL A CG2 1 
ATOM   397  N N   . TYR A 1 63  ? 8.335   -17.088 -5.055  1.00 13.32 ? 191 TYR A N   1 
ATOM   398  C CA  . TYR A 1 63  ? 9.626   -16.994 -5.725  1.00 12.54 ? 191 TYR A CA  1 
ATOM   399  C C   . TYR A 1 63  ? 10.474  -15.965 -4.993  1.00 12.42 ? 191 TYR A C   1 
ATOM   400  O O   . TYR A 1 63  ? 10.029  -14.848 -4.749  1.00 11.61 ? 191 TYR A O   1 
ATOM   401  C CB  . TYR A 1 63  ? 9.425   -16.640 -7.208  1.00 11.36 ? 191 TYR A CB  1 
ATOM   402  C CG  . TYR A 1 63  ? 8.678   -17.699 -7.987  1.00 11.98 ? 191 TYR A CG  1 
ATOM   403  C CD1 . TYR A 1 63  ? 9.352   -18.585 -8.845  1.00 11.10 ? 191 TYR A CD1 1 
ATOM   404  C CD2 . TYR A 1 63  ? 7.292   -17.864 -7.833  1.00 10.64 ? 191 TYR A CD2 1 
ATOM   405  C CE1 . TYR A 1 63  ? 8.624   -19.591 -9.562  1.00 12.62 ? 191 TYR A CE1 1 
ATOM   406  C CE2 . TYR A 1 63  ? 6.588   -18.841 -8.526  1.00 8.39  ? 191 TYR A CE2 1 
ATOM   407  C CZ  . TYR A 1 63  ? 7.256   -19.696 -9.384  1.00 12.33 ? 191 TYR A CZ  1 
ATOM   408  O OH  . TYR A 1 63  ? 6.526   -20.663 -10.072 1.00 16.80 ? 191 TYR A OH  1 
ATOM   409  N N   . HIS A 1 64  ? 11.688  -16.348 -4.622  1.00 12.83 ? 192 HIS A N   1 
ATOM   410  C CA  . HIS A 1 64  ? 12.584  -15.460 -3.872  1.00 14.66 ? 192 HIS A CA  1 
ATOM   411  C C   . HIS A 1 64  ? 13.733  -15.041 -4.792  1.00 14.55 ? 192 HIS A C   1 
ATOM   412  O O   . HIS A 1 64  ? 14.379  -15.898 -5.371  1.00 14.55 ? 192 HIS A O   1 
ATOM   413  C CB  . HIS A 1 64  ? 13.147  -16.168 -2.635  1.00 14.65 ? 192 HIS A CB  1 
ATOM   414  C CG  . HIS A 1 64  ? 12.106  -16.596 -1.646  1.00 16.52 ? 192 HIS A CG  1 
ATOM   415  N ND1 . HIS A 1 64  ? 11.443  -15.702 -0.824  1.00 17.64 ? 192 HIS A ND1 1 
ATOM   416  C CD2 . HIS A 1 64  ? 11.658  -17.833 -1.300  1.00 17.09 ? 192 HIS A CD2 1 
ATOM   417  C CE1 . HIS A 1 64  ? 10.614  -16.367 -0.034  1.00 17.81 ? 192 HIS A CE1 1 
ATOM   418  N NE2 . HIS A 1 64  ? 10.715  -17.659 -0.312  1.00 17.50 ? 192 HIS A NE2 1 
ATOM   419  N N   . TYR A 1 65  ? 13.971  -13.734 -4.919  1.00 14.66 ? 193 TYR A N   1 
ATOM   420  C CA  . TYR A 1 65  ? 15.046  -13.197 -5.774  1.00 14.85 ? 193 TYR A CA  1 
ATOM   421  C C   . TYR A 1 65  ? 15.993  -12.304 -4.993  1.00 15.15 ? 193 TYR A C   1 
ATOM   422  O O   . TYR A 1 65  ? 15.572  -11.301 -4.436  1.00 14.12 ? 193 TYR A O   1 
ATOM   423  C CB  . TYR A 1 65  ? 14.464  -12.319 -6.906  1.00 14.91 ? 193 TYR A CB  1 
ATOM   424  C CG  . TYR A 1 65  ? 13.438  -13.007 -7.760  1.00 14.87 ? 193 TYR A CG  1 
ATOM   425  C CD1 . TYR A 1 65  ? 13.820  -13.734 -8.915  1.00 12.86 ? 193 TYR A CD1 1 
ATOM   426  C CD2 . TYR A 1 65  ? 12.079  -12.948 -7.419  1.00 13.64 ? 193 TYR A CD2 1 
ATOM   427  C CE1 . TYR A 1 65  ? 12.869  -14.343 -9.708  1.00 14.14 ? 193 TYR A CE1 1 
ATOM   428  C CE2 . TYR A 1 65  ? 11.127  -13.581 -8.196  1.00 15.67 ? 193 TYR A CE2 1 
ATOM   429  C CZ  . TYR A 1 65  ? 11.530  -14.273 -9.342  1.00 14.35 ? 193 TYR A CZ  1 
ATOM   430  O OH  . TYR A 1 65  ? 10.577  -14.889 -10.106 1.00 14.51 ? 193 TYR A OH  1 
ATOM   431  N N   . ARG A 1 66  ? 17.289  -12.619 -5.028  1.00 16.20 ? 194 ARG A N   1 
ATOM   432  C CA  . ARG A 1 66  ? 18.280  -11.741 -4.413  1.00 16.90 ? 194 ARG A CA  1 
ATOM   433  C C   . ARG A 1 66  ? 18.416  -10.461 -5.250  1.00 16.99 ? 194 ARG A C   1 
ATOM   434  O O   . ARG A 1 66  ? 18.500  -10.514 -6.470  1.00 16.59 ? 194 ARG A O   1 
ATOM   435  C CB  . ARG A 1 66  ? 19.630  -12.472 -4.326  1.00 17.82 ? 194 ARG A CB  1 
ATOM   436  C CG  . ARG A 1 66  ? 20.797  -11.598 -3.850  1.00 21.58 ? 194 ARG A CG  1 
ATOM   437  C CD  . ARG A 1 66  ? 20.562  -11.032 -2.459  1.00 26.17 ? 194 ARG A CD  1 
ATOM   438  N NE  . ARG A 1 66  ? 20.314  -12.088 -1.477  1.00 31.20 ? 194 ARG A NE  1 
ATOM   439  C CZ  . ARG A 1 66  ? 21.276  -12.703 -0.780  1.00 35.41 ? 194 ARG A CZ  1 
ATOM   440  N NH1 . ARG A 1 66  ? 22.555  -12.366 -0.952  1.00 35.54 ? 194 ARG A NH1 1 
ATOM   441  N NH2 . ARG A 1 66  ? 20.956  -13.650 0.094   1.00 36.58 ? 194 ARG A NH2 1 
ATOM   442  N N   . ILE A 1 67  ? 18.403  -9.306  -4.601  1.00 16.78 ? 195 ILE A N   1 
ATOM   443  C CA  . ILE A 1 67  ? 18.728  -8.078  -5.310  1.00 17.07 ? 195 ILE A CA  1 
ATOM   444  C C   . ILE A 1 67  ? 20.247  -7.891  -5.318  1.00 16.32 ? 195 ILE A C   1 
ATOM   445  O O   . ILE A 1 67  ? 20.851  -7.849  -4.258  1.00 17.63 ? 195 ILE A O   1 
ATOM   446  C CB  . ILE A 1 67  ? 18.017  -6.838  -4.685  1.00 17.11 ? 195 ILE A CB  1 
ATOM   447  C CG1 . ILE A 1 67  ? 16.501  -6.992  -4.815  1.00 16.18 ? 195 ILE A CG1 1 
ATOM   448  C CG2 . ILE A 1 67  ? 18.543  -5.528  -5.350  1.00 17.42 ? 195 ILE A CG2 1 
ATOM   449  C CD1 . ILE A 1 67  ? 15.704  -6.148  -3.860  1.00 17.70 ? 195 ILE A CD1 1 
ATOM   450  N N   . ASN A 1 68  ? 20.842  -7.795  -6.504  1.00 15.33 ? 196 ASN A N   1 
ATOM   451  C CA  . ASN A 1 68  ? 22.295  -7.618  -6.667  1.00 14.99 ? 196 ASN A CA  1 
ATOM   452  C C   . ASN A 1 68  ? 22.695  -6.149  -6.727  1.00 14.86 ? 196 ASN A C   1 
ATOM   453  O O   . ASN A 1 68  ? 21.932  -5.314  -7.187  1.00 14.05 ? 196 ASN A O   1 
ATOM   454  C CB  . ASN A 1 68  ? 22.775  -8.300  -7.946  1.00 14.62 ? 196 ASN A CB  1 
ATOM   455  C CG  . ASN A 1 68  ? 22.287  -9.746  -8.060  1.00 15.94 ? 196 ASN A CG  1 
ATOM   456  O OD1 . ASN A 1 68  ? 22.644  -10.585 -7.245  1.00 15.59 ? 196 ASN A OD1 1 
ATOM   457  N ND2 . ASN A 1 68  ? 21.477  -10.040 -9.085  1.00 15.10 ? 196 ASN A ND2 1 
ATOM   458  N N   . THR A 1 69  ? 23.907  -5.849  -6.267  1.00 14.92 ? 197 THR A N   1 
ATOM   459  C CA  . THR A 1 69  ? 24.476  -4.519  -6.412  1.00 15.05 ? 197 THR A CA  1 
ATOM   460  C C   . THR A 1 69  ? 25.723  -4.652  -7.273  1.00 14.20 ? 197 THR A C   1 
ATOM   461  O O   . THR A 1 69  ? 26.669  -5.350  -6.906  1.00 14.28 ? 197 THR A O   1 
ATOM   462  C CB  . THR A 1 69  ? 24.819  -3.915  -5.024  1.00 15.75 ? 197 THR A CB  1 
ATOM   463  O OG1 . THR A 1 69  ? 23.691  -4.082  -4.158  1.00 16.07 ? 197 THR A OG1 1 
ATOM   464  C CG2 . THR A 1 69  ? 25.173  -2.409  -5.128  1.00 14.54 ? 197 THR A CG2 1 
ATOM   465  N N   . ALA A 1 70  ? 25.717  -4.010  -8.426  1.00 12.95 ? 198 ALA A N   1 
ATOM   466  C CA  . ALA A 1 70  ? 26.906  -3.972  -9.276  1.00 13.41 ? 198 ALA A CA  1 
ATOM   467  C C   . ALA A 1 70  ? 27.990  -3.045  -8.692  1.00 13.88 ? 198 ALA A C   1 
ATOM   468  O O   . ALA A 1 70  ? 27.727  -2.298  -7.750  1.00 13.20 ? 198 ALA A O   1 
ATOM   469  C CB  . ALA A 1 70  ? 26.521  -3.553  -10.665 1.00 12.95 ? 198 ALA A CB  1 
ATOM   470  N N   . SER A 1 71  ? 29.206  -3.062  -9.252  1.00 14.13 ? 199 SER A N   1 
ATOM   471  C CA  . SER A 1 71  ? 30.277  -2.282  -8.637  1.00 14.14 ? 199 SER A CA  1 
ATOM   472  C C   . SER A 1 71  ? 30.087  -0.762  -8.765  1.00 14.54 ? 199 SER A C   1 
ATOM   473  O O   . SER A 1 71  ? 30.648  -0.009  -7.964  1.00 14.25 ? 199 SER A O   1 
ATOM   474  C CB  . SER A 1 71  ? 31.631  -2.689  -9.175  1.00 13.79 ? 199 SER A CB  1 
ATOM   475  O OG  . SER A 1 71  ? 31.675  -2.459  -10.557 1.00 14.56 ? 199 SER A OG  1 
ATOM   476  N N   . ASP A 1 72  ? 29.306  -0.319  -9.751  1.00 14.13 ? 200 ASP A N   1 
ATOM   477  C CA  . ASP A 1 72  ? 28.956  1.098   -9.859  1.00 15.26 ? 200 ASP A CA  1 
ATOM   478  C C   . ASP A 1 72  ? 27.823  1.484   -8.905  1.00 15.00 ? 200 ASP A C   1 
ATOM   479  O O   . ASP A 1 72  ? 27.359  2.616   -8.919  1.00 15.38 ? 200 ASP A O   1 
ATOM   480  C CB  . ASP A 1 72  ? 28.624  1.513   -11.315 1.00 14.66 ? 200 ASP A CB  1 
ATOM   481  C CG  . ASP A 1 72  ? 27.420  0.766   -11.879 1.00 17.34 ? 200 ASP A CG  1 
ATOM   482  O OD1 . ASP A 1 72  ? 26.785  -0.023  -11.138 1.00 17.15 ? 200 ASP A OD1 1 
ATOM   483  O OD2 . ASP A 1 72  ? 27.124  0.951   -13.072 1.00 18.62 ? 200 ASP A OD2 1 
ATOM   484  N N   . GLY A 1 73  ? 27.380  0.542   -8.074  1.00 16.01 ? 201 GLY A N   1 
ATOM   485  C CA  . GLY A 1 73  ? 26.309  0.809   -7.107  1.00 15.77 ? 201 GLY A CA  1 
ATOM   486  C C   . GLY A 1 73  ? 24.888  0.674   -7.629  1.00 16.46 ? 201 GLY A C   1 
ATOM   487  O O   . GLY A 1 73  ? 23.935  0.855   -6.874  1.00 16.00 ? 201 GLY A O   1 
ATOM   488  N N   . LYS A 1 74  ? 24.713  0.339   -8.905  1.00 16.20 ? 202 LYS A N   1 
ATOM   489  C CA  . LYS A 1 74  ? 23.360  0.110   -9.413  1.00 16.73 ? 202 LYS A CA  1 
ATOM   490  C C   . LYS A 1 74  ? 22.761  -1.230  -8.921  1.00 16.42 ? 202 LYS A C   1 
ATOM   491  O O   . LYS A 1 74  ? 23.506  -2.186  -8.664  1.00 15.64 ? 202 LYS A O   1 
ATOM   492  C CB  . LYS A 1 74  ? 23.358  0.143   -10.929 1.00 17.07 ? 202 LYS A CB  1 
ATOM   493  C CG  . LYS A 1 74  ? 23.429  1.530   -11.517 1.00 19.88 ? 202 LYS A CG  1 
ATOM   494  C CD  . LYS A 1 74  ? 23.155  1.441   -13.004 1.00 25.42 ? 202 LYS A CD  1 
ATOM   495  C CE  . LYS A 1 74  ? 22.543  2.726   -13.518 1.00 28.79 ? 202 LYS A CE  1 
ATOM   496  N NZ  . LYS A 1 74  ? 23.584  3.777   -13.668 1.00 31.45 ? 202 LYS A NZ  1 
ATOM   497  N N   . LEU A 1 75  ? 21.430  -1.267  -8.788  1.00 16.27 ? 203 LEU A N   1 
ATOM   498  C CA  . LEU A 1 75  ? 20.682  -2.430  -8.294  1.00 16.05 ? 203 LEU A CA  1 
ATOM   499  C C   . LEU A 1 75  ? 19.973  -3.145  -9.427  1.00 16.01 ? 203 LEU A C   1 
ATOM   500  O O   . LEU A 1 75  ? 19.448  -2.511  -10.344 1.00 15.41 ? 203 LEU A O   1 
ATOM   501  C CB  . LEU A 1 75  ? 19.667  -2.010  -7.219  1.00 16.97 ? 203 LEU A CB  1 
ATOM   502  C CG  . LEU A 1 75  ? 20.221  -1.071  -6.145  1.00 17.96 ? 203 LEU A CG  1 
ATOM   503  C CD1 . LEU A 1 75  ? 19.110  -0.445  -5.312  1.00 22.91 ? 203 LEU A CD1 1 
ATOM   504  C CD2 . LEU A 1 75  ? 21.225  -1.782  -5.265  1.00 18.23 ? 203 LEU A CD2 1 
ATOM   505  N N   . TYR A 1 76  ? 19.960  -4.475  -9.367  1.00 15.54 ? 204 TYR A N   1 
ATOM   506  C CA  . TYR A 1 76  ? 19.224  -5.249  -10.354 1.00 15.36 ? 204 TYR A CA  1 
ATOM   507  C C   . TYR A 1 76  ? 18.891  -6.666  -9.879  1.00 15.69 ? 204 TYR A C   1 
ATOM   508  O O   . TYR A 1 76  ? 19.565  -7.221  -8.999  1.00 15.59 ? 204 TYR A O   1 
ATOM   509  C CB  . TYR A 1 76  ? 20.007  -5.308  -11.668 1.00 14.89 ? 204 TYR A CB  1 
ATOM   510  C CG  . TYR A 1 76  ? 21.303  -6.105  -11.605 1.00 15.73 ? 204 TYR A CG  1 
ATOM   511  C CD1 . TYR A 1 76  ? 21.327  -7.442  -12.018 1.00 15.15 ? 204 TYR A CD1 1 
ATOM   512  C CD2 . TYR A 1 76  ? 22.494  -5.533  -11.133 1.00 14.74 ? 204 TYR A CD2 1 
ATOM   513  C CE1 . TYR A 1 76  ? 22.501  -8.195  -11.991 1.00 17.63 ? 204 TYR A CE1 1 
ATOM   514  C CE2 . TYR A 1 76  ? 23.695  -6.285  -11.084 1.00 18.35 ? 204 TYR A CE2 1 
ATOM   515  C CZ  . TYR A 1 76  ? 23.673  -7.623  -11.524 1.00 18.77 ? 204 TYR A CZ  1 
ATOM   516  O OH  . TYR A 1 76  ? 24.798  -8.397  -11.497 1.00 16.72 ? 204 TYR A OH  1 
ATOM   517  N N   . VAL A 1 77  ? 17.846  -7.224  -10.486 1.00 16.45 ? 205 VAL A N   1 
ATOM   518  C CA  . VAL A 1 77  ? 17.593  -8.657  -10.460 1.00 17.19 ? 205 VAL A CA  1 
ATOM   519  C C   . VAL A 1 77  ? 17.888  -9.284  -11.823 1.00 18.60 ? 205 VAL A C   1 
ATOM   520  O O   . VAL A 1 77  ? 18.388  -10.408 -11.883 1.00 19.46 ? 205 VAL A O   1 
ATOM   521  C CB  . VAL A 1 77  ? 16.175  -8.981  -9.978  1.00 17.02 ? 205 VAL A CB  1 
ATOM   522  C CG1 . VAL A 1 77  ? 15.907  -10.473 -10.140 1.00 18.31 ? 205 VAL A CG1 1 
ATOM   523  C CG2 . VAL A 1 77  ? 16.016  -8.556  -8.512  1.00 15.50 ? 205 VAL A CG2 1 
ATOM   524  N N   . SER A 1 78  ? 17.623  -8.563  -12.913 1.00 20.23 ? 206 SER A N   1 
ATOM   525  C CA  . SER A 1 78  ? 18.053  -8.998  -14.267 1.00 21.77 ? 206 SER A CA  1 
ATOM   526  C C   . SER A 1 78  ? 19.192  -8.115  -14.755 1.00 22.47 ? 206 SER A C   1 
ATOM   527  O O   . SER A 1 78  ? 19.038  -6.892  -14.748 1.00 22.28 ? 206 SER A O   1 
ATOM   528  C CB  . SER A 1 78  ? 16.934  -8.850  -15.292 1.00 21.56 ? 206 SER A CB  1 
ATOM   529  O OG  . SER A 1 78  ? 15.826  -9.596  -14.914 1.00 23.48 ? 206 SER A OG  1 
ATOM   530  N N   . SER A 1 79  ? 20.308  -8.717  -15.199 1.00 23.71 ? 207 SER A N   1 
ATOM   531  C CA  . SER A 1 79  ? 21.525  -7.948  -15.602 1.00 25.05 ? 207 SER A CA  1 
ATOM   532  C C   . SER A 1 79  ? 21.276  -6.821  -16.599 1.00 25.46 ? 207 SER A C   1 
ATOM   533  O O   . SER A 1 79  ? 21.923  -5.768  -16.525 1.00 25.86 ? 207 SER A O   1 
ATOM   534  C CB  . SER A 1 79  ? 22.600  -8.864  -16.177 1.00 25.64 ? 207 SER A CB  1 
ATOM   535  O OG  . SER A 1 79  ? 22.858  -9.943  -15.291 1.00 29.84 ? 207 SER A OG  1 
ATOM   536  N N   . GLU A 1 80  ? 20.347  -7.045  -17.533 1.00 25.18 ? 208 GLU A N   1 
ATOM   537  C CA  . GLU A 1 80  ? 19.964  -6.047  -18.537 1.00 25.52 ? 208 GLU A CA  1 
ATOM   538  C C   . GLU A 1 80  ? 19.294  -4.801  -17.948 1.00 24.11 ? 208 GLU A C   1 
ATOM   539  O O   . GLU A 1 80  ? 19.183  -3.799  -18.622 1.00 23.64 ? 208 GLU A O   1 
ATOM   540  C CB  . GLU A 1 80  ? 18.972  -6.669  -19.540 1.00 26.57 ? 208 GLU A CB  1 
ATOM   541  C CG  . GLU A 1 80  ? 17.672  -7.182  -18.852 1.00 30.36 ? 208 GLU A CG  1 
ATOM   542  C CD  . GLU A 1 80  ? 16.616  -7.643  -19.837 1.00 36.03 ? 208 GLU A CD  1 
ATOM   543  O OE1 . GLU A 1 80  ? 15.747  -6.824  -20.230 1.00 36.49 ? 208 GLU A OE1 1 
ATOM   544  O OE2 . GLU A 1 80  ? 16.675  -8.827  -20.231 1.00 38.94 ? 208 GLU A OE2 1 
ATOM   545  N N   . SER A 1 81  ? 18.789  -4.885  -16.723 1.00 23.03 ? 209 SER A N   1 
ATOM   546  C CA  . SER A 1 81  ? 18.007  -3.782  -16.159 1.00 22.17 ? 209 SER A CA  1 
ATOM   547  C C   . SER A 1 81  ? 18.413  -3.374  -14.765 1.00 20.28 ? 209 SER A C   1 
ATOM   548  O O   . SER A 1 81  ? 18.017  -3.986  -13.777 1.00 19.74 ? 209 SER A O   1 
ATOM   549  C CB  . SER A 1 81  ? 16.516  -4.100  -16.194 1.00 22.38 ? 209 SER A CB  1 
ATOM   550  O OG  . SER A 1 81  ? 16.177  -4.549  -17.489 1.00 25.73 ? 209 SER A OG  1 
ATOM   551  N N   . ARG A 1 82  ? 19.157  -2.285  -14.719 1.00 19.39 ? 210 ARG A N   1 
ATOM   552  C CA  . ARG A 1 82  ? 19.834  -1.818  -13.524 1.00 18.82 ? 210 ARG A CA  1 
ATOM   553  C C   . ARG A 1 82  ? 19.380  -0.410  -13.174 1.00 18.77 ? 210 ARG A C   1 
ATOM   554  O O   . ARG A 1 82  ? 19.181  0.421   -14.058 1.00 19.13 ? 210 ARG A O   1 
ATOM   555  C CB  . ARG A 1 82  ? 21.346  -1.849  -13.758 1.00 18.63 ? 210 ARG A CB  1 
ATOM   556  C CG  . ARG A 1 82  ? 21.827  -3.210  -14.228 1.00 16.44 ? 210 ARG A CG  1 
ATOM   557  C CD  . ARG A 1 82  ? 23.320  -3.265  -14.365 1.00 15.87 ? 210 ARG A CD  1 
ATOM   558  N NE  . ARG A 1 82  ? 23.800  -4.583  -14.807 1.00 14.62 ? 210 ARG A NE  1 
ATOM   559  C CZ  . ARG A 1 82  ? 25.067  -4.967  -14.657 1.00 15.30 ? 210 ARG A CZ  1 
ATOM   560  N NH1 . ARG A 1 82  ? 25.903  -4.140  -14.083 1.00 9.86  ? 210 ARG A NH1 1 
ATOM   561  N NH2 . ARG A 1 82  ? 25.495  -6.170  -15.058 1.00 13.70 ? 210 ARG A NH2 1 
ATOM   562  N N   . PHE A 1 83  ? 19.247  -0.143  -11.884 1.00 17.14 ? 211 PHE A N   1 
ATOM   563  C CA  . PHE A 1 83  ? 18.603  1.078   -11.440 1.00 17.72 ? 211 PHE A CA  1 
ATOM   564  C C   . PHE A 1 83  ? 19.360  1.736   -10.310 1.00 17.15 ? 211 PHE A C   1 
ATOM   565  O O   . PHE A 1 83  ? 20.130  1.073   -9.577  1.00 15.92 ? 211 PHE A O   1 
ATOM   566  C CB  . PHE A 1 83  ? 17.139  0.788   -11.063 1.00 16.33 ? 211 PHE A CB  1 
ATOM   567  C CG  . PHE A 1 83  ? 16.371  0.239   -12.208 1.00 18.78 ? 211 PHE A CG  1 
ATOM   568  C CD1 . PHE A 1 83  ? 15.858  1.102   -13.188 1.00 18.26 ? 211 PHE A CD1 1 
ATOM   569  C CD2 . PHE A 1 83  ? 16.249  -1.133  -12.385 1.00 16.75 ? 211 PHE A CD2 1 
ATOM   570  C CE1 . PHE A 1 83  ? 15.197  0.601   -14.280 1.00 19.50 ? 211 PHE A CE1 1 
ATOM   571  C CE2 . PHE A 1 83  ? 15.581  -1.642  -13.487 1.00 16.11 ? 211 PHE A CE2 1 
ATOM   572  C CZ  . PHE A 1 83  ? 15.062  -0.794  -14.425 1.00 18.30 ? 211 PHE A CZ  1 
ATOM   573  N N   . ASN A 1 84  ? 19.152  3.042   -10.173 1.00 17.18 ? 212 ASN A N   1 
ATOM   574  C CA  . ASN A 1 84  ? 19.830  3.758   -9.099  1.00 17.66 ? 212 ASN A CA  1 
ATOM   575  C C   . ASN A 1 84  ? 19.301  3.522   -7.726  1.00 16.97 ? 212 ASN A C   1 
ATOM   576  O O   . ASN A 1 84  ? 20.041  3.671   -6.759  1.00 17.32 ? 212 ASN A O   1 
ATOM   577  C CB  . ASN A 1 84  ? 19.906  5.249   -9.407  1.00 18.46 ? 212 ASN A CB  1 
ATOM   578  C CG  . ASN A 1 84  ? 20.773  5.512   -10.598 1.00 21.34 ? 212 ASN A CG  1 
ATOM   579  O OD1 . ASN A 1 84  ? 21.830  4.878   -10.750 1.00 23.85 ? 212 ASN A OD1 1 
ATOM   580  N ND2 . ASN A 1 84  ? 20.346  6.426   -11.463 1.00 23.31 ? 212 ASN A ND2 1 
ATOM   581  N N   . THR A 1 85  ? 18.018  3.172   -7.629  1.00 16.22 ? 213 THR A N   1 
ATOM   582  C CA  . THR A 1 85  ? 17.345  3.055   -6.345  1.00 16.15 ? 213 THR A CA  1 
ATOM   583  C C   . THR A 1 85  ? 16.400  1.854   -6.337  1.00 16.68 ? 213 THR A C   1 
ATOM   584  O O   . THR A 1 85  ? 15.968  1.368   -7.401  1.00 15.43 ? 213 THR A O   1 
ATOM   585  C CB  . THR A 1 85  ? 16.478  4.305   -6.015  1.00 16.66 ? 213 THR A CB  1 
ATOM   586  O OG1 . THR A 1 85  ? 15.417  4.413   -6.978  1.00 16.60 ? 213 THR A OG1 1 
ATOM   587  C CG2 . THR A 1 85  ? 17.298  5.587   -5.977  1.00 16.00 ? 213 THR A CG2 1 
ATOM   588  N N   . LEU A 1 86  ? 16.055  1.395   -5.133  1.00 16.95 ? 214 LEU A N   1 
ATOM   589  C CA  . LEU A 1 86  ? 15.126  0.264   -5.007  1.00 17.72 ? 214 LEU A CA  1 
ATOM   590  C C   . LEU A 1 86  ? 13.747  0.612   -5.550  1.00 16.33 ? 214 LEU A C   1 
ATOM   591  O O   . LEU A 1 86  ? 13.111  -0.227  -6.133  1.00 17.40 ? 214 LEU A O   1 
ATOM   592  C CB  . LEU A 1 86  ? 14.995  -0.214  -3.559  1.00 17.71 ? 214 LEU A CB  1 
ATOM   593  C CG  . LEU A 1 86  ? 16.042  -1.194  -3.044  1.00 21.24 ? 214 LEU A CG  1 
ATOM   594  C CD1 . LEU A 1 86  ? 16.033  -1.206  -1.522  1.00 21.88 ? 214 LEU A CD1 1 
ATOM   595  C CD2 . LEU A 1 86  ? 15.773  -2.575  -3.572  1.00 22.97 ? 214 LEU A CD2 1 
ATOM   596  N N   . ALA A 1 87  ? 13.295  1.842   -5.324  1.00 15.85 ? 215 ALA A N   1 
ATOM   597  C CA  . ALA A 1 87  ? 12.018  2.316   -5.823  1.00 15.21 ? 215 ALA A CA  1 
ATOM   598  C C   . ALA A 1 87  ? 11.921  2.278   -7.358  1.00 15.07 ? 215 ALA A C   1 
ATOM   599  O O   . ALA A 1 87  ? 10.870  1.901   -7.912  1.00 14.22 ? 215 ALA A O   1 
ATOM   600  C CB  . ALA A 1 87  ? 11.706  3.728   -5.273  1.00 15.19 ? 215 ALA A CB  1 
ATOM   601  N N   . GLU A 1 88  ? 13.011  2.630   -8.045  1.00 14.71 ? 216 GLU A N   1 
ATOM   602  C CA  . GLU A 1 88  ? 13.039  2.538   -9.521  1.00 14.64 ? 216 GLU A CA  1 
ATOM   603  C C   . GLU A 1 88  ? 12.998  1.072   -10.003 1.00 14.39 ? 216 GLU A C   1 
ATOM   604  O O   . GLU A 1 88  ? 12.333  0.743   -11.002 1.00 13.34 ? 216 GLU A O   1 
ATOM   605  C CB  . GLU A 1 88  ? 14.258  3.244   -10.097 1.00 14.37 ? 216 GLU A CB  1 
ATOM   606  C CG  . GLU A 1 88  ? 14.204  4.780   -10.055 1.00 18.57 ? 216 GLU A CG  1 
ATOM   607  C CD  . GLU A 1 88  ? 15.559  5.377   -10.390 1.00 24.44 ? 216 GLU A CD  1 
ATOM   608  O OE1 . GLU A 1 88  ? 16.554  5.066   -9.710  1.00 27.81 ? 216 GLU A OE1 1 
ATOM   609  O OE2 . GLU A 1 88  ? 15.651  6.143   -11.349 1.00 29.10 ? 216 GLU A OE2 1 
ATOM   610  N N   . LEU A 1 89  ? 13.700  0.201   -9.277  1.00 13.96 ? 217 LEU A N   1 
ATOM   611  C CA  . LEU A 1 89  ? 13.675  -1.237  -9.565  1.00 13.96 ? 217 LEU A CA  1 
ATOM   612  C C   . LEU A 1 89  ? 12.267  -1.810  -9.431  1.00 12.88 ? 217 LEU A C   1 
ATOM   613  O O   . LEU A 1 89  ? 11.770  -2.515  -10.336 1.00 12.87 ? 217 LEU A O   1 
ATOM   614  C CB  . LEU A 1 89  ? 14.673  -1.990  -8.680  1.00 14.06 ? 217 LEU A CB  1 
ATOM   615  C CG  . LEU A 1 89  ? 14.800  -3.508  -8.963  1.00 17.33 ? 217 LEU A CG  1 
ATOM   616  C CD1 . LEU A 1 89  ? 15.104  -3.717  -10.413 1.00 21.60 ? 217 LEU A CD1 1 
ATOM   617  C CD2 . LEU A 1 89  ? 15.919  -4.099  -8.169  1.00 21.42 ? 217 LEU A CD2 1 
ATOM   618  N N   . VAL A 1 90  ? 11.618  -1.497  -8.312  1.00 12.07 ? 218 VAL A N   1 
ATOM   619  C CA  . VAL A 1 90  ? 10.257  -1.959  -8.074  1.00 11.54 ? 218 VAL A CA  1 
ATOM   620  C C   . VAL A 1 90  ? 9.296   -1.418  -9.161  1.00 11.21 ? 218 VAL A C   1 
ATOM   621  O O   . VAL A 1 90  ? 8.509   -2.174  -9.766  1.00 10.67 ? 218 VAL A O   1 
ATOM   622  C CB  . VAL A 1 90  ? 9.790   -1.604  -6.625  1.00 11.98 ? 218 VAL A CB  1 
ATOM   623  C CG1 . VAL A 1 90  ? 8.294   -1.809  -6.473  1.00 13.54 ? 218 VAL A CG1 1 
ATOM   624  C CG2 . VAL A 1 90  ? 10.578  -2.431  -5.572  1.00 11.18 ? 218 VAL A CG2 1 
ATOM   625  N N   . HIS A 1 91  ? 9.388   -0.120  -9.441  1.00 11.54 ? 219 HIS A N   1 
ATOM   626  C CA  . HIS A 1 91  ? 8.538   0.487   -10.472 1.00 11.52 ? 219 HIS A CA  1 
ATOM   627  C C   . HIS A 1 91  ? 8.727   -0.242  -11.793 1.00 10.86 ? 219 HIS A C   1 
ATOM   628  O O   . HIS A 1 91  ? 7.753   -0.645  -12.444 1.00 10.73 ? 219 HIS A O   1 
ATOM   629  C CB  . HIS A 1 91  ? 8.815   1.989   -10.636 1.00 11.82 ? 219 HIS A CB  1 
ATOM   630  C CG  . HIS A 1 91  ? 8.202   2.556   -11.873 1.00 14.73 ? 219 HIS A CG  1 
ATOM   631  N ND1 . HIS A 1 91  ? 6.837   2.593   -12.065 1.00 15.33 ? 219 HIS A ND1 1 
ATOM   632  C CD2 . HIS A 1 91  ? 8.758   2.990   -13.031 1.00 15.83 ? 219 HIS A CD2 1 
ATOM   633  C CE1 . HIS A 1 91  ? 6.576   3.072   -13.264 1.00 16.41 ? 219 HIS A CE1 1 
ATOM   634  N NE2 . HIS A 1 91  ? 7.722   3.329   -13.869 1.00 18.12 ? 219 HIS A NE2 1 
ATOM   635  N N   . HIS A 1 92  ? 9.988   -0.466  -12.170 1.00 10.62 ? 220 HIS A N   1 
ATOM   636  C CA  . HIS A 1 92  ? 10.288  -1.187  -13.409 1.00 10.96 ? 220 HIS A CA  1 
ATOM   637  C C   . HIS A 1 92  ? 9.665   -2.598  -13.467 1.00 10.90 ? 220 HIS A C   1 
ATOM   638  O O   . HIS A 1 92  ? 8.999   -2.930  -14.450 1.00 11.74 ? 220 HIS A O   1 
ATOM   639  C CB  . HIS A 1 92  ? 11.806  -1.256  -13.681 1.00 10.93 ? 220 HIS A CB  1 
ATOM   640  C CG  . HIS A 1 92  ? 12.159  -2.134  -14.840 1.00 12.01 ? 220 HIS A CG  1 
ATOM   641  N ND1 . HIS A 1 92  ? 11.995  -1.738  -16.152 1.00 14.64 ? 220 HIS A ND1 1 
ATOM   642  C CD2 . HIS A 1 92  ? 12.624  -3.408  -14.888 1.00 12.06 ? 220 HIS A CD2 1 
ATOM   643  C CE1 . HIS A 1 92  ? 12.361  -2.723  -16.960 1.00 10.85 ? 220 HIS A CE1 1 
ATOM   644  N NE2 . HIS A 1 92  ? 12.750  -3.744  -16.216 1.00 14.22 ? 220 HIS A NE2 1 
ATOM   645  N N   . HIS A 1 93  ? 9.854   -3.412  -12.424 1.00 10.42 ? 221 HIS A N   1 
ATOM   646  C CA  . HIS A 1 93  ? 9.382   -4.805  -12.459 1.00 9.79  ? 221 HIS A CA  1 
ATOM   647  C C   . HIS A 1 93  ? 7.899   -4.938  -12.145 1.00 10.25 ? 221 HIS A C   1 
ATOM   648  O O   . HIS A 1 93  ? 7.351   -6.024  -12.152 1.00 9.99  ? 221 HIS A O   1 
ATOM   649  C CB  . HIS A 1 93  ? 10.246  -5.705  -11.567 1.00 10.11 ? 221 HIS A CB  1 
ATOM   650  C CG  . HIS A 1 93  ? 11.602  -5.963  -12.131 1.00 10.44 ? 221 HIS A CG  1 
ATOM   651  N ND1 . HIS A 1 93  ? 11.835  -6.922  -13.094 1.00 13.39 ? 221 HIS A ND1 1 
ATOM   652  C CD2 . HIS A 1 93  ? 12.795  -5.373  -11.891 1.00 11.11 ? 221 HIS A CD2 1 
ATOM   653  C CE1 . HIS A 1 93  ? 13.112  -6.903  -13.435 1.00 12.38 ? 221 HIS A CE1 1 
ATOM   654  N NE2 . HIS A 1 93  ? 13.720  -5.981  -12.705 1.00 14.43 ? 221 HIS A NE2 1 
ATOM   655  N N   . SER A 1 94  ? 7.274   -3.802  -11.868 1.00 11.05 ? 222 SER A N   1 
ATOM   656  C CA  . SER A 1 94  ? 5.849   -3.674  -11.725 1.00 12.56 ? 222 SER A CA  1 
ATOM   657  C C   . SER A 1 94  ? 5.229   -3.410  -13.113 1.00 12.73 ? 222 SER A C   1 
ATOM   658  O O   . SER A 1 94  ? 4.060   -3.681  -13.351 1.00 12.75 ? 222 SER A O   1 
ATOM   659  C CB  . SER A 1 94  ? 5.576   -2.447  -10.874 1.00 12.23 ? 222 SER A CB  1 
ATOM   660  O OG  . SER A 1 94  ? 4.183   -2.328  -10.727 1.00 18.41 ? 222 SER A OG  1 
ATOM   661  N N   . THR A 1 95  ? 6.034   -2.848  -14.006 1.00 12.99 ? 223 THR A N   1 
ATOM   662  C CA  . THR A 1 95  ? 5.596   -2.539  -15.358 1.00 13.59 ? 223 THR A CA  1 
ATOM   663  C C   . THR A 1 95  ? 5.771   -3.726  -16.298 1.00 13.34 ? 223 THR A C   1 
ATOM   664  O O   . THR A 1 95  ? 4.861   -4.050  -17.096 1.00 11.70 ? 223 THR A O   1 
ATOM   665  C CB  . THR A 1 95  ? 6.347   -1.313  -15.894 1.00 13.44 ? 223 THR A CB  1 
ATOM   666  O OG1 . THR A 1 95  ? 6.170   -0.233  -14.962 1.00 13.71 ? 223 THR A OG1 1 
ATOM   667  C CG2 . THR A 1 95  ? 5.811   -0.906  -17.295 1.00 15.60 ? 223 THR A CG2 1 
ATOM   668  N N   . VAL A 1 96  ? 6.951   -4.355  -16.207 1.00 13.14 ? 224 VAL A N   1 
ATOM   669  C CA  . VAL A 1 96  ? 7.298   -5.501  -17.024 1.00 13.42 ? 224 VAL A CA  1 
ATOM   670  C C   . VAL A 1 96  ? 8.001   -6.526  -16.131 1.00 13.32 ? 224 VAL A C   1 
ATOM   671  O O   . VAL A 1 96  ? 8.831   -6.148  -15.308 1.00 11.89 ? 224 VAL A O   1 
ATOM   672  C CB  . VAL A 1 96  ? 8.240   -5.110  -18.247 1.00 15.06 ? 224 VAL A CB  1 
ATOM   673  C CG1 . VAL A 1 96  ? 7.548   -4.146  -19.199 1.00 16.59 ? 224 VAL A CG1 1 
ATOM   674  C CG2 . VAL A 1 96  ? 9.586   -4.518  -17.786 1.00 13.87 ? 224 VAL A CG2 1 
ATOM   675  N N   . ALA A 1 97  ? 7.660   -7.811  -16.270 1.00 12.85 ? 225 ALA A N   1 
ATOM   676  C CA  . ALA A 1 97  ? 8.244   -8.837  -15.411 1.00 13.49 ? 225 ALA A CA  1 
ATOM   677  C C   . ALA A 1 97  ? 9.768   -8.854  -15.598 1.00 14.17 ? 225 ALA A C   1 
ATOM   678  O O   . ALA A 1 97  ? 10.529  -8.873  -14.622 1.00 14.22 ? 225 ALA A O   1 
ATOM   679  C CB  . ALA A 1 97  ? 7.631   -10.204 -15.698 1.00 13.50 ? 225 ALA A CB  1 
ATOM   680  N N   . ASP A 1 98  ? 10.204  -8.809  -16.854 1.00 14.89 ? 226 ASP A N   1 
ATOM   681  C CA  . ASP A 1 98  ? 11.613  -8.645  -17.207 1.00 15.11 ? 226 ASP A CA  1 
ATOM   682  C C   . ASP A 1 98  ? 12.548  -9.588  -16.421 1.00 14.55 ? 226 ASP A C   1 
ATOM   683  O O   . ASP A 1 98  ? 13.506  -9.176  -15.770 1.00 14.42 ? 226 ASP A O   1 
ATOM   684  C CB  . ASP A 1 98  ? 12.017  -7.168  -17.078 1.00 14.76 ? 226 ASP A CB  1 
ATOM   685  C CG  . ASP A 1 98  ? 13.409  -6.884  -17.637 1.00 18.55 ? 226 ASP A CG  1 
ATOM   686  O OD1 . ASP A 1 98  ? 14.051  -5.918  -17.169 1.00 19.29 ? 226 ASP A OD1 1 
ATOM   687  O OD2 . ASP A 1 98  ? 13.869  -7.644  -18.523 1.00 21.21 ? 226 ASP A OD2 1 
ATOM   688  N N   . GLY A 1 99  ? 12.236  -10.871 -16.479 1.00 15.69 ? 227 GLY A N   1 
ATOM   689  C CA  . GLY A 1 99  ? 13.073  -11.909 -15.876 1.00 14.78 ? 227 GLY A CA  1 
ATOM   690  C C   . GLY A 1 99  ? 12.428  -12.471 -14.632 1.00 14.77 ? 227 GLY A C   1 
ATOM   691  O O   . GLY A 1 99  ? 12.762  -13.572 -14.223 1.00 14.92 ? 227 GLY A O   1 
ATOM   692  N N   . LEU A 1 100 ? 11.499  -11.729 -14.018 1.00 14.94 ? 228 LEU A N   1 
ATOM   693  C CA  . LEU A 1 100 ? 10.779  -12.267 -12.846 1.00 14.34 ? 228 LEU A CA  1 
ATOM   694  C C   . LEU A 1 100 ? 9.709   -13.250 -13.331 1.00 14.05 ? 228 LEU A C   1 
ATOM   695  O O   . LEU A 1 100 ? 9.392   -13.307 -14.525 1.00 12.85 ? 228 LEU A O   1 
ATOM   696  C CB  . LEU A 1 100 ? 10.147  -11.160 -12.018 1.00 14.76 ? 228 LEU A CB  1 
ATOM   697  C CG  . LEU A 1 100 ? 11.051  -10.105 -11.361 1.00 16.66 ? 228 LEU A CG  1 
ATOM   698  C CD1 . LEU A 1 100 ? 10.257  -9.311  -10.350 1.00 15.85 ? 228 LEU A CD1 1 
ATOM   699  C CD2 . LEU A 1 100 ? 12.270  -10.741 -10.701 1.00 17.64 ? 228 LEU A CD2 1 
ATOM   700  N N   . ILE A 1 101 ? 9.132   -14.000 -12.406 1.00 13.39 ? 229 ILE A N   1 
ATOM   701  C CA  . ILE A 1 101 ? 8.085   -14.941 -12.767 1.00 13.27 ? 229 ILE A CA  1 
ATOM   702  C C   . ILE A 1 101 ? 6.818   -14.217 -13.247 1.00 13.10 ? 229 ILE A C   1 
ATOM   703  O O   . ILE A 1 101 ? 6.057   -14.750 -14.060 1.00 12.27 ? 229 ILE A O   1 
ATOM   704  C CB  . ILE A 1 101 ? 7.788   -15.937 -11.585 1.00 13.32 ? 229 ILE A CB  1 
ATOM   705  C CG1 . ILE A 1 101 ? 6.974   -17.162 -12.048 1.00 12.68 ? 229 ILE A CG1 1 
ATOM   706  C CG2 . ILE A 1 101 ? 7.154   -15.231 -10.404 1.00 12.57 ? 229 ILE A CG2 1 
ATOM   707  C CD1 . ILE A 1 101 ? 7.841   -18.202 -12.876 1.00 13.07 ? 229 ILE A CD1 1 
ATOM   708  N N   . THR A 1 102 ? 6.620   -12.996 -12.749 1.00 12.32 ? 230 THR A N   1 
ATOM   709  C CA  . THR A 1 102 ? 5.458   -12.164 -13.111 1.00 12.56 ? 230 THR A CA  1 
ATOM   710  C C   . THR A 1 102 ? 5.792   -10.745 -12.669 1.00 12.63 ? 230 THR A C   1 
ATOM   711  O O   . THR A 1 102 ? 6.892   -10.508 -12.131 1.00 12.66 ? 230 THR A O   1 
ATOM   712  C CB  . THR A 1 102 ? 4.106   -12.721 -12.476 1.00 12.73 ? 230 THR A CB  1 
ATOM   713  O OG1 . THR A 1 102 ? 2.988   -12.069 -13.077 1.00 13.69 ? 230 THR A OG1 1 
ATOM   714  C CG2 . THR A 1 102 ? 4.050   -12.558 -10.898 1.00 11.71 ? 230 THR A CG2 1 
ATOM   715  N N   . THR A 1 103 ? 4.880   -9.795  -12.891 1.00 13.21 ? 231 THR A N   1 
ATOM   716  C CA  . THR A 1 103 ? 5.118   -8.416  -12.459 1.00 12.41 ? 231 THR A CA  1 
ATOM   717  C C   . THR A 1 103 ? 4.841   -8.266  -10.965 1.00 12.59 ? 231 THR A C   1 
ATOM   718  O O   . THR A 1 103 ? 4.048   -8.997  -10.373 1.00 12.24 ? 231 THR A O   1 
ATOM   719  C CB  . THR A 1 103 ? 4.235   -7.441  -13.225 1.00 13.35 ? 231 THR A CB  1 
ATOM   720  O OG1 . THR A 1 103 ? 2.918   -7.980  -13.288 1.00 14.40 ? 231 THR A OG1 1 
ATOM   721  C CG2 . THR A 1 103 ? 4.765   -7.235  -14.685 1.00 10.83 ? 231 THR A CG2 1 
ATOM   722  N N   . LEU A 1 104 ? 5.516   -7.318  -10.347 1.00 12.69 ? 232 LEU A N   1 
ATOM   723  C CA  . LEU A 1 104 ? 5.227   -6.937  -8.969  1.00 13.48 ? 232 LEU A CA  1 
ATOM   724  C C   . LEU A 1 104 ? 3.913   -6.135  -8.970  1.00 13.83 ? 232 LEU A C   1 
ATOM   725  O O   . LEU A 1 104 ? 3.827   -5.103  -9.612  1.00 14.01 ? 232 LEU A O   1 
ATOM   726  C CB  . LEU A 1 104 ? 6.380   -6.089  -8.431  1.00 11.62 ? 232 LEU A CB  1 
ATOM   727  C CG  . LEU A 1 104 ? 7.780   -6.720  -8.542  1.00 13.79 ? 232 LEU A CG  1 
ATOM   728  C CD1 . LEU A 1 104 ? 8.814   -5.759  -7.974  1.00 11.12 ? 232 LEU A CD1 1 
ATOM   729  C CD2 . LEU A 1 104 ? 7.865   -8.068  -7.819  1.00 12.71 ? 232 LEU A CD2 1 
ATOM   730  N N   . HIS A 1 105 ? 2.894   -6.599  -8.262  1.00 14.30 ? 233 HIS A N   1 
ATOM   731  C CA  . HIS A 1 105 ? 1.573   -5.970  -8.384  1.00 14.53 ? 233 HIS A CA  1 
ATOM   732  C C   . HIS A 1 105 ? 1.112   -5.401  -7.026  1.00 14.65 ? 233 HIS A C   1 
ATOM   733  O O   . HIS A 1 105 ? 0.868   -4.205  -6.898  1.00 13.65 ? 233 HIS A O   1 
ATOM   734  C CB  . HIS A 1 105 ? 0.581   -6.994  -8.924  1.00 15.21 ? 233 HIS A CB  1 
ATOM   735  C CG  . HIS A 1 105 ? -0.607  -6.416  -9.637  1.00 18.25 ? 233 HIS A CG  1 
ATOM   736  N ND1 . HIS A 1 105 ? -1.153  -5.190  -9.328  1.00 20.95 ? 233 HIS A ND1 1 
ATOM   737  C CD2 . HIS A 1 105 ? -1.394  -6.938  -10.612 1.00 21.90 ? 233 HIS A CD2 1 
ATOM   738  C CE1 . HIS A 1 105 ? -2.199  -4.959  -10.104 1.00 18.92 ? 233 HIS A CE1 1 
ATOM   739  N NE2 . HIS A 1 105 ? -2.378  -6.011  -10.881 1.00 23.05 ? 233 HIS A NE2 1 
ATOM   740  N N   . TYR A 1 106 ? 0.994   -6.259  -6.014  1.00 14.70 ? 234 TYR A N   1 
ATOM   741  C CA  . TYR A 1 106 ? 0.391   -5.861  -4.749  1.00 15.41 ? 234 TYR A CA  1 
ATOM   742  C C   . TYR A 1 106 ? 1.361   -6.009  -3.601  1.00 16.35 ? 234 TYR A C   1 
ATOM   743  O O   . TYR A 1 106 ? 1.750   -7.119  -3.277  1.00 16.67 ? 234 TYR A O   1 
ATOM   744  C CB  . TYR A 1 106 ? -0.812  -6.749  -4.457  1.00 15.61 ? 234 TYR A CB  1 
ATOM   745  C CG  . TYR A 1 106 ? -1.833  -6.794  -5.557  1.00 14.53 ? 234 TYR A CG  1 
ATOM   746  C CD1 . TYR A 1 106 ? -2.641  -5.683  -5.818  1.00 15.58 ? 234 TYR A CD1 1 
ATOM   747  C CD2 . TYR A 1 106 ? -2.030  -7.951  -6.300  1.00 13.42 ? 234 TYR A CD2 1 
ATOM   748  C CE1 . TYR A 1 106 ? -3.607  -5.715  -6.806  1.00 15.40 ? 234 TYR A CE1 1 
ATOM   749  C CE2 . TYR A 1 106 ? -3.027  -8.016  -7.308  1.00 12.35 ? 234 TYR A CE2 1 
ATOM   750  C CZ  . TYR A 1 106 ? -3.805  -6.884  -7.543  1.00 14.42 ? 234 TYR A CZ  1 
ATOM   751  O OH  . TYR A 1 106 ? -4.784  -6.871  -8.513  1.00 15.85 ? 234 TYR A OH  1 
ATOM   752  N N   . PRO A 1 107 ? 1.735   -4.905  -2.958  1.00 17.30 ? 235 PRO A N   1 
ATOM   753  C CA  . PRO A 1 107 ? 2.601   -5.087  -1.809  1.00 18.95 ? 235 PRO A CA  1 
ATOM   754  C C   . PRO A 1 107 ? 1.860   -5.750  -0.618  1.00 20.47 ? 235 PRO A C   1 
ATOM   755  O O   . PRO A 1 107 ? 0.722   -5.387  -0.324  1.00 20.68 ? 235 PRO A O   1 
ATOM   756  C CB  . PRO A 1 107 ? 3.030   -3.662  -1.464  1.00 18.92 ? 235 PRO A CB  1 
ATOM   757  C CG  . PRO A 1 107 ? 1.964   -2.784  -2.006  1.00 18.36 ? 235 PRO A CG  1 
ATOM   758  C CD  . PRO A 1 107 ? 1.380   -3.492  -3.196  1.00 17.75 ? 235 PRO A CD  1 
ATOM   759  N N   . ALA A 1 108 ? 2.493   -6.717  0.047   1.00 21.58 ? 236 ALA A N   1 
ATOM   760  C CA  . ALA A 1 108 ? 1.917   -7.328  1.263   1.00 22.87 ? 236 ALA A CA  1 
ATOM   761  C C   . ALA A 1 108 ? 1.552   -6.249  2.296   1.00 24.10 ? 236 ALA A C   1 
ATOM   762  O O   . ALA A 1 108 ? 2.253   -5.234  2.419   1.00 23.78 ? 236 ALA A O   1 
ATOM   763  C CB  . ALA A 1 108 ? 2.886   -8.374  1.867   1.00 22.42 ? 236 ALA A CB  1 
ATOM   764  N N   . PRO A 1 109 ? 0.427   -6.438  3.013   1.00 25.86 ? 237 PRO A N   1 
ATOM   765  C CA  . PRO A 1 109 ? -0.125  -5.349  3.854   1.00 27.80 ? 237 PRO A CA  1 
ATOM   766  C C   . PRO A 1 109 ? 0.794   -4.837  4.958   1.00 29.33 ? 237 PRO A C   1 
ATOM   767  O O   . PRO A 1 109 ? 1.592   -5.594  5.532   1.00 29.53 ? 237 PRO A O   1 
ATOM   768  C CB  . PRO A 1 109 ? -1.405  -5.952  4.462   1.00 27.46 ? 237 PRO A CB  1 
ATOM   769  C CG  . PRO A 1 109 ? -1.359  -7.411  4.139   1.00 27.22 ? 237 PRO A CG  1 
ATOM   770  C CD  . PRO A 1 109 ? -0.472  -7.599  2.942   1.00 25.62 ? 237 PRO A CD  1 
ATOM   771  N N   . LYS A 1 110 ? 0.650   -3.551  5.261   1.00 31.56 ? 238 LYS A N   1 
ATOM   772  C CA  . LYS A 1 110 ? 1.562   -2.873  6.159   1.00 33.57 ? 238 LYS A CA  1 
ATOM   773  C C   . LYS A 1 110 ? 0.831   -1.850  7.029   1.00 35.09 ? 238 LYS A C   1 
ATOM   774  O O   . LYS A 1 110 ? 0.811   -0.644  6.719   1.00 35.94 ? 238 LYS A O   1 
ATOM   775  C CB  . LYS A 1 110 ? 2.641   -2.187  5.330   1.00 33.90 ? 238 LYS A CB  1 
ATOM   776  C CG  . LYS A 1 110 ? 4.041   -2.326  5.883   1.00 32.95 ? 238 LYS A CG  1 
ATOM   777  C CD  . LYS A 1 110 ? 4.995   -1.622  4.946   1.00 30.73 ? 238 LYS A CD  1 
ATOM   778  C CE  . LYS A 1 110 ? 5.957   -0.790  5.716   1.00 31.03 ? 238 LYS A CE  1 
ATOM   779  N NZ  . LYS A 1 110 ? 6.900   -0.124  4.826   1.00 29.08 ? 238 LYS A NZ  1 
ATOM   780  N N   . GLY B 2 1   ? -26.455 30.428  2.082   1.00 41.26 ? 1   GLY D N   1 
ATOM   781  C CA  . GLY B 2 1   ? -26.107 29.586  0.904   1.00 43.07 ? 1   GLY D CA  1 
ATOM   782  C C   . GLY B 2 1   ? -25.993 30.313  -0.415  1.00 43.14 ? 1   GLY D C   1 
ATOM   783  O O   . GLY B 2 1   ? -24.907 30.656  -0.818  1.00 42.62 ? 1   GLY D O   1 
ATOM   784  N N   . GLY B 2 2   ? -27.129 30.523  -1.082  1.00 44.62 ? 2   GLY D N   1 
ATOM   785  C CA  . GLY B 2 2   ? -27.215 31.348  -2.284  1.00 45.81 ? 2   GLY D CA  1 
ATOM   786  C C   . GLY B 2 2   ? -27.886 30.609  -3.426  1.00 47.21 ? 2   GLY D C   1 
ATOM   787  O O   . GLY B 2 2   ? -27.674 29.397  -3.579  1.00 47.51 ? 2   GLY D O   1 
ATOM   788  N N   . SER B 2 3   ? -28.711 31.309  -4.218  1.00 47.82 ? 3   SER D N   1 
ATOM   789  C CA  . SER B 2 3   ? -29.106 32.717  -3.955  1.00 48.53 ? 3   SER D CA  1 
ATOM   790  C C   . SER B 2 3   ? -30.646 32.824  -3.782  1.00 48.64 ? 3   SER D C   1 
ATOM   791  O O   . SER B 2 3   ? -31.325 33.699  -4.348  1.00 49.35 ? 3   SER D O   1 
ATOM   792  C CB  . SER B 2 3   ? -28.558 33.661  -5.050  1.00 48.68 ? 3   SER D CB  1 
ATOM   793  O OG  . SER B 2 3   ? -27.171 33.949  -4.864  1.00 47.63 ? 3   SER D OG  1 
ATOM   794  N N   . GLY B 2 4   ? -31.176 31.939  -2.946  1.00 48.01 ? 4   GLY D N   1 
ATOM   795  C CA  . GLY B 2 4   ? -32.570 31.541  -3.030  1.00 46.90 ? 4   GLY D CA  1 
ATOM   796  C C   . GLY B 2 4   ? -32.578 30.027  -3.232  1.00 46.25 ? 4   GLY D C   1 
ATOM   797  O O   . GLY B 2 4   ? -33.641 29.366  -3.237  1.00 46.53 ? 4   GLY D O   1 
ATOM   798  N N   . SER B 2 5   ? -31.360 29.485  -3.369  1.00 44.91 ? 5   SER D N   1 
ATOM   799  C CA  . SER B 2 5   ? -31.113 28.101  -3.787  1.00 42.74 ? 5   SER D CA  1 
ATOM   800  C C   . SER B 2 5   ? -30.134 27.358  -2.869  1.00 40.43 ? 5   SER D C   1 
ATOM   801  O O   . SER B 2 5   ? -29.469 27.955  -2.014  1.00 40.80 ? 5   SER D O   1 
ATOM   802  C CB  . SER B 2 5   ? -30.614 28.096  -5.227  1.00 43.27 ? 5   SER D CB  1 
ATOM   803  O OG  . SER B 2 5   ? -31.523 28.814  -6.054  1.00 45.27 ? 5   SER D OG  1 
ATOM   804  N N   . SER B 2 6   ? -30.014 26.060  -3.086  1.00 36.71 ? 6   SER D N   1 
ATOM   805  C CA  . SER B 2 6   ? -29.651 25.155  -2.012  1.00 33.21 ? 6   SER D CA  1 
ATOM   806  C C   . SER B 2 6   ? -28.166 25.039  -1.723  1.00 30.82 ? 6   SER D C   1 
ATOM   807  O O   . SER B 2 6   ? -27.302 25.362  -2.562  1.00 29.44 ? 6   SER D O   1 
ATOM   808  C CB  . SER B 2 6   ? -30.249 23.780  -2.286  1.00 33.56 ? 6   SER D CB  1 
ATOM   809  O OG  . SER B 2 6   ? -30.102 23.466  -3.667  1.00 35.01 ? 6   SER D OG  1 
ATOM   810  N N   . VAL B 2 7   ? -27.900 24.607  -0.495  1.00 27.87 ? 7   VAL D N   1 
ATOM   811  C CA  . VAL B 2 7   ? -26.571 24.292  -0.011  1.00 25.59 ? 7   VAL D CA  1 
ATOM   812  C C   . VAL B 2 7   ? -26.640 22.907  0.642   1.00 25.17 ? 7   VAL D C   1 
ATOM   813  O O   . VAL B 2 7   ? -27.559 22.634  1.442   1.00 23.96 ? 7   VAL D O   1 
ATOM   814  C CB  . VAL B 2 7   ? -26.069 25.304  1.038   1.00 24.78 ? 7   VAL D CB  1 
ATOM   815  C CG1 . VAL B 2 7   ? -24.545 25.170  1.221   1.00 22.24 ? 7   VAL D CG1 1 
ATOM   816  C CG2 . VAL B 2 7   ? -26.432 26.728  0.629   1.00 25.28 ? 7   VAL D CG2 1 
ATOM   817  N N   . SER B 2 8   ? -25.662 22.057  0.320   1.00 23.93 ? 8   SER D N   1 
ATOM   818  C CA  . SER B 2 8   ? -25.560 20.729  0.933   1.00 23.83 ? 8   SER D CA  1 
ATOM   819  C C   . SER B 2 8   ? -24.163 20.521  1.479   1.00 23.31 ? 8   SER D C   1 
ATOM   820  O O   . SER B 2 8   ? -23.213 21.099  0.970   1.00 23.59 ? 8   SER D O   1 
ATOM   821  C CB  . SER B 2 8   ? -25.839 19.644  -0.099  1.00 23.97 ? 8   SER D CB  1 
ATOM   822  O OG  . SER B 2 8   ? -27.185 19.667  -0.517  1.00 25.23 ? 8   SER D OG  1 
ATOM   823  N N   . SER B 2 9   ? -24.023 19.675  2.494   1.00 22.74 ? 9   SER D N   1 
ATOM   824  C CA  . SER B 2 9   ? -22.697 19.190  2.867   1.00 21.79 ? 9   SER D CA  1 
ATOM   825  C C   . SER B 2 9   ? -22.149 18.375  1.668   1.00 21.07 ? 9   SER D C   1 
ATOM   826  O O   . SER B 2 9   ? -22.925 17.764  0.913   1.00 19.72 ? 9   SER D O   1 
ATOM   827  C CB  . SER B 2 9   ? -22.777 18.347  4.157   1.00 22.35 ? 9   SER D CB  1 
ATOM   828  O OG  . SER B 2 9   ? -23.129 19.149  5.307   1.00 23.85 ? 9   SER D OG  1 
ATOM   829  N N   . VAL B 2 10  ? -20.832 18.399  1.458   1.00 20.21 ? 10  VAL D N   1 
ATOM   830  C CA  . VAL B 2 10  ? -20.226 17.563  0.417   1.00 20.28 ? 10  VAL D CA  1 
ATOM   831  C C   . VAL B 2 10  ? -20.445 16.104  0.871   1.00 20.48 ? 10  VAL D C   1 
ATOM   832  O O   . VAL B 2 10  ? -20.184 15.788  2.027   1.00 20.11 ? 10  VAL D O   1 
ATOM   833  C CB  . VAL B 2 10  ? -18.700 17.844  0.253   1.00 20.44 ? 10  VAL D CB  1 
ATOM   834  C CG1 . VAL B 2 10  ? -18.044 16.784  -0.644  1.00 21.92 ? 10  VAL D CG1 1 
ATOM   835  C CG2 . VAL B 2 10  ? -18.454 19.216  -0.341  1.00 20.36 ? 10  VAL D CG2 1 
ATOM   836  N N   . PRO B 2 11  ? -20.947 15.221  -0.020  1.00 20.94 ? 11  PRO D N   1 
ATOM   837  C CA  . PRO B 2 11  ? -21.129 13.840  0.447   1.00 22.10 ? 11  PRO D CA  1 
ATOM   838  C C   . PRO B 2 11  ? -19.818 13.059  0.411   1.00 22.93 ? 11  PRO D C   1 
ATOM   839  O O   . PRO B 2 11  ? -18.861 13.454  -0.261  1.00 23.36 ? 11  PRO D O   1 
ATOM   840  C CB  . PRO B 2 11  ? -22.118 13.247  -0.563  1.00 22.28 ? 11  PRO D CB  1 
ATOM   841  C CG  . PRO B 2 11  ? -21.840 14.016  -1.851  1.00 21.53 ? 11  PRO D CG  1 
ATOM   842  C CD  . PRO B 2 11  ? -21.377 15.405  -1.417  1.00 20.29 ? 11  PRO D CD  1 
ATOM   843  N N   . THR B 2 12  ? -19.763 11.959  1.147   1.00 24.06 ? 12  THR D N   1 
ATOM   844  C CA  . THR B 2 12  ? -18.581 11.091  1.102   1.00 24.08 ? 12  THR D CA  1 
ATOM   845  C C   . THR B 2 12  ? -18.862 9.942   0.145   1.00 24.12 ? 12  THR D C   1 
ATOM   846  O O   . THR B 2 12  ? -20.014 9.527   -0.034  1.00 23.81 ? 12  THR D O   1 
ATOM   847  C CB  . THR B 2 12  ? -18.219 10.551  2.508   1.00 24.43 ? 12  THR D CB  1 
ATOM   848  O OG1 . THR B 2 12  ? -17.044 9.712   2.426   1.00 26.73 ? 12  THR D OG1 1 
ATOM   849  C CG2 . THR B 2 12  ? -19.390 9.762   3.089   1.00 23.61 ? 12  THR D CG2 1 
ATOM   850  N N   . LYS B 2 13  ? -17.804 9.428   -0.468  1.00 24.45 ? 13  LYS D N   1 
ATOM   851  C CA  . LYS B 2 13  ? -17.915 8.267   -1.341  1.00 24.70 ? 13  LYS D CA  1 
ATOM   852  C C   . LYS B 2 13  ? -17.435 7.016   -0.571  1.00 24.15 ? 13  LYS D C   1 
ATOM   853  O O   . LYS B 2 13  ? -17.401 5.904   -1.098  1.00 24.58 ? 13  LYS D O   1 
ATOM   854  C CB  . LYS B 2 13  ? -17.109 8.490   -2.621  1.00 25.26 ? 13  LYS D CB  1 
ATOM   855  C CG  . LYS B 2 13  ? -17.471 9.780   -3.365  1.00 28.10 ? 13  LYS D CG  1 
ATOM   856  C CD  . LYS B 2 13  ? -16.687 9.917   -4.678  1.00 31.63 ? 13  LYS D CD  1 
ATOM   857  C CE  . LYS B 2 13  ? -17.502 10.706  -5.706  1.00 33.67 ? 13  LYS D CE  1 
ATOM   858  N NZ  . LYS B 2 13  ? -16.869 10.783  -7.074  1.00 34.52 ? 13  LYS D NZ  1 
ATOM   859  N N   . LEU B 2 14  ? -17.070 7.220   0.686   1.00 23.37 ? 14  LEU D N   1 
ATOM   860  C CA  . LEU B 2 14  ? -16.719 6.132   1.575   1.00 22.93 ? 14  LEU D CA  1 
ATOM   861  C C   . LEU B 2 14  ? -17.945 5.636   2.378   1.00 22.44 ? 14  LEU D C   1 
ATOM   862  O O   . LEU B 2 14  ? -18.871 6.420   2.681   1.00 22.42 ? 14  LEU D O   1 
ATOM   863  C CB  . LEU B 2 14  ? -15.618 6.600   2.510   1.00 22.40 ? 14  LEU D CB  1 
ATOM   864  C CG  . LEU B 2 14  ? -14.236 6.795   1.871   1.00 23.28 ? 14  LEU D CG  1 
ATOM   865  C CD1 . LEU B 2 14  ? -13.353 7.530   2.851   1.00 20.96 ? 14  LEU D CD1 1 
ATOM   866  C CD2 . LEU B 2 14  ? -13.571 5.456   1.444   1.00 20.50 ? 14  LEU D CD2 1 
ATOM   867  N N   . GLU B 2 15  ? -17.962 4.341   2.692   1.00 21.68 ? 15  GLU D N   1 
ATOM   868  C CA  . GLU B 2 15  ? -18.985 3.780   3.578   1.00 21.38 ? 15  GLU D CA  1 
ATOM   869  C C   . GLU B 2 15  ? -18.351 3.243   4.844   1.00 19.70 ? 15  GLU D C   1 
ATOM   870  O O   . GLU B 2 15  ? -17.264 2.672   4.791   1.00 18.76 ? 15  GLU D O   1 
ATOM   871  C CB  . GLU B 2 15  ? -19.750 2.661   2.887   1.00 21.91 ? 15  GLU D CB  1 
ATOM   872  C CG  . GLU B 2 15  ? -20.489 3.096   1.657   1.00 26.49 ? 15  GLU D CG  1 
ATOM   873  C CD  . GLU B 2 15  ? -21.553 2.103   1.246   1.00 33.42 ? 15  GLU D CD  1 
ATOM   874  O OE1 . GLU B 2 15  ? -22.695 2.193   1.776   1.00 36.26 ? 15  GLU D OE1 1 
ATOM   875  O OE2 . GLU B 2 15  ? -21.248 1.244   0.385   1.00 36.77 ? 15  GLU D OE2 1 
ATOM   876  N N   . VAL B 2 16  ? -19.009 3.431   5.988   1.00 18.10 ? 16  VAL D N   1 
ATOM   877  C CA  . VAL B 2 16  ? -18.534 2.812   7.226   1.00 16.82 ? 16  VAL D CA  1 
ATOM   878  C C   . VAL B 2 16  ? -19.330 1.519   7.416   1.00 16.44 ? 16  VAL D C   1 
ATOM   879  O O   . VAL B 2 16  ? -20.532 1.574   7.654   1.00 17.04 ? 16  VAL D O   1 
ATOM   880  C CB  . VAL B 2 16  ? -18.643 3.740   8.444   1.00 17.30 ? 16  VAL D CB  1 
ATOM   881  C CG1 . VAL B 2 16  ? -18.338 2.981   9.753   1.00 17.07 ? 16  VAL D CG1 1 
ATOM   882  C CG2 . VAL B 2 16  ? -17.686 4.946   8.296   1.00 17.85 ? 16  VAL D CG2 1 
ATOM   883  N N   . VAL B 2 17  ? -18.665 0.375   7.259   1.00 15.95 ? 17  VAL D N   1 
ATOM   884  C CA  . VAL B 2 17  ? -19.341 -0.956  7.204   1.00 15.60 ? 17  VAL D CA  1 
ATOM   885  C C   . VAL B 2 17  ? -19.295 -1.691  8.537   1.00 16.18 ? 17  VAL D C   1 
ATOM   886  O O   . VAL B 2 17  ? -19.928 -2.756  8.720   1.00 15.40 ? 17  VAL D O   1 
ATOM   887  C CB  . VAL B 2 17  ? -18.795 -1.868  6.071   1.00 14.19 ? 17  VAL D CB  1 
ATOM   888  C CG1 . VAL B 2 17  ? -19.077 -1.240  4.691   1.00 16.29 ? 17  VAL D CG1 1 
ATOM   889  C CG2 . VAL B 2 17  ? -17.307 -2.143  6.237   1.00 12.68 ? 17  VAL D CG2 1 
ATOM   890  N N   . ASP B 2 18  ? -18.562 -1.116  9.480   1.00 17.06 ? 18  ASP D N   1 
ATOM   891  C CA  . ASP B 2 18  ? -18.412 -1.746  10.795  1.00 19.48 ? 18  ASP D CA  1 
ATOM   892  C C   . ASP B 2 18  ? -17.954 -0.665  11.759  1.00 19.68 ? 18  ASP D C   1 
ATOM   893  O O   . ASP B 2 18  ? -17.129 0.196   11.394  1.00 18.03 ? 18  ASP D O   1 
ATOM   894  C CB  . ASP B 2 18  ? -17.343 -2.832  10.671  1.00 20.73 ? 18  ASP D CB  1 
ATOM   895  C CG  . ASP B 2 18  ? -17.307 -3.766  11.818  1.00 28.10 ? 18  ASP D CG  1 
ATOM   896  O OD1 . ASP B 2 18  ? -16.917 -4.940  11.583  1.00 35.00 ? 18  ASP D OD1 1 
ATOM   897  O OD2 . ASP B 2 18  ? -17.631 -3.360  12.967  1.00 38.09 ? 18  ASP D OD2 1 
ATOM   898  N N   . ALA B 2 19  ? -18.479 -0.699  12.982  1.00 19.51 ? 19  ALA D N   1 
ATOM   899  C CA  . ALA B 2 19  ? -18.035 0.239   14.004  1.00 20.42 ? 19  ALA D CA  1 
ATOM   900  C C   . ALA B 2 19  ? -18.138 -0.371  15.392  1.00 21.39 ? 19  ALA D C   1 
ATOM   901  O O   . ALA B 2 19  ? -19.135 -1.034  15.708  1.00 21.96 ? 19  ALA D O   1 
ATOM   902  C CB  . ALA B 2 19  ? -18.824 1.518   13.927  1.00 19.53 ? 19  ALA D CB  1 
ATOM   903  N N   . THR B 2 20  ? -17.079 -0.204  16.191  1.00 21.85 ? 20  THR D N   1 
ATOM   904  C CA  . THR B 2 20  ? -17.104 -0.503  17.634  1.00 21.39 ? 20  THR D CA  1 
ATOM   905  C C   . THR B 2 20  ? -16.653 0.783   18.342  1.00 22.00 ? 20  THR D C   1 
ATOM   906  O O   . THR B 2 20  ? -16.386 1.782   17.671  1.00 21.64 ? 20  THR D O   1 
ATOM   907  C CB  . THR B 2 20  ? -16.222 -1.728  18.016  1.00 21.03 ? 20  THR D CB  1 
ATOM   908  O OG1 . THR B 2 20  ? -14.852 -1.355  18.029  1.00 20.67 ? 20  THR D OG1 1 
ATOM   909  C CG2 . THR B 2 20  ? -16.412 -2.898  17.043  1.00 20.66 ? 20  THR D CG2 1 
ATOM   910  N N   . PRO B 2 21  ? -16.570 0.795   19.693  1.00 22.23 ? 21  PRO D N   1 
ATOM   911  C CA  . PRO B 2 21  ? -16.190 2.100   20.292  1.00 22.39 ? 21  PRO D CA  1 
ATOM   912  C C   . PRO B 2 21  ? -14.804 2.630   19.917  1.00 22.43 ? 21  PRO D C   1 
ATOM   913  O O   . PRO B 2 21  ? -14.618 3.844   19.889  1.00 22.51 ? 21  PRO D O   1 
ATOM   914  C CB  . PRO B 2 21  ? -16.269 1.836   21.804  1.00 22.66 ? 21  PRO D CB  1 
ATOM   915  C CG  . PRO B 2 21  ? -17.280 0.718   21.918  1.00 22.51 ? 21  PRO D CG  1 
ATOM   916  C CD  . PRO B 2 21  ? -17.080 -0.150  20.707  1.00 22.17 ? 21  PRO D CD  1 
ATOM   917  N N   . THR B 2 22  ? -13.849 1.753   19.615  1.00 22.42 ? 22  THR D N   1 
ATOM   918  C CA  . THR B 2 22  ? -12.486 2.207   19.325  1.00 22.64 ? 22  THR D CA  1 
ATOM   919  C C   . THR B 2 22  ? -12.027 1.936   17.870  1.00 22.26 ? 22  THR D C   1 
ATOM   920  O O   . THR B 2 22  ? -10.830 1.986   17.581  1.00 22.41 ? 22  THR D O   1 
ATOM   921  C CB  . THR B 2 22  ? -11.440 1.578   20.302  1.00 22.82 ? 22  THR D CB  1 
ATOM   922  O OG1 . THR B 2 22  ? -11.469 0.149   20.187  1.00 24.33 ? 22  THR D OG1 1 
ATOM   923  C CG2 . THR B 2 22  ? -11.715 1.971   21.746  1.00 23.75 ? 22  THR D CG2 1 
ATOM   924  N N   . SER B 2 23  ? -12.958 1.635   16.970  1.00 20.87 ? 23  SER D N   1 
ATOM   925  C CA  . SER B 2 23  ? -12.570 1.216   15.621  1.00 21.07 ? 23  SER D CA  1 
ATOM   926  C C   . SER B 2 23  ? -13.680 1.366   14.604  1.00 20.37 ? 23  SER D C   1 
ATOM   927  O O   . SER B 2 23  ? -14.871 1.323   14.933  1.00 19.72 ? 23  SER D O   1 
ATOM   928  C CB  . SER B 2 23  ? -12.044 -0.231  15.596  1.00 21.14 ? 23  SER D CB  1 
ATOM   929  O OG  . SER B 2 23  ? -13.132 -1.139  15.645  1.00 22.88 ? 23  SER D OG  1 
ATOM   930  N N   . LEU B 2 24  ? -13.264 1.539   13.359  1.00 19.48 ? 24  LEU D N   1 
ATOM   931  C CA  . LEU B 2 24  ? -14.182 1.753   12.260  1.00 19.24 ? 24  LEU D CA  1 
ATOM   932  C C   . LEU B 2 24  ? -13.642 0.913   11.126  1.00 18.82 ? 24  LEU D C   1 
ATOM   933  O O   . LEU B 2 24  ? -12.426 0.802   10.970  1.00 18.76 ? 24  LEU D O   1 
ATOM   934  C CB  . LEU B 2 24  ? -14.196 3.242   11.852  1.00 19.59 ? 24  LEU D CB  1 
ATOM   935  C CG  . LEU B 2 24  ? -14.866 4.313   12.725  1.00 19.60 ? 24  LEU D CG  1 
ATOM   936  C CD1 . LEU B 2 24  ? -14.457 5.736   12.280  1.00 17.73 ? 24  LEU D CD1 1 
ATOM   937  C CD2 . LEU B 2 24  ? -16.414 4.153   12.691  1.00 20.33 ? 24  LEU D CD2 1 
ATOM   938  N N   . LYS B 2 25  ? -14.524 0.295   10.354  1.00 17.24 ? 25  LYS D N   1 
ATOM   939  C CA  . LYS B 2 25  ? -14.105 -0.316  9.104   1.00 17.16 ? 25  LYS D CA  1 
ATOM   940  C C   . LYS B 2 25  ? -14.694 0.495   7.971   1.00 16.21 ? 25  LYS D C   1 
ATOM   941  O O   . LYS B 2 25  ? -15.913 0.665   7.892   1.00 16.01 ? 25  LYS D O   1 
ATOM   942  C CB  . LYS B 2 25  ? -14.539 -1.802  9.023   1.00 16.95 ? 25  LYS D CB  1 
ATOM   943  C CG  . LYS B 2 25  ? -14.072 -2.535  7.751   1.00 18.33 ? 25  LYS D CG  1 
ATOM   944  C CD  . LYS B 2 25  ? -14.407 -4.046  7.791   1.00 21.58 ? 25  LYS D CD  1 
ATOM   945  C CE  . LYS B 2 25  ? -13.368 -4.820  8.642   1.00 23.19 ? 25  LYS D CE  1 
ATOM   946  N NZ  . LYS B 2 25  ? -13.273 -6.220  8.218   1.00 25.45 ? 25  LYS D NZ  1 
ATOM   947  N N   . ILE B 2 26  ? -13.838 0.984   7.079   1.00 16.30 ? 26  ILE D N   1 
ATOM   948  C CA  . ILE B 2 26  ? -14.300 1.759   5.920   1.00 16.36 ? 26  ILE D CA  1 
ATOM   949  C C   . ILE B 2 26  ? -14.239 0.957   4.632   1.00 16.46 ? 26  ILE D C   1 
ATOM   950  O O   . ILE B 2 26  ? -13.322 0.155   4.443   1.00 16.26 ? 26  ILE D O   1 
ATOM   951  C CB  . ILE B 2 26  ? -13.477 3.063   5.746   1.00 17.51 ? 26  ILE D CB  1 
ATOM   952  C CG1 . ILE B 2 26  ? -11.980 2.737   5.727   1.00 17.41 ? 26  ILE D CG1 1 
ATOM   953  C CG2 . ILE B 2 26  ? -13.777 4.044   6.909   1.00 18.08 ? 26  ILE D CG2 1 
ATOM   954  C CD1 . ILE B 2 26  ? -11.141 3.753   5.004   1.00 21.82 ? 26  ILE D CD1 1 
ATOM   955  N N   . SER B 2 27  ? -15.190 1.213   3.733   1.00 16.28 ? 27  SER D N   1 
ATOM   956  C CA  . SER B 2 27  ? -15.202 0.617   2.412   1.00 17.33 ? 27  SER D CA  1 
ATOM   957  C C   . SER B 2 27  ? -15.136 1.653   1.282   1.00 18.23 ? 27  SER D C   1 
ATOM   958  O O   . SER B 2 27  ? -15.869 2.643   1.283   1.00 17.90 ? 27  SER D O   1 
ATOM   959  C CB  . SER B 2 27  ? -16.445 -0.255  2.228   1.00 17.33 ? 27  SER D CB  1 
ATOM   960  O OG  . SER B 2 27  ? -16.651 -0.603  0.865   1.00 16.77 ? 27  SER D OG  1 
ATOM   961  N N   . TRP B 2 28  ? -14.257 1.409   0.323   1.00 19.37 ? 28  TRP D N   1 
ATOM   962  C CA  . TRP B 2 28  ? -14.203 2.200   -0.910  1.00 21.40 ? 28  TRP D CA  1 
ATOM   963  C C   . TRP B 2 28  ? -14.670 1.371   -2.125  1.00 24.51 ? 28  TRP D C   1 
ATOM   964  O O   . TRP B 2 28  ? -14.514 1.775   -3.275  1.00 24.34 ? 28  TRP D O   1 
ATOM   965  C CB  . TRP B 2 28  ? -12.780 2.684   -1.136  1.00 20.41 ? 28  TRP D CB  1 
ATOM   966  C CG  . TRP B 2 28  ? -11.792 1.551   -1.034  1.00 17.56 ? 28  TRP D CG  1 
ATOM   967  C CD1 . TRP B 2 28  ? -11.489 0.619   -1.999  1.00 16.22 ? 28  TRP D CD1 1 
ATOM   968  C CD2 . TRP B 2 28  ? -10.996 1.228   0.106   1.00 14.07 ? 28  TRP D CD2 1 
ATOM   969  N NE1 . TRP B 2 28  ? -10.531 -0.260  -1.522  1.00 15.58 ? 28  TRP D NE1 1 
ATOM   970  C CE2 . TRP B 2 28  ? -10.212 0.093   -0.235  1.00 15.03 ? 28  TRP D CE2 1 
ATOM   971  C CE3 . TRP B 2 28  ? -10.873 1.784   1.392   1.00 15.34 ? 28  TRP D CE3 1 
ATOM   972  C CZ2 . TRP B 2 28  ? -9.324  -0.497  0.662   1.00 11.53 ? 28  TRP D CZ2 1 
ATOM   973  C CZ3 . TRP B 2 28  ? -9.979  1.212   2.276   1.00 15.38 ? 28  TRP D CZ3 1 
ATOM   974  C CH2 . TRP B 2 28  ? -9.217  0.065   1.904   1.00 15.54 ? 28  TRP D CH2 1 
ATOM   975  N N   . ASP B 2 29  ? -15.227 0.202   -1.850  1.00 28.84 ? 29  ASP D N   1 
ATOM   976  C CA  . ASP B 2 29  ? -15.738 -0.708  -2.872  1.00 34.06 ? 29  ASP D CA  1 
ATOM   977  C C   . ASP B 2 29  ? -16.556 -0.033  -3.994  1.00 36.89 ? 29  ASP D C   1 
ATOM   978  O O   . ASP B 2 29  ? -16.631 -0.546  -5.111  1.00 38.45 ? 29  ASP D O   1 
ATOM   979  C CB  . ASP B 2 29  ? -16.576 -1.782  -2.185  1.00 34.58 ? 29  ASP D CB  1 
ATOM   980  C CG  . ASP B 2 29  ? -16.791 -3.005  -3.043  1.00 38.14 ? 29  ASP D CG  1 
ATOM   981  O OD1 . ASP B 2 29  ? -15.910 -3.344  -3.871  1.00 41.39 ? 29  ASP D OD1 1 
ATOM   982  O OD2 . ASP B 2 29  ? -17.857 -3.637  -2.876  1.00 41.96 ? 29  ASP D OD2 1 
ATOM   983  N N   . ALA B 2 30  ? -17.165 1.115   -3.714  1.00 39.64 ? 30  ALA D N   1 
ATOM   984  C CA  . ALA B 2 30  ? -18.001 1.776   -4.719  1.00 41.97 ? 30  ALA D CA  1 
ATOM   985  C C   . ALA B 2 30  ? -17.320 2.956   -5.424  1.00 43.58 ? 30  ALA D C   1 
ATOM   986  O O   . ALA B 2 30  ? -17.995 3.790   -6.034  1.00 44.24 ? 30  ALA D O   1 
ATOM   987  C CB  . ALA B 2 30  ? -19.337 2.211   -4.092  1.00 42.23 ? 30  ALA D CB  1 
ATOM   988  N N   . TYR B 2 31  ? -15.992 3.038   -5.356  1.00 45.30 ? 31  TYR D N   1 
ATOM   989  C CA  . TYR B 2 31  ? -15.314 4.177   -5.969  1.00 46.79 ? 31  TYR D CA  1 
ATOM   990  C C   . TYR B 2 31  ? -14.015 3.847   -6.680  1.00 47.38 ? 31  TYR D C   1 
ATOM   991  O O   . TYR B 2 31  ? -13.823 4.223   -7.840  1.00 47.99 ? 31  TYR D O   1 
ATOM   992  C CB  . TYR B 2 31  ? -15.094 5.301   -4.955  1.00 46.98 ? 31  TYR D CB  1 
ATOM   993  C CG  . TYR B 2 31  ? -14.419 6.519   -5.551  1.00 48.24 ? 31  TYR D CG  1 
ATOM   994  C CD1 . TYR B 2 31  ? -13.113 6.849   -5.201  1.00 48.45 ? 31  TYR D CD1 1 
ATOM   995  C CD2 . TYR B 2 31  ? -15.083 7.333   -6.485  1.00 49.56 ? 31  TYR D CD2 1 
ATOM   996  C CE1 . TYR B 2 31  ? -12.480 7.970   -5.748  1.00 50.69 ? 31  TYR D CE1 1 
ATOM   997  C CE2 . TYR B 2 31  ? -14.458 8.464   -7.040  1.00 49.72 ? 31  TYR D CE2 1 
ATOM   998  C CZ  . TYR B 2 31  ? -13.154 8.779   -6.659  1.00 50.93 ? 31  TYR D CZ  1 
ATOM   999  O OH  . TYR B 2 31  ? -12.502 9.879   -7.184  1.00 50.55 ? 31  TYR D OH  1 
ATOM   1000 N N   . TYR B 2 32  ? -13.109 3.176   -5.986  1.00 48.09 ? 32  TYR D N   1 
ATOM   1001 C CA  . TYR B 2 32  ? -11.862 2.762   -6.615  1.00 48.32 ? 32  TYR D CA  1 
ATOM   1002 C C   . TYR B 2 32  ? -12.073 1.399   -7.232  1.00 49.16 ? 32  TYR D C   1 
ATOM   1003 O O   . TYR B 2 32  ? -11.119 0.718   -7.637  1.00 49.45 ? 32  TYR D O   1 
ATOM   1004 C CB  . TYR B 2 32  ? -10.705 2.789   -5.624  1.00 48.11 ? 32  TYR D CB  1 
ATOM   1005 C CG  . TYR B 2 32  ? -10.295 4.196   -5.253  1.00 46.05 ? 32  TYR D CG  1 
ATOM   1006 C CD1 . TYR B 2 32  ? -9.904  5.105   -6.230  1.00 44.58 ? 32  TYR D CD1 1 
ATOM   1007 C CD2 . TYR B 2 32  ? -10.301 4.614   -3.929  1.00 44.67 ? 32  TYR D CD2 1 
ATOM   1008 C CE1 . TYR B 2 32  ? -9.528  6.392   -5.902  1.00 43.88 ? 32  TYR D CE1 1 
ATOM   1009 C CE2 . TYR B 2 32  ? -9.924  5.900   -3.590  1.00 43.69 ? 32  TYR D CE2 1 
ATOM   1010 C CZ  . TYR B 2 32  ? -9.543  6.782   -4.581  1.00 43.46 ? 32  TYR D CZ  1 
ATOM   1011 O OH  . TYR B 2 32  ? -9.171  8.061   -4.247  1.00 44.41 ? 32  TYR D OH  1 
ATOM   1012 N N   . SER B 2 33  ? -13.351 1.024   -7.291  1.00 49.76 ? 33  SER D N   1 
ATOM   1013 C CA  . SER B 2 33  ? -13.840 -0.099  -8.074  1.00 50.41 ? 33  SER D CA  1 
ATOM   1014 C C   . SER B 2 33  ? -13.835 0.284   -9.563  1.00 50.80 ? 33  SER D C   1 
ATOM   1015 O O   . SER B 2 33  ? -13.594 -0.565  -10.430 1.00 50.88 ? 33  SER D O   1 
ATOM   1016 C CB  . SER B 2 33  ? -15.257 -0.446  -7.614  1.00 50.34 ? 33  SER D CB  1 
ATOM   1017 O OG  . SER B 2 33  ? -15.831 -1.494  -8.374  1.00 50.87 ? 33  SER D OG  1 
ATOM   1018 N N   . SER B 2 34  ? -14.104 1.568   -9.835  1.00 51.03 ? 34  SER D N   1 
ATOM   1019 C CA  . SER B 2 34  ? -14.119 2.142   -11.190 1.00 50.97 ? 34  SER D CA  1 
ATOM   1020 C C   . SER B 2 34  ? -12.699 2.517   -11.643 1.00 50.82 ? 34  SER D C   1 
ATOM   1021 O O   . SER B 2 34  ? -12.255 2.152   -12.747 1.00 50.72 ? 34  SER D O   1 
ATOM   1022 C CB  . SER B 2 34  ? -15.012 3.396   -11.231 1.00 51.25 ? 34  SER D CB  1 
ATOM   1023 O OG  . SER B 2 34  ? -16.125 3.290   -10.355 1.00 51.71 ? 34  SER D OG  1 
ATOM   1024 N N   . TRP B 2 35  ? -11.997 3.263   -10.789 1.00 49.99 ? 35  TRP D N   1 
ATOM   1025 C CA  . TRP B 2 35  ? -10.612 3.608   -11.059 1.00 48.94 ? 35  TRP D CA  1 
ATOM   1026 C C   . TRP B 2 35  ? -9.692  2.435   -10.762 1.00 47.00 ? 35  TRP D C   1 
ATOM   1027 O O   . TRP B 2 35  ? -9.620  1.974   -9.612  1.00 47.22 ? 35  TRP D O   1 
ATOM   1028 C CB  . TRP B 2 35  ? -10.191 4.890   -10.334 1.00 49.81 ? 35  TRP D CB  1 
ATOM   1029 C CG  . TRP B 2 35  ? -9.937  5.971   -11.317 1.00 52.07 ? 35  TRP D CG  1 
ATOM   1030 C CD1 . TRP B 2 35  ? -10.710 7.072   -11.560 1.00 53.78 ? 35  TRP D CD1 1 
ATOM   1031 C CD2 . TRP B 2 35  ? -8.842  6.034   -12.239 1.00 54.83 ? 35  TRP D CD2 1 
ATOM   1032 N NE1 . TRP B 2 35  ? -10.150 7.832   -12.564 1.00 54.42 ? 35  TRP D NE1 1 
ATOM   1033 C CE2 . TRP B 2 35  ? -9.007  7.215   -13.002 1.00 55.03 ? 35  TRP D CE2 1 
ATOM   1034 C CE3 . TRP B 2 35  ? -7.728  5.207   -12.489 1.00 55.64 ? 35  TRP D CE3 1 
ATOM   1035 C CZ2 . TRP B 2 35  ? -8.102  7.592   -13.999 1.00 55.35 ? 35  TRP D CZ2 1 
ATOM   1036 C CZ3 . TRP B 2 35  ? -6.831  5.583   -13.482 1.00 56.00 ? 35  TRP D CZ3 1 
ATOM   1037 C CH2 . TRP B 2 35  ? -7.024  6.768   -14.221 1.00 56.46 ? 35  TRP D CH2 1 
ATOM   1038 N N   . GLN B 2 36  ? -8.991  1.970   -11.804 1.00 44.23 ? 36  GLN D N   1 
ATOM   1039 C CA  . GLN B 2 36  ? -8.438  0.604   -11.814 1.00 41.23 ? 36  GLN D CA  1 
ATOM   1040 C C   . GLN B 2 36  ? -6.928  0.456   -12.028 1.00 37.88 ? 36  GLN D C   1 
ATOM   1041 O O   . GLN B 2 36  ? -6.229  1.431   -12.280 1.00 37.91 ? 36  GLN D O   1 
ATOM   1042 C CB  . GLN B 2 36  ? -9.228  -0.273  -12.796 1.00 41.72 ? 36  GLN D CB  1 
ATOM   1043 C CG  . GLN B 2 36  ? -8.885  -0.072  -14.263 1.00 43.66 ? 36  GLN D CG  1 
ATOM   1044 C CD  . GLN B 2 36  ? -9.815  -0.844  -15.158 1.00 46.93 ? 36  GLN D CD  1 
ATOM   1045 O OE1 . GLN B 2 36  ? -9.956  -2.068  -15.023 1.00 47.43 ? 36  GLN D OE1 1 
ATOM   1046 N NE2 . GLN B 2 36  ? -10.472 -0.136  -16.078 1.00 47.90 ? 36  GLN D NE2 1 
ATOM   1047 N N   . ASN B 2 37  ? -6.457  -0.787  -11.938 1.00 34.37 ? 37  ASN D N   1 
ATOM   1048 C CA  . ASN B 2 37  ? -5.031  -1.134  -11.805 1.00 30.72 ? 37  ASN D CA  1 
ATOM   1049 C C   . ASN B 2 37  ? -4.387  -0.522  -10.544 1.00 27.22 ? 37  ASN D C   1 
ATOM   1050 O O   . ASN B 2 37  ? -3.195  -0.158  -10.548 1.00 26.47 ? 37  ASN D O   1 
ATOM   1051 C CB  . ASN B 2 37  ? -4.239  -0.792  -13.083 1.00 31.76 ? 37  ASN D CB  1 
ATOM   1052 C CG  . ASN B 2 37  ? -3.010  -1.677  -13.275 1.00 35.00 ? 37  ASN D CG  1 
ATOM   1053 O OD1 . ASN B 2 37  ? -3.030  -2.879  -12.964 1.00 38.17 ? 37  ASN D OD1 1 
ATOM   1054 N ND2 . ASN B 2 37  ? -1.935  -1.088  -13.795 1.00 37.30 ? 37  ASN D ND2 1 
ATOM   1055 N N   . VAL B 2 38  ? -5.174  -0.412  -9.474  1.00 22.61 ? 38  VAL D N   1 
ATOM   1056 C CA  . VAL B 2 38  ? -4.648  0.036   -8.192  1.00 19.82 ? 38  VAL D CA  1 
ATOM   1057 C C   . VAL B 2 38  ? -3.687  -1.023  -7.652  1.00 17.94 ? 38  VAL D C   1 
ATOM   1058 O O   . VAL B 2 38  ? -4.028  -2.218  -7.631  1.00 17.44 ? 38  VAL D O   1 
ATOM   1059 C CB  . VAL B 2 38  ? -5.767  0.326   -7.157  1.00 19.96 ? 38  VAL D CB  1 
ATOM   1060 C CG1 . VAL B 2 38  ? -5.165  0.746   -5.818  1.00 19.28 ? 38  VAL D CG1 1 
ATOM   1061 C CG2 . VAL B 2 38  ? -6.709  1.409   -7.663  1.00 19.43 ? 38  VAL D CG2 1 
ATOM   1062 N N   . LYS B 2 39  ? -2.497  -0.569  -7.245  1.00 15.48 ? 39  LYS D N   1 
ATOM   1063 C CA  . LYS B 2 39  ? -1.454  -1.412  -6.649  1.00 14.60 ? 39  LYS D CA  1 
ATOM   1064 C C   . LYS B 2 39  ? -1.630  -1.505  -5.131  1.00 13.64 ? 39  LYS D C   1 
ATOM   1065 O O   . LYS B 2 39  ? -1.522  -2.573  -4.567  1.00 13.57 ? 39  LYS D O   1 
ATOM   1066 C CB  . LYS B 2 39  ? -0.047  -0.872  -6.984  1.00 14.08 ? 39  LYS D CB  1 
ATOM   1067 C CG  . LYS B 2 39  ? 0.245   -0.739  -8.503  1.00 15.42 ? 39  LYS D CG  1 
ATOM   1068 C CD  . LYS B 2 39  ? 0.092   -2.053  -9.248  1.00 14.40 ? 39  LYS D CD  1 
ATOM   1069 C CE  . LYS B 2 39  ? 0.543   -1.942  -10.721 1.00 16.87 ? 39  LYS D CE  1 
ATOM   1070 N NZ  . LYS B 2 39  ? -0.231  -0.885  -11.454 1.00 16.88 ? 39  LYS D NZ  1 
ATOM   1071 N N   . TYR B 2 40  ? -1.913  -0.372  -4.499  1.00 11.72 ? 40  TYR D N   1 
ATOM   1072 C CA  . TYR B 2 40  ? -2.147  -0.292  -3.059  1.00 11.64 ? 40  TYR D CA  1 
ATOM   1073 C C   . TYR B 2 40  ? -2.901  0.983   -2.710  1.00 12.01 ? 40  TYR D C   1 
ATOM   1074 O O   . TYR B 2 40  ? -2.951  1.939   -3.524  1.00 11.22 ? 40  TYR D O   1 
ATOM   1075 C CB  . TYR B 2 40  ? -0.839  -0.370  -2.252  1.00 10.41 ? 40  TYR D CB  1 
ATOM   1076 C CG  . TYR B 2 40  ? 0.079   0.830   -2.392  1.00 12.36 ? 40  TYR D CG  1 
ATOM   1077 C CD1 . TYR B 2 40  ? 0.965   0.949   -3.488  1.00 11.03 ? 40  TYR D CD1 1 
ATOM   1078 C CD2 . TYR B 2 40  ? 0.097   1.830   -1.397  1.00 12.13 ? 40  TYR D CD2 1 
ATOM   1079 C CE1 . TYR B 2 40  ? 1.832   2.085   -3.596  1.00 13.21 ? 40  TYR D CE1 1 
ATOM   1080 C CE2 . TYR B 2 40  ? 0.942   2.942   -1.489  1.00 14.45 ? 40  TYR D CE2 1 
ATOM   1081 C CZ  . TYR B 2 40  ? 1.795   3.065   -2.601  1.00 13.30 ? 40  TYR D CZ  1 
ATOM   1082 O OH  . TYR B 2 40  ? 2.593   4.165   -2.666  1.00 16.98 ? 40  TYR D OH  1 
ATOM   1083 N N   . TYR B 2 41  ? -3.476  0.977   -1.503  1.00 11.82 ? 41  TYR D N   1 
ATOM   1084 C CA  . TYR B 2 41  ? -4.044  2.146   -0.880  1.00 12.11 ? 41  TYR D CA  1 
ATOM   1085 C C   . TYR B 2 41  ? -3.218  2.572   0.319   1.00 13.51 ? 41  TYR D C   1 
ATOM   1086 O O   . TYR B 2 41  ? -2.688  1.741   1.072   1.00 13.29 ? 41  TYR D O   1 
ATOM   1087 C CB  . TYR B 2 41  ? -5.454  1.827   -0.380  1.00 12.29 ? 41  TYR D CB  1 
ATOM   1088 C CG  . TYR B 2 41  ? -6.350  1.336   -1.464  1.00 11.31 ? 41  TYR D CG  1 
ATOM   1089 C CD1 . TYR B 2 41  ? -6.491  -0.030  -1.709  1.00 10.11 ? 41  TYR D CD1 1 
ATOM   1090 C CD2 . TYR B 2 41  ? -7.048  2.242   -2.274  1.00 13.28 ? 41  TYR D CD2 1 
ATOM   1091 C CE1 . TYR B 2 41  ? -7.327  -0.492  -2.725  1.00 10.81 ? 41  TYR D CE1 1 
ATOM   1092 C CE2 . TYR B 2 41  ? -7.876  1.795   -3.295  1.00 11.76 ? 41  TYR D CE2 1 
ATOM   1093 C CZ  . TYR B 2 41  ? -7.999  0.419   -3.511  1.00 13.64 ? 41  TYR D CZ  1 
ATOM   1094 O OH  . TYR B 2 41  ? -8.809  -0.051  -4.520  1.00 16.40 ? 41  TYR D OH  1 
ATOM   1095 N N   . ARG B 2 42  ? -3.135  3.874   0.514   1.00 13.76 ? 42  ARG D N   1 
ATOM   1096 C CA  . ARG B 2 42  ? -2.620  4.403   1.734   1.00 15.89 ? 42  ARG D CA  1 
ATOM   1097 C C   . ARG B 2 42  ? -3.803  5.039   2.466   1.00 16.04 ? 42  ARG D C   1 
ATOM   1098 O O   . ARG B 2 42  ? -4.537  5.867   1.901   1.00 16.99 ? 42  ARG D O   1 
ATOM   1099 C CB  . ARG B 2 42  ? -1.498  5.424   1.451   1.00 15.59 ? 42  ARG D CB  1 
ATOM   1100 C CG  . ARG B 2 42  ? -0.722  5.906   2.682   1.00 19.41 ? 42  ARG D CG  1 
ATOM   1101 C CD  . ARG B 2 42  ? 0.406   6.928   2.333   1.00 24.98 ? 42  ARG D CD  1 
ATOM   1102 N NE  . ARG B 2 42  ? 0.983   6.800   0.983   1.00 30.02 ? 42  ARG D NE  1 
ATOM   1103 C CZ  . ARG B 2 42  ? 2.033   6.037   0.632   1.00 31.53 ? 42  ARG D CZ  1 
ATOM   1104 N NH1 . ARG B 2 42  ? 2.654   5.248   1.521   1.00 32.68 ? 42  ARG D NH1 1 
ATOM   1105 N NH2 . ARG B 2 42  ? 2.454   6.033   -0.640  1.00 27.13 ? 42  ARG D NH2 1 
ATOM   1106 N N   . ILE B 2 43  ? -3.995  4.628   3.713   1.00 16.53 ? 43  ILE D N   1 
ATOM   1107 C CA  . ILE B 2 43  ? -5.048  5.184   4.555   1.00 17.02 ? 43  ILE D CA  1 
ATOM   1108 C C   . ILE B 2 43  ? -4.436  6.062   5.668   1.00 17.63 ? 43  ILE D C   1 
ATOM   1109 O O   . ILE B 2 43  ? -3.543  5.623   6.401   1.00 17.72 ? 43  ILE D O   1 
ATOM   1110 C CB  . ILE B 2 43  ? -5.909  4.064   5.159   1.00 17.00 ? 43  ILE D CB  1 
ATOM   1111 C CG1 . ILE B 2 43  ? -6.683  3.334   4.053   1.00 18.03 ? 43  ILE D CG1 1 
ATOM   1112 C CG2 . ILE B 2 43  ? -6.892  4.618   6.198   1.00 15.98 ? 43  ILE D CG2 1 
ATOM   1113 C CD1 . ILE B 2 43  ? -5.988  2.126   3.504   1.00 20.86 ? 43  ILE D CD1 1 
ATOM   1114 N N   . THR B 2 44  ? -4.908  7.304   5.771   1.00 17.99 ? 44  THR D N   1 
ATOM   1115 C CA  . THR B 2 44  ? -4.477  8.190   6.840   1.00 18.75 ? 44  THR D CA  1 
ATOM   1116 C C   . THR B 2 44  ? -5.689  8.613   7.649   1.00 19.57 ? 44  THR D C   1 
ATOM   1117 O O   . THR B 2 44  ? -6.818  8.732   7.127   1.00 19.37 ? 44  THR D O   1 
ATOM   1118 C CB  . THR B 2 44  ? -3.776  9.471   6.330   1.00 19.16 ? 44  THR D CB  1 
ATOM   1119 O OG1 . THR B 2 44  ? -4.765  10.360  5.809   1.00 20.12 ? 44  THR D OG1 1 
ATOM   1120 C CG2 . THR B 2 44  ? -2.698  9.155   5.242   1.00 18.52 ? 44  THR D CG2 1 
ATOM   1121 N N   . TYR B 2 45  ? -5.445  8.844   8.929   1.00 19.93 ? 45  TYR D N   1 
ATOM   1122 C CA  . TYR B 2 45  ? -6.503  9.227   9.837   1.00 20.71 ? 45  TYR D CA  1 
ATOM   1123 C C   . TYR B 2 45  ? -5.933  9.996   11.026  1.00 21.29 ? 45  TYR D C   1 
ATOM   1124 O O   . TYR B 2 45  ? -4.870  9.659   11.563  1.00 20.48 ? 45  TYR D O   1 
ATOM   1125 C CB  . TYR B 2 45  ? -7.312  7.998   10.268  1.00 20.51 ? 45  TYR D CB  1 
ATOM   1126 C CG  . TYR B 2 45  ? -6.573  6.978   11.101  1.00 21.30 ? 45  TYR D CG  1 
ATOM   1127 C CD1 . TYR B 2 45  ? -6.648  7.005   12.511  1.00 21.68 ? 45  TYR D CD1 1 
ATOM   1128 C CD2 . TYR B 2 45  ? -5.819  5.968   10.491  1.00 22.54 ? 45  TYR D CD2 1 
ATOM   1129 C CE1 . TYR B 2 45  ? -5.983  6.059   13.285  1.00 23.86 ? 45  TYR D CE1 1 
ATOM   1130 C CE2 . TYR B 2 45  ? -5.147  5.020   11.244  1.00 24.92 ? 45  TYR D CE2 1 
ATOM   1131 C CZ  . TYR B 2 45  ? -5.236  5.058   12.644  1.00 26.51 ? 45  TYR D CZ  1 
ATOM   1132 O OH  . TYR B 2 45  ? -4.568  4.105   13.376  1.00 26.52 ? 45  TYR D OH  1 
ATOM   1133 N N   . GLY B 2 46  ? -6.627  11.055  11.404  1.00 21.99 ? 46  GLY D N   1 
ATOM   1134 C CA  . GLY B 2 46  ? -6.303  11.766  12.636  1.00 23.85 ? 46  GLY D CA  1 
ATOM   1135 C C   . GLY B 2 46  ? -7.542  12.441  13.180  1.00 24.97 ? 46  GLY D C   1 
ATOM   1136 O O   . GLY B 2 46  ? -8.547  12.578  12.463  1.00 24.79 ? 46  GLY D O   1 
ATOM   1137 N N   . GLU B 2 47  ? -7.480  12.874  14.435  1.00 26.54 ? 47  GLU D N   1 
ATOM   1138 C CA  . GLU B 2 47  ? -8.576  13.642  15.018  1.00 28.34 ? 47  GLU D CA  1 
ATOM   1139 C C   . GLU B 2 47  ? -8.914  14.830  14.106  1.00 29.83 ? 47  GLU D C   1 
ATOM   1140 O O   . GLU B 2 47  ? -8.013  15.564  13.678  1.00 30.74 ? 47  GLU D O   1 
ATOM   1141 C CB  . GLU B 2 47  ? -8.228  14.088  16.446  1.00 28.02 ? 47  GLU D CB  1 
ATOM   1142 C CG  . GLU B 2 47  ? -8.293  12.963  17.461  1.00 28.28 ? 47  GLU D CG  1 
ATOM   1143 C CD  . GLU B 2 47  ? -8.042  13.396  18.914  1.00 30.43 ? 47  GLU D CD  1 
ATOM   1144 O OE1 . GLU B 2 47  ? -8.531  14.463  19.354  1.00 31.11 ? 47  GLU D OE1 1 
ATOM   1145 O OE2 . GLU B 2 47  ? -7.353  12.648  19.631  1.00 32.08 ? 47  GLU D OE2 1 
ATOM   1146 N N   . THR B 2 48  ? -10.191 14.994  13.766  1.00 31.20 ? 48  THR D N   1 
ATOM   1147 C CA  . THR B 2 48  ? -10.601 16.100  12.910  1.00 33.17 ? 48  THR D CA  1 
ATOM   1148 C C   . THR B 2 48  ? -10.179 17.434  13.553  1.00 35.62 ? 48  THR D C   1 
ATOM   1149 O O   . THR B 2 48  ? -10.392 17.657  14.757  1.00 35.56 ? 48  THR D O   1 
ATOM   1150 C CB  . THR B 2 48  ? -12.114 16.079  12.670  1.00 32.84 ? 48  THR D CB  1 
ATOM   1151 O OG1 . THR B 2 48  ? -12.496 14.784  12.183  1.00 31.63 ? 48  THR D OG1 1 
ATOM   1152 C CG2 . THR B 2 48  ? -12.525 17.152  11.673  1.00 31.43 ? 48  THR D CG2 1 
ATOM   1153 N N   . GLY B 2 49  ? -9.549  18.293  12.757  1.00 37.82 ? 49  GLY D N   1 
ATOM   1154 C CA  . GLY B 2 49  ? -8.988  19.560  13.250  1.00 40.80 ? 49  GLY D CA  1 
ATOM   1155 C C   . GLY B 2 49  ? -8.235  19.493  14.574  1.00 42.45 ? 49  GLY D C   1 
ATOM   1156 O O   . GLY B 2 49  ? -8.218  20.471  15.322  1.00 43.21 ? 49  GLY D O   1 
ATOM   1157 N N   . GLY B 2 50  ? -7.616  18.350  14.870  1.00 43.83 ? 50  GLY D N   1 
ATOM   1158 C CA  . GLY B 2 50  ? -6.866  18.180  16.118  1.00 45.58 ? 50  GLY D CA  1 
ATOM   1159 C C   . GLY B 2 50  ? -5.415  18.582  15.958  1.00 47.13 ? 50  GLY D C   1 
ATOM   1160 O O   . GLY B 2 50  ? -4.946  18.840  14.844  1.00 47.28 ? 50  GLY D O   1 
ATOM   1161 N N   . ASP B 2 51  ? -4.698  18.663  17.077  1.00 48.73 ? 51  ASP D N   1 
ATOM   1162 C CA  . ASP B 2 51  ? -3.248  18.867  17.038  1.00 49.88 ? 51  ASP D CA  1 
ATOM   1163 C C   . ASP B 2 51  ? -2.615  17.485  16.865  1.00 49.99 ? 51  ASP D C   1 
ATOM   1164 O O   . ASP B 2 51  ? -1.437  17.351  16.459  1.00 50.13 ? 51  ASP D O   1 
ATOM   1165 C CB  . ASP B 2 51  ? -2.744  19.548  18.322  1.00 50.49 ? 51  ASP D CB  1 
ATOM   1166 C CG  . ASP B 2 51  ? -1.321  20.115  18.178  1.00 52.15 ? 51  ASP D CG  1 
ATOM   1167 O OD1 . ASP B 2 51  ? -0.736  20.533  19.210  1.00 52.33 ? 51  ASP D OD1 1 
ATOM   1168 O OD2 . ASP B 2 51  ? -0.787  20.149  17.038  1.00 53.80 ? 51  ASP D OD2 1 
ATOM   1169 N N   . SER B 2 52  ? -3.456  16.480  17.151  1.00 49.30 ? 52  SER D N   1 
ATOM   1170 C CA  . SER B 2 52  ? -3.149  15.044  17.163  1.00 48.36 ? 52  SER D CA  1 
ATOM   1171 C C   . SER B 2 52  ? -2.263  14.469  16.047  1.00 46.90 ? 52  SER D C   1 
ATOM   1172 O O   . SER B 2 52  ? -2.189  15.024  14.937  1.00 46.75 ? 52  SER D O   1 
ATOM   1173 C CB  . SER B 2 52  ? -4.467  14.269  17.203  1.00 48.78 ? 52  SER D CB  1 
ATOM   1174 O OG  . SER B 2 52  ? -5.215  14.681  18.332  1.00 50.70 ? 52  SER D OG  1 
ATOM   1175 N N   . PRO B 2 53  ? -1.593  13.340  16.350  1.00 45.36 ? 53  PRO D N   1 
ATOM   1176 C CA  . PRO B 2 53  ? -0.800  12.588  15.378  1.00 44.12 ? 53  PRO D CA  1 
ATOM   1177 C C   . PRO B 2 53  ? -1.677  12.011  14.261  1.00 42.30 ? 53  PRO D C   1 
ATOM   1178 O O   . PRO B 2 53  ? -2.789  11.524  14.528  1.00 42.26 ? 53  PRO D O   1 
ATOM   1179 C CB  . PRO B 2 53  ? -0.202  11.447  16.215  1.00 44.51 ? 53  PRO D CB  1 
ATOM   1180 C CG  . PRO B 2 53  ? -0.275  11.919  17.639  1.00 44.94 ? 53  PRO D CG  1 
ATOM   1181 C CD  . PRO B 2 53  ? -1.531  12.731  17.694  1.00 45.55 ? 53  PRO D CD  1 
ATOM   1182 N N   . VAL B 2 54  ? -1.181  12.089  13.028  1.00 39.66 ? 54  VAL D N   1 
ATOM   1183 C CA  . VAL B 2 54  ? -1.861  11.501  11.880  1.00 37.39 ? 54  VAL D CA  1 
ATOM   1184 C C   . VAL B 2 54  ? -1.233  10.139  11.594  1.00 35.69 ? 54  VAL D C   1 
ATOM   1185 O O   . VAL B 2 54  ? -0.052  10.039  11.283  1.00 36.60 ? 54  VAL D O   1 
ATOM   1186 C CB  . VAL B 2 54  ? -1.792  12.431  10.642  1.00 37.93 ? 54  VAL D CB  1 
ATOM   1187 C CG1 . VAL B 2 54  ? -2.158  11.676  9.348   1.00 37.12 ? 54  VAL D CG1 1 
ATOM   1188 C CG2 . VAL B 2 54  ? -2.689  13.647  10.844  1.00 36.79 ? 54  VAL D CG2 1 
ATOM   1189 N N   . GLN B 2 55  ? -2.011  9.081   11.739  1.00 33.01 ? 55  GLN D N   1 
ATOM   1190 C CA  . GLN B 2 55  ? -1.482  7.748   11.543  1.00 30.46 ? 55  GLN D CA  1 
ATOM   1191 C C   . GLN B 2 55  ? -1.726  7.263   10.123  1.00 27.97 ? 55  GLN D C   1 
ATOM   1192 O O   . GLN B 2 55  ? -2.677  7.708   9.469   1.00 26.77 ? 55  GLN D O   1 
ATOM   1193 C CB  . GLN B 2 55  ? -2.049  6.805   12.588  1.00 31.01 ? 55  GLN D CB  1 
ATOM   1194 C CG  . GLN B 2 55  ? -1.327  6.959   13.937  1.00 35.48 ? 55  GLN D CG  1 
ATOM   1195 C CD  . GLN B 2 55  ? -2.029  6.240   15.059  1.00 39.54 ? 55  GLN D CD  1 
ATOM   1196 O OE1 . GLN B 2 55  ? -1.563  5.199   15.543  1.00 42.58 ? 55  GLN D OE1 1 
ATOM   1197 N NE2 . GLN B 2 55  ? -3.167  6.780   15.474  1.00 41.94 ? 55  GLN D NE2 1 
ATOM   1198 N N   . GLU B 2 56  ? -0.858  6.372   9.642   1.00 25.29 ? 56  GLU D N   1 
ATOM   1199 C CA  . GLU B 2 56  ? -1.020  5.825   8.305   1.00 23.94 ? 56  GLU D CA  1 
ATOM   1200 C C   . GLU B 2 56  ? -0.573  4.389   8.159   1.00 21.93 ? 56  GLU D C   1 
ATOM   1201 O O   . GLU B 2 56  ? 0.304   3.923   8.872   1.00 21.85 ? 56  GLU D O   1 
ATOM   1202 C CB  . GLU B 2 56  ? -0.392  6.725   7.221   1.00 24.48 ? 56  GLU D CB  1 
ATOM   1203 C CG  . GLU B 2 56  ? 1.101   6.611   7.055   1.00 27.28 ? 56  GLU D CG  1 
ATOM   1204 C CD  . GLU B 2 56  ? 1.654   7.464   5.891   1.00 32.90 ? 56  GLU D CD  1 
ATOM   1205 O OE1 . GLU B 2 56  ? 2.867   7.360   5.590   1.00 36.16 ? 56  GLU D OE1 1 
ATOM   1206 O OE2 . GLU B 2 56  ? 0.897   8.245   5.282   1.00 34.12 ? 56  GLU D OE2 1 
ATOM   1207 N N   . PHE B 2 57  ? -1.208  3.700   7.215   1.00 19.67 ? 57  PHE D N   1 
ATOM   1208 C CA  . PHE B 2 57  ? -0.862  2.345   6.860   1.00 18.50 ? 57  PHE D CA  1 
ATOM   1209 C C   . PHE B 2 57  ? -1.275  2.116   5.406   1.00 17.52 ? 57  PHE D C   1 
ATOM   1210 O O   . PHE B 2 57  ? -2.030  2.929   4.808   1.00 17.58 ? 57  PHE D O   1 
ATOM   1211 C CB  . PHE B 2 57  ? -1.535  1.318   7.822   1.00 18.54 ? 57  PHE D CB  1 
ATOM   1212 C CG  . PHE B 2 57  ? -3.051  1.358   7.815   1.00 19.48 ? 57  PHE D CG  1 
ATOM   1213 C CD1 . PHE B 2 57  ? -3.787  0.528   6.965   1.00 18.39 ? 57  PHE D CD1 1 
ATOM   1214 C CD2 . PHE B 2 57  ? -3.738  2.230   8.653   1.00 21.94 ? 57  PHE D CD2 1 
ATOM   1215 C CE1 . PHE B 2 57  ? -5.182  0.562   6.961   1.00 20.04 ? 57  PHE D CE1 1 
ATOM   1216 C CE2 . PHE B 2 57  ? -5.161  2.303   8.643   1.00 21.53 ? 57  PHE D CE2 1 
ATOM   1217 C CZ  . PHE B 2 57  ? -5.875  1.457   7.800   1.00 22.24 ? 57  PHE D CZ  1 
ATOM   1218 N N   . THR B 2 58  ? -0.793  1.017   4.838   1.00 16.08 ? 58  THR D N   1 
ATOM   1219 C CA  . THR B 2 58  ? -1.108  0.661   3.463   1.00 15.86 ? 58  THR D CA  1 
ATOM   1220 C C   . THR B 2 58  ? -1.663  -0.759  3.358   1.00 15.70 ? 58  THR D C   1 
ATOM   1221 O O   . THR B 2 58  ? -1.256  -1.664  4.105   1.00 16.27 ? 58  THR D O   1 
ATOM   1222 C CB  . THR B 2 58  ? 0.148   0.785   2.561   1.00 16.69 ? 58  THR D CB  1 
ATOM   1223 O OG1 . THR B 2 58  ? 1.229   0.059   3.162   1.00 17.36 ? 58  THR D OG1 1 
ATOM   1224 C CG2 . THR B 2 58  ? 0.584   2.315   2.391   1.00 16.17 ? 58  THR D CG2 1 
ATOM   1225 N N   . VAL B 2 59  ? -2.574  -0.954  2.414   1.00 14.21 ? 59  VAL D N   1 
ATOM   1226 C CA  . VAL B 2 59  ? -3.084  -2.261  2.097   1.00 13.89 ? 59  VAL D CA  1 
ATOM   1227 C C   . VAL B 2 59  ? -3.052  -2.455  0.585   1.00 14.05 ? 59  VAL D C   1 
ATOM   1228 O O   . VAL B 2 59  ? -3.064  -1.468  -0.149  1.00 14.14 ? 59  VAL D O   1 
ATOM   1229 C CB  . VAL B 2 59  ? -4.544  -2.447  2.643   1.00 13.74 ? 59  VAL D CB  1 
ATOM   1230 C CG1 . VAL B 2 59  ? -4.532  -2.459  4.211   1.00 13.64 ? 59  VAL D CG1 1 
ATOM   1231 C CG2 . VAL B 2 59  ? -5.480  -1.371  2.059   1.00 10.92 ? 59  VAL D CG2 1 
ATOM   1232 N N   . PRO B 2 60  ? -3.027  -3.728  0.123   1.00 14.13 ? 60  PRO D N   1 
ATOM   1233 C CA  . PRO B 2 60  ? -2.993  -4.097  -1.297  1.00 14.00 ? 60  PRO D CA  1 
ATOM   1234 C C   . PRO B 2 60  ? -4.189  -3.596  -2.098  1.00 14.66 ? 60  PRO D C   1 
ATOM   1235 O O   . PRO B 2 60  ? -5.318  -3.492  -1.551  1.00 13.97 ? 60  PRO D O   1 
ATOM   1236 C CB  . PRO B 2 60  ? -3.021  -5.617  -1.273  1.00 13.79 ? 60  PRO D CB  1 
ATOM   1237 C CG  . PRO B 2 60  ? -2.496  -6.002  0.056   1.00 14.87 ? 60  PRO D CG  1 
ATOM   1238 C CD  . PRO B 2 60  ? -2.754  -4.880  1.009   1.00 14.17 ? 60  PRO D CD  1 
ATOM   1239 N N   . GLY B 2 61  ? -3.949  -3.338  -3.388  1.00 13.72 ? 61  GLY D N   1 
ATOM   1240 C CA  . GLY B 2 61  ? -4.955  -2.777  -4.291  1.00 13.30 ? 61  GLY D CA  1 
ATOM   1241 C C   . GLY B 2 61  ? -6.206  -3.607  -4.509  1.00 13.69 ? 61  GLY D C   1 
ATOM   1242 O O   . GLY B 2 61  ? -7.198  -3.105  -4.992  1.00 12.73 ? 61  GLY D O   1 
ATOM   1243 N N   . TYR B 2 62  ? -6.184  -4.884  -4.136  1.00 14.01 ? 62  TYR D N   1 
ATOM   1244 C CA  . TYR B 2 62  ? -7.362  -5.701  -4.336  1.00 13.80 ? 62  TYR D CA  1 
ATOM   1245 C C   . TYR B 2 62  ? -8.276  -5.674  -3.095  1.00 13.82 ? 62  TYR D C   1 
ATOM   1246 O O   . TYR B 2 62  ? -9.367  -6.219  -3.134  1.00 12.68 ? 62  TYR D O   1 
ATOM   1247 C CB  . TYR B 2 62  ? -6.986  -7.141  -4.755  1.00 14.15 ? 62  TYR D CB  1 
ATOM   1248 C CG  . TYR B 2 62  ? -6.228  -7.892  -3.709  1.00 14.03 ? 62  TYR D CG  1 
ATOM   1249 C CD1 . TYR B 2 62  ? -6.893  -8.579  -2.684  1.00 14.88 ? 62  TYR D CD1 1 
ATOM   1250 C CD2 . TYR B 2 62  ? -4.841  -7.897  -3.715  1.00 15.55 ? 62  TYR D CD2 1 
ATOM   1251 C CE1 . TYR B 2 62  ? -6.163  -9.261  -1.703  1.00 15.13 ? 62  TYR D CE1 1 
ATOM   1252 C CE2 . TYR B 2 62  ? -4.109  -8.557  -2.745  1.00 13.79 ? 62  TYR D CE2 1 
ATOM   1253 C CZ  . TYR B 2 62  ? -4.768  -9.247  -1.758  1.00 17.60 ? 62  TYR D CZ  1 
ATOM   1254 O OH  . TYR B 2 62  ? -3.991  -9.883  -0.806  1.00 20.81 ? 62  TYR D OH  1 
ATOM   1255 N N   . TYR B 2 63  ? -7.828  -5.037  -2.003  1.00 14.67 ? 63  TYR D N   1 
ATOM   1256 C CA  . TYR B 2 63  ? -8.679  -4.909  -0.793  1.00 14.90 ? 63  TYR D CA  1 
ATOM   1257 C C   . TYR B 2 63  ? -9.757  -3.903  -1.126  1.00 14.98 ? 63  TYR D C   1 
ATOM   1258 O O   . TYR B 2 63  ? -9.540  -2.992  -1.911  1.00 14.16 ? 63  TYR D O   1 
ATOM   1259 C CB  . TYR B 2 63  ? -7.889  -4.369  0.399   1.00 15.18 ? 63  TYR D CB  1 
ATOM   1260 C CG  . TYR B 2 63  ? -7.060  -5.376  1.186   1.00 17.15 ? 63  TYR D CG  1 
ATOM   1261 C CD1 . TYR B 2 63  ? -6.496  -6.510  0.570   1.00 19.77 ? 63  TYR D CD1 1 
ATOM   1262 C CD2 . TYR B 2 63  ? -6.825  -5.174  2.549   1.00 17.33 ? 63  TYR D CD2 1 
ATOM   1263 C CE1 . TYR B 2 63  ? -5.712  -7.422  1.311   1.00 19.82 ? 63  TYR D CE1 1 
ATOM   1264 C CE2 . TYR B 2 63  ? -6.058  -6.064  3.288   1.00 21.00 ? 63  TYR D CE2 1 
ATOM   1265 C CZ  . TYR B 2 63  ? -5.499  -7.179  2.660   1.00 21.06 ? 63  TYR D CZ  1 
ATOM   1266 O OH  . TYR B 2 63  ? -4.742  -8.041  3.411   1.00 23.29 ? 63  TYR D OH  1 
ATOM   1267 N N   . SER B 2 64  ? -10.922 -4.070  -0.514  1.00 15.76 ? 64  SER D N   1 
ATOM   1268 C CA  . SER B 2 64  ? -12.018 -3.150  -0.706  1.00 15.91 ? 64  SER D CA  1 
ATOM   1269 C C   . SER B 2 64  ? -12.353 -2.407  0.619   1.00 15.38 ? 64  SER D C   1 
ATOM   1270 O O   . SER B 2 64  ? -13.157 -1.451  0.624   1.00 14.36 ? 64  SER D O   1 
ATOM   1271 C CB  . SER B 2 64  ? -13.215 -3.902  -1.290  1.00 15.82 ? 64  SER D CB  1 
ATOM   1272 O OG  . SER B 2 64  ? -13.614 -4.891  -0.377  1.00 21.83 ? 64  SER D OG  1 
ATOM   1273 N N   . THR B 2 65  ? -11.724 -2.834  1.726   1.00 14.66 ? 65  THR D N   1 
ATOM   1274 C CA  . THR B 2 65  ? -11.997 -2.251  3.048   1.00 14.61 ? 65  THR D CA  1 
ATOM   1275 C C   . THR B 2 65  ? -10.743 -2.224  3.898   1.00 15.27 ? 65  THR D C   1 
ATOM   1276 O O   . THR B 2 65  ? -9.805  -2.991  3.675   1.00 14.63 ? 65  THR D O   1 
ATOM   1277 C CB  . THR B 2 65  ? -13.123 -3.029  3.851   1.00 14.36 ? 65  THR D CB  1 
ATOM   1278 O OG1 . THR B 2 65  ? -12.735 -4.394  4.039   1.00 13.70 ? 65  THR D OG1 1 
ATOM   1279 C CG2 . THR B 2 65  ? -14.457 -3.011  3.140   1.00 12.32 ? 65  THR D CG2 1 
ATOM   1280 N N   . ALA B 2 66  ? -10.721 -1.343  4.890   1.00 16.20 ? 66  ALA D N   1 
ATOM   1281 C CA  . ALA B 2 66  ? -9.649  -1.398  5.907   1.00 17.09 ? 66  ALA D CA  1 
ATOM   1282 C C   . ALA B 2 66  ? -10.238 -1.033  7.253   1.00 17.58 ? 66  ALA D C   1 
ATOM   1283 O O   . ALA B 2 66  ? -11.184 -0.270  7.324   1.00 17.56 ? 66  ALA D O   1 
ATOM   1284 C CB  . ALA B 2 66  ? -8.492  -0.464  5.552   1.00 16.72 ? 66  ALA D CB  1 
ATOM   1285 N N   . THR B 2 67  ? -9.716  -1.632  8.303   1.00 19.04 ? 67  THR D N   1 
ATOM   1286 C CA  . THR B 2 67  ? -10.108 -1.297  9.641   1.00 20.52 ? 67  THR D CA  1 
ATOM   1287 C C   . THR B 2 67  ? -9.196  -0.239  10.192  1.00 20.92 ? 67  THR D C   1 
ATOM   1288 O O   . THR B 2 67  ? -7.990  -0.349  10.054  1.00 21.39 ? 67  THR D O   1 
ATOM   1289 C CB  . THR B 2 67  ? -10.011 -2.512  10.542  1.00 20.84 ? 67  THR D CB  1 
ATOM   1290 O OG1 . THR B 2 67  ? -11.029 -3.430  10.158  1.00 23.51 ? 67  THR D OG1 1 
ATOM   1291 C CG2 . THR B 2 67  ? -10.215 -2.126  12.053  1.00 21.91 ? 67  THR D CG2 1 
ATOM   1292 N N   . ILE B 2 68  ? -9.778  0.779   10.821  1.00 21.16 ? 68  ILE D N   1 
ATOM   1293 C CA  . ILE B 2 68  ? -9.009  1.755   11.580  1.00 22.02 ? 68  ILE D CA  1 
ATOM   1294 C C   . ILE B 2 68  ? -9.257  1.503   13.072  1.00 22.12 ? 68  ILE D C   1 
ATOM   1295 O O   . ILE B 2 68  ? -10.398 1.549   13.538  1.00 21.96 ? 68  ILE D O   1 
ATOM   1296 C CB  . ILE B 2 68  ? -9.383  3.200   11.199  1.00 22.33 ? 68  ILE D CB  1 
ATOM   1297 C CG1 . ILE B 2 68  ? -8.831  3.557   9.814   1.00 23.09 ? 68  ILE D CG1 1 
ATOM   1298 C CG2 . ILE B 2 68  ? -8.783  4.185   12.191  1.00 22.39 ? 68  ILE D CG2 1 
ATOM   1299 C CD1 . ILE B 2 68  ? -9.794  3.314   8.710   1.00 25.51 ? 68  ILE D CD1 1 
ATOM   1300 N N   . SER B 2 69  ? -8.202  1.226   13.815  1.00 22.07 ? 69  SER D N   1 
ATOM   1301 C CA  . SER B 2 69  ? -8.377  0.871   15.212  1.00 22.92 ? 69  SER D CA  1 
ATOM   1302 C C   . SER B 2 69  ? -7.590  1.807   16.141  1.00 22.92 ? 69  SER D C   1 
ATOM   1303 O O   . SER B 2 69  ? -6.920  2.748   15.678  1.00 22.89 ? 69  SER D O   1 
ATOM   1304 C CB  . SER B 2 69  ? -8.006  -0.595  15.421  1.00 23.71 ? 69  SER D CB  1 
ATOM   1305 O OG  . SER B 2 69  ? -6.633  -0.788  15.150  1.00 26.83 ? 69  SER D OG  1 
ATOM   1306 N N   . GLY B 2 70  ? -7.696  1.583   17.447  1.00 22.67 ? 70  GLY D N   1 
ATOM   1307 C CA  . GLY B 2 70  ? -7.063  2.466   18.428  1.00 22.50 ? 70  GLY D CA  1 
ATOM   1308 C C   . GLY B 2 70  ? -7.653  3.865   18.456  1.00 23.04 ? 70  GLY D C   1 
ATOM   1309 O O   . GLY B 2 70  ? -6.923  4.847   18.630  1.00 24.15 ? 70  GLY D O   1 
ATOM   1310 N N   . LEU B 2 71  ? -8.963  3.987   18.248  1.00 22.44 ? 71  LEU D N   1 
ATOM   1311 C CA  . LEU B 2 71  ? -9.592  5.309   18.230  1.00 22.63 ? 71  LEU D CA  1 
ATOM   1312 C C   . LEU B 2 71  ? -10.133 5.703   19.612  1.00 22.93 ? 71  LEU D C   1 
ATOM   1313 O O   . LEU B 2 71  ? -10.389 4.843   20.464  1.00 23.27 ? 71  LEU D O   1 
ATOM   1314 C CB  . LEU B 2 71  ? -10.730 5.364   17.201  1.00 22.87 ? 71  LEU D CB  1 
ATOM   1315 C CG  . LEU B 2 71  ? -10.432 5.014   15.735  1.00 22.78 ? 71  LEU D CG  1 
ATOM   1316 C CD1 . LEU B 2 71  ? -11.729 4.983   14.913  1.00 22.84 ? 71  LEU D CD1 1 
ATOM   1317 C CD2 . LEU B 2 71  ? -9.442  6.019   15.145  1.00 22.19 ? 71  LEU D CD2 1 
ATOM   1318 N N   . LYS B 2 72  ? -10.304 7.002   19.830  1.00 22.57 ? 72  LYS D N   1 
ATOM   1319 C CA  . LYS B 2 72  ? -11.066 7.470   20.975  1.00 23.25 ? 72  LYS D CA  1 
ATOM   1320 C C   . LYS B 2 72  ? -12.560 7.406   20.692  1.00 22.74 ? 72  LYS D C   1 
ATOM   1321 O O   . LYS B 2 72  ? -13.022 7.987   19.719  1.00 22.15 ? 72  LYS D O   1 
ATOM   1322 C CB  . LYS B 2 72  ? -10.692 8.901   21.313  1.00 23.41 ? 72  LYS D CB  1 
ATOM   1323 C CG  . LYS B 2 72  ? -9.300  9.099   21.807  1.00 24.22 ? 72  LYS D CG  1 
ATOM   1324 C CD  . LYS B 2 72  ? -8.814  10.368  21.117  1.00 30.17 ? 72  LYS D CD  1 
ATOM   1325 C CE  . LYS B 2 72  ? -8.160  11.340  22.054  1.00 31.01 ? 72  LYS D CE  1 
ATOM   1326 N NZ  . LYS B 2 72  ? -6.756  11.006  22.365  1.00 32.87 ? 72  LYS D NZ  1 
ATOM   1327 N N   . PRO B 2 73  ? -13.325 6.691   21.539  1.00 23.15 ? 73  PRO D N   1 
ATOM   1328 C CA  . PRO B 2 73  ? -14.782 6.636   21.295  1.00 23.33 ? 73  PRO D CA  1 
ATOM   1329 C C   . PRO B 2 73  ? -15.430 8.020   21.248  1.00 23.71 ? 73  PRO D C   1 
ATOM   1330 O O   . PRO B 2 73  ? -15.086 8.897   22.030  1.00 24.88 ? 73  PRO D O   1 
ATOM   1331 C CB  . PRO B 2 73  ? -15.313 5.816   22.479  1.00 22.07 ? 73  PRO D CB  1 
ATOM   1332 C CG  . PRO B 2 73  ? -14.151 4.941   22.858  1.00 23.22 ? 73  PRO D CG  1 
ATOM   1333 C CD  . PRO B 2 73  ? -12.905 5.767   22.609  1.00 22.79 ? 73  PRO D CD  1 
ATOM   1334 N N   . GLY B 2 74  ? -16.357 8.225   20.332  1.00 24.10 ? 74  GLY D N   1 
ATOM   1335 C CA  . GLY B 2 74  ? -17.094 9.476   20.303  1.00 24.23 ? 74  GLY D CA  1 
ATOM   1336 C C   . GLY B 2 74  ? -16.327 10.735  19.912  1.00 24.78 ? 74  GLY D C   1 
ATOM   1337 O O   . GLY B 2 74  ? -16.859 11.853  20.049  1.00 24.64 ? 74  GLY D O   1 
ATOM   1338 N N   . VAL B 2 75  ? -15.096 10.560  19.423  1.00 24.16 ? 75  VAL D N   1 
ATOM   1339 C CA  . VAL B 2 75  ? -14.270 11.663  18.905  1.00 24.16 ? 75  VAL D CA  1 
ATOM   1340 C C   . VAL B 2 75  ? -14.224 11.591  17.368  1.00 24.30 ? 75  VAL D C   1 
ATOM   1341 O O   . VAL B 2 75  ? -14.031 10.496  16.803  1.00 23.93 ? 75  VAL D O   1 
ATOM   1342 C CB  . VAL B 2 75  ? -12.825 11.594  19.487  1.00 24.03 ? 75  VAL D CB  1 
ATOM   1343 C CG1 . VAL B 2 75  ? -11.876 12.527  18.743  1.00 22.57 ? 75  VAL D CG1 1 
ATOM   1344 C CG2 . VAL B 2 75  ? -12.840 11.939  20.969  1.00 25.01 ? 75  VAL D CG2 1 
ATOM   1345 N N   . ASP B 2 76  ? -14.425 12.739  16.711  1.00 24.28 ? 76  ASP D N   1 
ATOM   1346 C CA  . ASP B 2 76  ? -14.428 12.832  15.237  1.00 24.63 ? 76  ASP D CA  1 
ATOM   1347 C C   . ASP B 2 76  ? -13.035 12.677  14.625  1.00 23.95 ? 76  ASP D C   1 
ATOM   1348 O O   . ASP B 2 76  ? -12.092 13.402  14.991  1.00 24.14 ? 76  ASP D O   1 
ATOM   1349 C CB  . ASP B 2 76  ? -15.019 14.160  14.756  1.00 25.47 ? 76  ASP D CB  1 
ATOM   1350 C CG  . ASP B 2 76  ? -16.524 14.271  14.995  1.00 27.10 ? 76  ASP D CG  1 
ATOM   1351 O OD1 . ASP B 2 76  ? -17.238 13.255  15.112  1.00 30.63 ? 76  ASP D OD1 1 
ATOM   1352 O OD2 . ASP B 2 76  ? -17.003 15.409  15.072  1.00 30.23 ? 76  ASP D OD2 1 
ATOM   1353 N N   . TYR B 2 77  ? -12.909 11.724  13.710  1.00 22.67 ? 77  TYR D N   1 
ATOM   1354 C CA  . TYR B 2 77  ? -11.668 11.535  12.958  1.00 22.07 ? 77  TYR D CA  1 
ATOM   1355 C C   . TYR B 2 77  ? -11.883 11.818  11.486  1.00 21.85 ? 77  TYR D C   1 
ATOM   1356 O O   . TYR B 2 77  ? -12.967 11.584  10.955  1.00 22.36 ? 77  TYR D O   1 
ATOM   1357 C CB  . TYR B 2 77  ? -11.141 10.101  13.123  1.00 22.35 ? 77  TYR D CB  1 
ATOM   1358 C CG  . TYR B 2 77  ? -10.579 9.807   14.492  1.00 21.93 ? 77  TYR D CG  1 
ATOM   1359 C CD1 . TYR B 2 77  ? -9.217  9.922   14.743  1.00 21.55 ? 77  TYR D CD1 1 
ATOM   1360 C CD2 . TYR B 2 77  ? -11.424 9.430   15.545  1.00 22.21 ? 77  TYR D CD2 1 
ATOM   1361 C CE1 . TYR B 2 77  ? -8.694  9.656   16.006  1.00 23.22 ? 77  TYR D CE1 1 
ATOM   1362 C CE2 . TYR B 2 77  ? -10.917 9.170   16.814  1.00 21.57 ? 77  TYR D CE2 1 
ATOM   1363 C CZ  . TYR B 2 77  ? -9.558  9.278   17.036  1.00 22.11 ? 77  TYR D CZ  1 
ATOM   1364 O OH  . TYR B 2 77  ? -9.072  8.995   18.290  1.00 24.20 ? 77  TYR D OH  1 
ATOM   1365 N N   . THR B 2 78  ? -10.856 12.334  10.830  1.00 20.85 ? 78  THR D N   1 
ATOM   1366 C CA  . THR B 2 78  ? -10.879 12.462  9.379   1.00 20.64 ? 78  THR D CA  1 
ATOM   1367 C C   . THR B 2 78  ? -10.051 11.348  8.783   1.00 19.52 ? 78  THR D C   1 
ATOM   1368 O O   . THR B 2 78  ? -8.876  11.197  9.113   1.00 19.97 ? 78  THR D O   1 
ATOM   1369 C CB  . THR B 2 78  ? -10.336 13.813  8.915   1.00 21.29 ? 78  THR D CB  1 
ATOM   1370 O OG1 . THR B 2 78  ? -11.224 14.833  9.376   1.00 22.56 ? 78  THR D OG1 1 
ATOM   1371 C CG2 . THR B 2 78  ? -10.233 13.863  7.364   1.00 20.96 ? 78  THR D CG2 1 
ATOM   1372 N N   . ILE B 2 79  ? -10.694 10.559  7.934   1.00 18.63 ? 79  ILE D N   1 
ATOM   1373 C CA  . ILE B 2 79  ? -10.086 9.391   7.354   1.00 18.11 ? 79  ILE D CA  1 
ATOM   1374 C C   . ILE B 2 79  ? -9.983  9.595   5.845   1.00 18.07 ? 79  ILE D C   1 
ATOM   1375 O O   . ILE B 2 79  ? -10.982 9.900   5.190   1.00 17.76 ? 79  ILE D O   1 
ATOM   1376 C CB  . ILE B 2 79  ? -10.910 8.118   7.652   1.00 18.39 ? 79  ILE D CB  1 
ATOM   1377 C CG1 . ILE B 2 79  ? -10.984 7.872   9.177   1.00 17.80 ? 79  ILE D CG1 1 
ATOM   1378 C CG2 . ILE B 2 79  ? -10.313 6.897   6.903   1.00 16.56 ? 79  ILE D CG2 1 
ATOM   1379 C CD1 . ILE B 2 79  ? -12.134 7.000   9.588   1.00 19.01 ? 79  ILE D CD1 1 
ATOM   1380 N N   . THR B 2 80  ? -8.782  9.412   5.298   1.00 17.02 ? 80  THR D N   1 
ATOM   1381 C CA  . THR B 2 80  ? -8.569  9.689   3.874   1.00 17.28 ? 80  THR D CA  1 
ATOM   1382 C C   . THR B 2 80  ? -7.948  8.472   3.215   1.00 16.67 ? 80  THR D C   1 
ATOM   1383 O O   . THR B 2 80  ? -7.026  7.889   3.769   1.00 16.48 ? 80  THR D O   1 
ATOM   1384 C CB  . THR B 2 80  ? -7.646  10.927  3.662   1.00 17.58 ? 80  THR D CB  1 
ATOM   1385 O OG1 . THR B 2 80  ? -8.096  11.989  4.511   1.00 17.25 ? 80  THR D OG1 1 
ATOM   1386 C CG2 . THR B 2 80  ? -7.681  11.401  2.189   1.00 17.37 ? 80  THR D CG2 1 
ATOM   1387 N N   . VAL B 2 81  ? -8.463  8.117   2.036   1.00 16.25 ? 81  VAL D N   1 
ATOM   1388 C CA  . VAL B 2 81  ? -7.971  6.985   1.258   1.00 15.66 ? 81  VAL D CA  1 
ATOM   1389 C C   . VAL B 2 81  ? -7.299  7.494   -0.025  1.00 15.75 ? 81  VAL D C   1 
ATOM   1390 O O   . VAL B 2 81  ? -7.940  8.155   -0.842  1.00 16.43 ? 81  VAL D O   1 
ATOM   1391 C CB  . VAL B 2 81  ? -9.115  5.986   0.908   1.00 15.38 ? 81  VAL D CB  1 
ATOM   1392 C CG1 . VAL B 2 81  ? -8.572  4.808   0.135   1.00 14.82 ? 81  VAL D CG1 1 
ATOM   1393 C CG2 . VAL B 2 81  ? -9.812  5.471   2.182   1.00 14.25 ? 81  VAL D CG2 1 
ATOM   1394 N N   . TYR B 2 82  ? -6.014  7.181   -0.177  1.00 15.44 ? 82  TYR D N   1 
ATOM   1395 C CA  . TYR B 2 82  ? -5.233  7.477   -1.374  1.00 15.43 ? 82  TYR D CA  1 
ATOM   1396 C C   . TYR B 2 82  ? -5.016  6.185   -2.187  1.00 15.21 ? 82  TYR D C   1 
ATOM   1397 O O   . TYR B 2 82  ? -4.414  5.244   -1.675  1.00 14.54 ? 82  TYR D O   1 
ATOM   1398 C CB  . TYR B 2 82  ? -3.856  8.013   -0.972  1.00 15.91 ? 82  TYR D CB  1 
ATOM   1399 C CG  . TYR B 2 82  ? -3.875  9.292   -0.177  1.00 18.15 ? 82  TYR D CG  1 
ATOM   1400 C CD1 . TYR B 2 82  ? -3.601  10.530  -0.790  1.00 20.65 ? 82  TYR D CD1 1 
ATOM   1401 C CD2 . TYR B 2 82  ? -4.143  9.271   1.196   1.00 19.30 ? 82  TYR D CD2 1 
ATOM   1402 C CE1 . TYR B 2 82  ? -3.619  11.723  -0.045  1.00 19.55 ? 82  TYR D CE1 1 
ATOM   1403 C CE2 . TYR B 2 82  ? -4.173  10.436  1.940   1.00 19.63 ? 82  TYR D CE2 1 
ATOM   1404 C CZ  . TYR B 2 82  ? -3.910  11.655  1.317   1.00 21.79 ? 82  TYR D CZ  1 
ATOM   1405 O OH  . TYR B 2 82  ? -3.938  12.780  2.099   1.00 24.02 ? 82  TYR D OH  1 
ATOM   1406 N N   . ALA B 2 83  ? -5.482  6.153   -3.441  1.00 13.74 ? 83  ALA D N   1 
ATOM   1407 C CA  . ALA B 2 83  ? -5.237  5.027   -4.329  1.00 13.97 ? 83  ALA D CA  1 
ATOM   1408 C C   . ALA B 2 83  ? -4.009  5.256   -5.211  1.00 14.22 ? 83  ALA D C   1 
ATOM   1409 O O   . ALA B 2 83  ? -3.922  6.277   -5.898  1.00 14.47 ? 83  ALA D O   1 
ATOM   1410 C CB  . ALA B 2 83  ? -6.458  4.742   -5.192  1.00 12.73 ? 83  ALA D CB  1 
ATOM   1411 N N   . TYR B 2 84  ? -3.083  4.295   -5.200  1.00 13.46 ? 84  TYR D N   1 
ATOM   1412 C CA  . TYR B 2 84  ? -1.861  4.350   -6.020  1.00 13.16 ? 84  TYR D CA  1 
ATOM   1413 C C   . TYR B 2 84  ? -1.890  3.302   -7.132  1.00 12.95 ? 84  TYR D C   1 
ATOM   1414 O O   . TYR B 2 84  ? -1.889  2.083   -6.851  1.00 12.52 ? 84  TYR D O   1 
ATOM   1415 C CB  . TYR B 2 84  ? -0.617  4.120   -5.153  1.00 11.98 ? 84  TYR D CB  1 
ATOM   1416 C CG  . TYR B 2 84  ? -0.324  5.256   -4.186  1.00 13.24 ? 84  TYR D CG  1 
ATOM   1417 C CD1 . TYR B 2 84  ? 0.635   6.226   -4.479  1.00 12.38 ? 84  TYR D CD1 1 
ATOM   1418 C CD2 . TYR B 2 84  ? -1.038  5.375   -2.983  1.00 12.58 ? 84  TYR D CD2 1 
ATOM   1419 C CE1 . TYR B 2 84  ? 0.892   7.279   -3.581  1.00 14.68 ? 84  TYR D CE1 1 
ATOM   1420 C CE2 . TYR B 2 84  ? -0.793  6.396   -2.084  1.00 13.17 ? 84  TYR D CE2 1 
ATOM   1421 C CZ  . TYR B 2 84  ? 0.170   7.342   -2.374  1.00 17.11 ? 84  TYR D CZ  1 
ATOM   1422 O OH  . TYR B 2 84  ? 0.387   8.335   -1.449  1.00 16.95 ? 84  TYR D OH  1 
ATOM   1423 N N   . ASP B 2 85  ? -1.935  3.746   -8.388  1.00 13.10 ? 85  ASP D N   1 
ATOM   1424 C CA  . ASP B 2 85  ? -1.875  2.788   -9.504  1.00 14.13 ? 85  ASP D CA  1 
ATOM   1425 C C   . ASP B 2 85  ? -0.461  2.606   -10.076 1.00 13.96 ? 85  ASP D C   1 
ATOM   1426 O O   . ASP B 2 85  ? -0.260  1.889   -11.062 1.00 13.87 ? 85  ASP D O   1 
ATOM   1427 C CB  . ASP B 2 85  ? -2.924  3.071   -10.588 1.00 14.90 ? 85  ASP D CB  1 
ATOM   1428 C CG  . ASP B 2 85  ? -2.678  4.400   -11.324 1.00 19.39 ? 85  ASP D CG  1 
ATOM   1429 O OD1 . ASP B 2 85  ? -3.479  4.748   -12.225 1.00 25.41 ? 85  ASP D OD1 1 
ATOM   1430 O OD2 . ASP B 2 85  ? -1.708  5.100   -10.991 1.00 22.31 ? 85  ASP D OD2 1 
ATOM   1431 N N   . THR B 2 86  ? 0.515   3.267   -9.452  1.00 13.64 ? 86  THR D N   1 
ATOM   1432 C CA  . THR B 2 86  ? 1.898   3.122   -9.841  1.00 13.81 ? 86  THR D CA  1 
ATOM   1433 C C   . THR B 2 86  ? 2.823   3.253   -8.613  1.00 14.10 ? 86  THR D C   1 
ATOM   1434 O O   . THR B 2 86  ? 2.439   3.856   -7.612  1.00 13.89 ? 86  THR D O   1 
ATOM   1435 C CB  . THR B 2 86  ? 2.292   4.176   -10.949 1.00 14.75 ? 86  THR D CB  1 
ATOM   1436 O OG1 . THR B 2 86  ? 3.701   4.098   -11.201 1.00 13.58 ? 86  THR D OG1 1 
ATOM   1437 C CG2 . THR B 2 86  ? 1.953   5.628   -10.483 1.00 12.71 ? 86  THR D CG2 1 
ATOM   1438 N N   . PHE B 2 87  ? 4.009   2.635   -8.695  1.00 14.26 ? 87  PHE D N   1 
ATOM   1439 C CA  . PHE B 2 87  ? 5.113   2.795   -7.715  1.00 13.78 ? 87  PHE D CA  1 
ATOM   1440 C C   . PHE B 2 87  ? 6.147   3.836   -8.138  1.00 14.22 ? 87  PHE D C   1 
ATOM   1441 O O   . PHE B 2 87  ? 7.201   3.959   -7.503  1.00 14.60 ? 87  PHE D O   1 
ATOM   1442 C CB  . PHE B 2 87  ? 5.849   1.455   -7.537  1.00 13.62 ? 87  PHE D CB  1 
ATOM   1443 C CG  . PHE B 2 87  ? 4.985   0.348   -6.976  1.00 12.22 ? 87  PHE D CG  1 
ATOM   1444 C CD1 . PHE B 2 87  ? 4.612   0.359   -5.641  1.00 10.31 ? 87  PHE D CD1 1 
ATOM   1445 C CD2 . PHE B 2 87  ? 4.545   -0.708  -7.793  1.00 12.69 ? 87  PHE D CD2 1 
ATOM   1446 C CE1 . PHE B 2 87  ? 3.818   -0.674  -5.106  1.00 9.40  ? 87  PHE D CE1 1 
ATOM   1447 C CE2 . PHE B 2 87  ? 3.750   -1.741  -7.251  1.00 11.91 ? 87  PHE D CE2 1 
ATOM   1448 C CZ  . PHE B 2 87  ? 3.392   -1.708  -5.922  1.00 7.91  ? 87  PHE D CZ  1 
ATOM   1449 N N   . PHE B 2 88  ? 5.887   4.560   -9.227  1.00 14.69 ? 88  PHE D N   1 
ATOM   1450 C CA  . PHE B 2 88  ? 6.828   5.594   -9.686  1.00 14.68 ? 88  PHE D CA  1 
ATOM   1451 C C   . PHE B 2 88  ? 7.208   6.508   -8.523  1.00 14.99 ? 88  PHE D C   1 
ATOM   1452 O O   . PHE B 2 88  ? 6.336   7.010   -7.827  1.00 13.79 ? 88  PHE D O   1 
ATOM   1453 C CB  . PHE B 2 88  ? 6.217   6.423   -10.812 1.00 14.76 ? 88  PHE D CB  1 
ATOM   1454 C CG  . PHE B 2 88  ? 7.216   7.239   -11.574 1.00 16.04 ? 88  PHE D CG  1 
ATOM   1455 C CD1 . PHE B 2 88  ? 7.827   6.717   -12.706 1.00 18.16 ? 88  PHE D CD1 1 
ATOM   1456 C CD2 . PHE B 2 88  ? 7.577   8.529   -11.142 1.00 18.55 ? 88  PHE D CD2 1 
ATOM   1457 C CE1 . PHE B 2 88  ? 8.746   7.465   -13.430 1.00 17.27 ? 88  PHE D CE1 1 
ATOM   1458 C CE2 . PHE B 2 88  ? 8.488   9.285   -11.861 1.00 16.72 ? 88  PHE D CE2 1 
ATOM   1459 C CZ  . PHE B 2 88  ? 9.074   8.751   -13.015 1.00 16.09 ? 88  PHE D CZ  1 
ATOM   1460 N N   . PRO B 2 89  ? 8.525   6.713   -8.303  1.00 16.17 ? 89  PRO D N   1 
ATOM   1461 C CA  . PRO B 2 89  ? 8.999   7.505   -7.166  1.00 17.27 ? 89  PRO D CA  1 
ATOM   1462 C C   . PRO B 2 89  ? 8.425   8.926   -7.176  1.00 17.64 ? 89  PRO D C   1 
ATOM   1463 O O   . PRO B 2 89  ? 8.558   9.646   -8.166  1.00 16.79 ? 89  PRO D O   1 
ATOM   1464 C CB  . PRO B 2 89  ? 10.528  7.548   -7.374  1.00 18.58 ? 89  PRO D CB  1 
ATOM   1465 C CG  . PRO B 2 89  ? 10.824  6.303   -8.249  1.00 16.72 ? 89  PRO D CG  1 
ATOM   1466 C CD  . PRO B 2 89  ? 9.633   6.222   -9.152  1.00 16.06 ? 89  PRO D CD  1 
ATOM   1467 N N   . GLY B 2 90  ? 7.792   9.324   -6.078  1.00 17.86 ? 90  GLY D N   1 
ATOM   1468 C CA  . GLY B 2 90  ? 7.304   10.699  -5.979  1.00 17.40 ? 90  GLY D CA  1 
ATOM   1469 C C   . GLY B 2 90  ? 5.923   10.914  -6.563  1.00 17.75 ? 90  GLY D C   1 
ATOM   1470 O O   . GLY B 2 90  ? 5.395   12.022  -6.483  1.00 17.47 ? 90  GLY D O   1 
ATOM   1471 N N   . TYR B 2 91  ? 5.322   9.888   -7.167  1.00 17.45 ? 91  TYR D N   1 
ATOM   1472 C CA  . TYR B 2 91  ? 3.911   10.017  -7.601  1.00 17.24 ? 91  TYR D CA  1 
ATOM   1473 C C   . TYR B 2 91  ? 2.964   10.173  -6.416  1.00 17.46 ? 91  TYR D C   1 
ATOM   1474 O O   . TYR B 2 91  ? 3.084   9.474   -5.395  1.00 18.17 ? 91  TYR D O   1 
ATOM   1475 C CB  . TYR B 2 91  ? 3.473   8.818   -8.454  1.00 16.65 ? 91  TYR D CB  1 
ATOM   1476 C CG  . TYR B 2 91  ? 1.984   8.735   -8.707  1.00 16.50 ? 91  TYR D CG  1 
ATOM   1477 C CD1 . TYR B 2 91  ? 1.382   9.535   -9.688  1.00 13.77 ? 91  TYR D CD1 1 
ATOM   1478 C CD2 . TYR B 2 91  ? 1.159   7.854   -7.960  1.00 13.96 ? 91  TYR D CD2 1 
ATOM   1479 C CE1 . TYR B 2 91  ? 0.016   9.452   -9.954  1.00 12.99 ? 91  TYR D CE1 1 
ATOM   1480 C CE2 . TYR B 2 91  ? -0.218  7.778   -8.218  1.00 13.91 ? 91  TYR D CE2 1 
ATOM   1481 C CZ  . TYR B 2 91  ? -0.773  8.580   -9.220  1.00 12.97 ? 91  TYR D CZ  1 
ATOM   1482 O OH  . TYR B 2 91  ? -2.113  8.529   -9.489  1.00 12.00 ? 91  TYR D OH  1 
ATOM   1483 N N   . GLU B 2 92  ? 2.020   11.094  -6.543  1.00 17.56 ? 92  GLU D N   1 
ATOM   1484 C CA  . GLU B 2 92  ? 0.909   11.194  -5.597  1.00 18.03 ? 92  GLU D CA  1 
ATOM   1485 C C   . GLU B 2 92  ? -0.359  11.332  -6.394  1.00 17.72 ? 92  GLU D C   1 
ATOM   1486 O O   . GLU B 2 92  ? -0.373  12.047  -7.390  1.00 16.89 ? 92  GLU D O   1 
ATOM   1487 C CB  . GLU B 2 92  ? 1.069   12.426  -4.681  1.00 17.83 ? 92  GLU D CB  1 
ATOM   1488 C CG  . GLU B 2 92  ? 2.198   12.321  -3.667  1.00 22.69 ? 92  GLU D CG  1 
ATOM   1489 C CD  . GLU B 2 92  ? 2.116   11.082  -2.736  1.00 26.83 ? 92  GLU D CD  1 
ATOM   1490 O OE1 . GLU B 2 92  ? 1.023   10.528  -2.536  1.00 28.84 ? 92  GLU D OE1 1 
ATOM   1491 O OE2 . GLU B 2 92  ? 3.163   10.667  -2.189  1.00 30.81 ? 92  GLU D OE2 1 
ATOM   1492 N N   . PRO B 2 93  ? -1.450  10.688  -5.949  1.00 18.05 ? 93  PRO D N   1 
ATOM   1493 C CA  . PRO B 2 93  ? -2.646  10.684  -6.790  1.00 18.35 ? 93  PRO D CA  1 
ATOM   1494 C C   . PRO B 2 93  ? -3.399  12.021  -6.727  1.00 19.51 ? 93  PRO D C   1 
ATOM   1495 O O   . PRO B 2 93  ? -3.237  12.776  -5.762  1.00 19.54 ? 93  PRO D O   1 
ATOM   1496 C CB  . PRO B 2 93  ? -3.505  9.569   -6.178  1.00 18.34 ? 93  PRO D CB  1 
ATOM   1497 C CG  . PRO B 2 93  ? -3.083  9.525   -4.716  1.00 17.99 ? 93  PRO D CG  1 
ATOM   1498 C CD  . PRO B 2 93  ? -1.604  9.846   -4.746  1.00 18.62 ? 93  PRO D CD  1 
ATOM   1499 N N   . ASN B 2 94  ? -4.216  12.279  -7.745  1.00 20.25 ? 94  ASN D N   1 
ATOM   1500 C CA  . ASN B 2 94  ? -4.977  13.536  -7.887  1.00 21.25 ? 94  ASN D CA  1 
ATOM   1501 C C   . ASN B 2 94  ? -6.120  13.718  -6.882  1.00 22.32 ? 94  ASN D C   1 
ATOM   1502 O O   . ASN B 2 94  ? -6.311  14.801  -6.357  1.00 23.61 ? 94  ASN D O   1 
ATOM   1503 C CB  . ASN B 2 94  ? -5.537  13.652  -9.314  1.00 20.43 ? 94  ASN D CB  1 
ATOM   1504 C CG  . ASN B 2 94  ? -4.439  13.730  -10.379 1.00 19.58 ? 94  ASN D CG  1 
ATOM   1505 O OD1 . ASN B 2 94  ? -3.408  14.343  -10.152 1.00 18.91 ? 94  ASN D OD1 1 
ATOM   1506 N ND2 . ASN B 2 94  ? -4.672  13.122  -11.547 1.00 18.04 ? 94  ASN D ND2 1 
ATOM   1507 N N   . SER B 2 95  ? -6.879  12.665  -6.618  1.00 23.34 ? 95  SER D N   1 
ATOM   1508 C CA  . SER B 2 95  ? -8.114  12.819  -5.861  1.00 24.57 ? 95  SER D CA  1 
ATOM   1509 C C   . SER B 2 95  ? -8.381  11.741  -4.827  1.00 24.02 ? 95  SER D C   1 
ATOM   1510 O O   . SER B 2 95  ? -9.172  10.816  -5.082  1.00 24.32 ? 95  SER D O   1 
ATOM   1511 C CB  . SER B 2 95  ? -9.311  12.931  -6.794  1.00 24.85 ? 95  SER D CB  1 
ATOM   1512 O OG  . SER B 2 95  ? -9.152  12.107  -7.921  1.00 27.95 ? 95  SER D OG  1 
ATOM   1513 N N   . PRO B 2 96  ? -7.753  11.881  -3.649  1.00 23.85 ? 96  PRO D N   1 
ATOM   1514 C CA  . PRO B 2 96  ? -8.064  11.010  -2.537  1.00 24.28 ? 96  PRO D CA  1 
ATOM   1515 C C   . PRO B 2 96  ? -9.518  11.254  -2.100  1.00 24.79 ? 96  PRO D C   1 
ATOM   1516 O O   . PRO B 2 96  ? -10.150 12.250  -2.511  1.00 25.27 ? 96  PRO D O   1 
ATOM   1517 C CB  . PRO B 2 96  ? -7.056  11.431  -1.459  1.00 24.32 ? 96  PRO D CB  1 
ATOM   1518 C CG  . PRO B 2 96  ? -6.669  12.855  -1.807  1.00 23.87 ? 96  PRO D CG  1 
ATOM   1519 C CD  . PRO B 2 96  ? -6.757  12.917  -3.298  1.00 24.15 ? 96  PRO D CD  1 
ATOM   1520 N N   . ILE B 2 97  ? -10.080 10.316  -1.358  1.00 23.71 ? 97  ILE D N   1 
ATOM   1521 C CA  . ILE B 2 97  ? -11.447 10.494  -0.865  1.00 23.24 ? 97  ILE D CA  1 
ATOM   1522 C C   . ILE B 2 97  ? -11.400 10.401  0.649   1.00 22.80 ? 97  ILE D C   1 
ATOM   1523 O O   . ILE B 2 97  ? -10.580 9.676   1.200   1.00 22.37 ? 97  ILE D O   1 
ATOM   1524 C CB  . ILE B 2 97  ? -12.415 9.446   -1.433  1.00 23.51 ? 97  ILE D CB  1 
ATOM   1525 C CG1 . ILE B 2 97  ? -11.826 8.031   -1.327  1.00 23.02 ? 97  ILE D CG1 1 
ATOM   1526 C CG2 . ILE B 2 97  ? -12.745 9.765   -2.877  1.00 23.80 ? 97  ILE D CG2 1 
ATOM   1527 C CD1 . ILE B 2 97  ? -12.827 6.917   -1.670  1.00 26.31 ? 97  ILE D CD1 1 
ATOM   1528 N N   . SER B 2 98  ? -12.262 11.144  1.323   1.00 22.68 ? 98  SER D N   1 
ATOM   1529 C CA  . SER B 2 98  ? -12.233 11.130  2.775   1.00 23.24 ? 98  SER D CA  1 
ATOM   1530 C C   . SER B 2 98  ? -13.628 11.186  3.393   1.00 22.93 ? 98  SER D C   1 
ATOM   1531 O O   . SER B 2 98  ? -14.648 11.325  2.701   1.00 21.54 ? 98  SER D O   1 
ATOM   1532 C CB  . SER B 2 98  ? -11.329 12.243  3.319   1.00 23.02 ? 98  SER D CB  1 
ATOM   1533 O OG  . SER B 2 98  ? -11.866 13.493  3.009   1.00 25.83 ? 98  SER D OG  1 
ATOM   1534 N N   . ILE B 2 99  ? -13.636 11.053  4.712   1.00 22.84 ? 99  ILE D N   1 
ATOM   1535 C CA  . ILE B 2 99  ? -14.851 11.056  5.510   1.00 22.40 ? 99  ILE D CA  1 
ATOM   1536 C C   . ILE B 2 99  ? -14.467 11.568  6.899   1.00 23.01 ? 99  ILE D C   1 
ATOM   1537 O O   . ILE B 2 99  ? -13.340 11.335  7.381   1.00 22.44 ? 99  ILE D O   1 
ATOM   1538 C CB  . ILE B 2 99  ? -15.506 9.637   5.547   1.00 21.98 ? 99  ILE D CB  1 
ATOM   1539 C CG1 . ILE B 2 99  ? -16.917 9.699   6.147   1.00 21.41 ? 99  ILE D CG1 1 
ATOM   1540 C CG2 . ILE B 2 99  ? -14.574 8.601   6.216   1.00 21.42 ? 99  ILE D CG2 1 
ATOM   1541 C CD1 . ILE B 2 99  ? -17.725 8.422   6.004   1.00 21.47 ? 99  ILE D CD1 1 
ATOM   1542 N N   . ASN B 2 100 ? -15.374 12.343  7.490   1.00 23.66 ? 100 ASN D N   1 
ATOM   1543 C CA  . ASN B 2 100 ? -15.307 12.722  8.897   1.00 24.91 ? 100 ASN D CA  1 
ATOM   1544 C C   . ASN B 2 100 ? -16.302 11.814  9.645   1.00 25.58 ? 100 ASN D C   1 
ATOM   1545 O O   . ASN B 2 100 ? -17.448 11.648  9.199   1.00 25.43 ? 100 ASN D O   1 
ATOM   1546 C CB  . ASN B 2 100 ? -15.620 14.227  9.064   1.00 25.24 ? 100 ASN D CB  1 
ATOM   1547 C CG  . ASN B 2 100 ? -15.632 14.693  10.539  1.00 26.41 ? 100 ASN D CG  1 
ATOM   1548 O OD1 . ASN B 2 100 ? -14.772 14.327  11.352  1.00 26.41 ? 100 ASN D OD1 1 
ATOM   1549 N ND2 . ASN B 2 100 ? -16.611 15.528  10.872  1.00 28.73 ? 100 ASN D ND2 1 
ATOM   1550 N N   . TYR B 2 101 ? -15.861 11.191  10.738  1.00 26.29 ? 101 TYR D N   1 
ATOM   1551 C CA  . TYR B 2 101 ? -16.706 10.216  11.459  1.00 27.34 ? 101 TYR D CA  1 
ATOM   1552 C C   . TYR B 2 101 ? -16.220 10.003  12.883  1.00 28.42 ? 101 TYR D C   1 
ATOM   1553 O O   . TYR B 2 101 ? -15.028 10.168  13.167  1.00 27.81 ? 101 TYR D O   1 
ATOM   1554 C CB  . TYR B 2 101 ? -16.706 8.865   10.720  1.00 26.78 ? 101 TYR D CB  1 
ATOM   1555 C CG  . TYR B 2 101 ? -17.948 8.021   10.909  1.00 27.25 ? 101 TYR D CG  1 
ATOM   1556 C CD1 . TYR B 2 101 ? -19.069 8.191   10.091  1.00 27.18 ? 101 TYR D CD1 1 
ATOM   1557 C CD2 . TYR B 2 101 ? -17.999 7.040   11.899  1.00 28.04 ? 101 TYR D CD2 1 
ATOM   1558 C CE1 . TYR B 2 101 ? -20.217 7.411   10.262  1.00 29.08 ? 101 TYR D CE1 1 
ATOM   1559 C CE2 . TYR B 2 101 ? -19.134 6.254   12.080  1.00 30.04 ? 101 TYR D CE2 1 
ATOM   1560 C CZ  . TYR B 2 101 ? -20.232 6.437   11.255  1.00 30.89 ? 101 TYR D CZ  1 
ATOM   1561 O OH  . TYR B 2 101 ? -21.343 5.653   11.445  1.00 34.15 ? 101 TYR D OH  1 
ATOM   1562 N N   . ARG B 2 102 ? -17.144 9.594   13.760  1.00 30.32 ? 102 ARG D N   1 
ATOM   1563 C CA  . ARG B 2 102 ? -16.840 9.223   15.151  1.00 32.24 ? 102 ARG D CA  1 
ATOM   1564 C C   . ARG B 2 102 ? -17.533 7.919   15.552  1.00 33.20 ? 102 ARG D C   1 
ATOM   1565 O O   . ARG B 2 102 ? -18.627 7.607   15.049  1.00 33.33 ? 102 ARG D O   1 
ATOM   1566 C CB  . ARG B 2 102 ? -17.253 10.344  16.110  1.00 33.01 ? 102 ARG D CB  1 
ATOM   1567 C CG  . ARG B 2 102 ? -18.751 10.550  16.263  1.00 34.16 ? 102 ARG D CG  1 
ATOM   1568 C CD  . ARG B 2 102 ? -19.034 11.492  17.421  1.00 38.64 ? 102 ARG D CD  1 
ATOM   1569 N NE  . ARG B 2 102 ? -20.397 11.308  17.922  1.00 41.42 ? 102 ARG D NE  1 
ATOM   1570 C CZ  . ARG B 2 102 ? -21.426 12.101  17.626  1.00 44.57 ? 102 ARG D CZ  1 
ATOM   1571 N NH1 . ARG B 2 102 ? -22.636 11.844  18.133  1.00 44.56 ? 102 ARG D NH1 1 
ATOM   1572 N NH2 . ARG B 2 102 ? -21.249 13.158  16.828  1.00 44.00 ? 102 ARG D NH2 1 
ATOM   1573 N N   . THR B 2 103 ? -16.916 7.161   16.457  1.00 33.76 ? 103 THR D N   1 
ATOM   1574 C CA  . THR B 2 103 ? -17.533 5.920   16.931  1.00 34.72 ? 103 THR D CA  1 
ATOM   1575 C C   . THR B 2 103 ? -18.645 6.225   17.949  1.00 35.46 ? 103 THR D C   1 
ATOM   1576 O O   . THR B 2 103 ? -18.825 7.382   18.374  1.00 35.31 ? 103 THR D O   1 
ATOM   1577 C CB  . THR B 2 103 ? -16.531 4.969   17.592  1.00 34.89 ? 103 THR D CB  1 
ATOM   1578 O OG1 . THR B 2 103 ? -16.011 5.585   18.783  1.00 35.14 ? 103 THR D OG1 1 
ATOM   1579 C CG2 . THR B 2 103 ? -15.382 4.597   16.632  1.00 34.45 ? 103 THR D CG2 1 
ATOM   1580 O OXT . THR B 2 103 ? -19.378 5.305   18.363  1.00 35.87 ? 103 THR D OXT 1 
HETATM 1581 C C1  . GOL C 3 .   ? -3.396  -19.900 -0.309  1.00 52.23 ? 1   GOL A C1  1 
HETATM 1582 O O1  . GOL C 3 .   ? -3.259  -20.589 -1.531  1.00 53.23 ? 1   GOL A O1  1 
HETATM 1583 C C2  . GOL C 3 .   ? -2.687  -20.622 0.848   1.00 51.12 ? 1   GOL A C2  1 
HETATM 1584 O O2  . GOL C 3 .   ? -2.764  -22.020 0.700   1.00 51.72 ? 1   GOL A O2  1 
HETATM 1585 C C3  . GOL C 3 .   ? -3.245  -20.213 2.213   1.00 50.69 ? 1   GOL A C3  1 
HETATM 1586 O O3  . GOL C 3 .   ? -4.303  -19.280 2.083   1.00 49.04 ? 1   GOL A O3  1 
HETATM 1587 C C1  . GOL D 3 .   ? 9.704   -23.654 -10.899 1.00 35.46 ? 252 GOL A C1  1 
HETATM 1588 O O1  . GOL D 3 .   ? 10.461  -22.764 -10.147 1.00 36.08 ? 252 GOL A O1  1 
HETATM 1589 C C2  . GOL D 3 .   ? 8.247   -23.233 -10.797 1.00 38.89 ? 252 GOL A C2  1 
HETATM 1590 O O2  . GOL D 3 .   ? 7.925   -22.361 -11.861 1.00 36.06 ? 252 GOL A O2  1 
HETATM 1591 C C3  . GOL D 3 .   ? 7.320   -24.459 -10.765 1.00 40.24 ? 252 GOL A C3  1 
HETATM 1592 O O3  . GOL D 3 .   ? 7.787   -25.471 -11.631 1.00 40.10 ? 252 GOL A O3  1 
HETATM 1593 C C1  . GOL E 3 .   ? 4.156   -2.803  -20.201 1.00 62.41 ? 253 GOL A C1  1 
HETATM 1594 O O1  . GOL E 3 .   ? 4.632   -3.743  -21.131 1.00 62.68 ? 253 GOL A O1  1 
HETATM 1595 C C2  . GOL E 3 .   ? 4.005   -1.446  -20.871 1.00 62.62 ? 253 GOL A C2  1 
HETATM 1596 O O2  . GOL E 3 .   ? 3.325   -1.612  -22.092 1.00 62.12 ? 253 GOL A O2  1 
HETATM 1597 C C3  . GOL E 3 .   ? 5.375   -0.828  -21.107 1.00 62.96 ? 253 GOL A C3  1 
HETATM 1598 O O3  . GOL E 3 .   ? 5.253   0.191   -22.070 1.00 64.98 ? 253 GOL A O3  1 
HETATM 1599 C C1  . GOL F 3 .   ? -21.677 -6.173  12.716  1.00 33.57 ? 104 GOL D C1  1 
HETATM 1600 O O1  . GOL F 3 .   ? -22.537 -5.880  11.606  1.00 27.64 ? 104 GOL D O1  1 
HETATM 1601 C C2  . GOL F 3 .   ? -20.539 -5.179  13.041  1.00 35.78 ? 104 GOL D C2  1 
HETATM 1602 O O2  . GOL F 3 .   ? -20.315 -5.113  14.450  1.00 38.73 ? 104 GOL D O2  1 
HETATM 1603 C C3  . GOL F 3 .   ? -20.854 -3.774  12.529  1.00 35.53 ? 104 GOL D C3  1 
HETATM 1604 O O3  . GOL F 3 .   ? -20.526 -2.770  13.473  1.00 32.35 ? 104 GOL D O3  1 
HETATM 1605 S S   . SO4 G 4 .   ? -6.930  5.354   22.813  1.00 95.04 ? 105 SO4 D S   1 
HETATM 1606 O O1  . SO4 G 4 .   ? -5.664  4.630   22.731  1.00 94.75 ? 105 SO4 D O1  1 
HETATM 1607 O O2  . SO4 G 4 .   ? -8.008  4.484   22.331  1.00 94.42 ? 105 SO4 D O2  1 
HETATM 1608 O O3  . SO4 G 4 .   ? -7.170  5.741   24.201  1.00 94.71 ? 105 SO4 D O3  1 
HETATM 1609 O O4  . SO4 G 4 .   ? -6.857  6.562   21.992  1.00 94.77 ? 105 SO4 D O4  1 
HETATM 1610 O O   . HOH H 5 .   ? 16.334  -5.856  -12.689 1.00 10.32 ? 3   HOH A O   1 
HETATM 1611 O O   . HOH H 5 .   ? 25.896  -1.252  -13.756 1.00 22.65 ? 4   HOH A O   1 
HETATM 1612 O O   . HOH H 5 .   ? 26.922  -7.258  -10.168 1.00 24.48 ? 5   HOH A O   1 
HETATM 1613 O O   . HOH H 5 .   ? 16.286  -15.128 5.409   1.00 29.04 ? 8   HOH A O   1 
HETATM 1614 O O   . HOH H 5 .   ? 12.176  2.591   -13.148 1.00 25.10 ? 9   HOH A O   1 
HETATM 1615 O O   . HOH H 5 .   ? -0.837  -8.904  -1.289  1.00 23.58 ? 11  HOH A O   1 
HETATM 1616 O O   . HOH H 5 .   ? 25.999  -0.234  -15.662 1.00 38.57 ? 12  HOH A O   1 
HETATM 1617 O O   . HOH H 5 .   ? 17.715  7.626   -11.046 1.00 37.86 ? 14  HOH A O   1 
HETATM 1618 O O   . HOH H 5 .   ? -3.428  -10.993 -9.559  1.00 27.73 ? 17  HOH A O   1 
HETATM 1619 O O   . HOH H 5 .   ? 26.650  -8.356  -7.373  1.00 30.18 ? 19  HOH A O   1 
HETATM 1620 O O   . HOH H 5 .   ? 20.681  -6.616  -1.999  1.00 25.37 ? 20  HOH A O   1 
HETATM 1621 O O   . HOH H 5 .   ? 5.179   2.615   -1.963  1.00 32.99 ? 23  HOH A O   1 
HETATM 1622 O O   . HOH H 5 .   ? 18.053  4.551   -12.583 1.00 30.25 ? 24  HOH A O   1 
HETATM 1623 O O   . HOH H 5 .   ? -4.031  -14.940 -8.306  1.00 34.08 ? 25  HOH A O   1 
HETATM 1624 O O   . HOH H 5 .   ? 4.101   -21.327 -9.686  1.00 20.10 ? 26  HOH A O   1 
HETATM 1625 O O   . HOH H 5 .   ? -1.262  -17.771 -6.537  1.00 20.67 ? 27  HOH A O   1 
HETATM 1626 O O   . HOH H 5 .   ? 2.188   -2.506  2.457   1.00 21.57 ? 28  HOH A O   1 
HETATM 1627 O O   . HOH H 5 .   ? 26.262  -8.985  -16.193 1.00 21.42 ? 31  HOH A O   1 
HETATM 1628 O O   . HOH H 5 .   ? 25.856  -11.407 -8.504  1.00 25.53 ? 37  HOH A O   1 
HETATM 1629 O O   . HOH H 5 .   ? -0.159  -14.915 -16.092 1.00 39.97 ? 39  HOH A O   1 
HETATM 1630 O O   . HOH H 5 .   ? 13.627  -18.718 6.951   1.00 32.55 ? 40  HOH A O   1 
HETATM 1631 O O   . HOH H 5 .   ? 14.590  1.219   1.731   1.00 47.09 ? 41  HOH A O   1 
HETATM 1632 O O   . HOH H 5 .   ? 24.018  1.155   -4.071  1.00 39.65 ? 45  HOH A O   1 
HETATM 1633 O O   . HOH H 5 .   ? 2.077   -4.744  -11.671 1.00 26.84 ? 46  HOH A O   1 
HETATM 1634 O O   . HOH H 5 .   ? 2.531   -2.878  -17.414 1.00 22.86 ? 49  HOH A O   1 
HETATM 1635 O O   . HOH H 5 .   ? 6.278   -7.308  7.952   1.00 36.56 ? 52  HOH A O   1 
HETATM 1636 O O   . HOH H 5 .   ? 18.296  -14.773 -6.879  1.00 28.37 ? 53  HOH A O   1 
HETATM 1637 O O   . HOH H 5 .   ? -0.180  -23.180 -12.742 1.00 36.50 ? 55  HOH A O   1 
HETATM 1638 O O   . HOH H 5 .   ? 7.981   -17.714 10.079  1.00 44.55 ? 57  HOH A O   1 
HETATM 1639 O O   . HOH H 5 .   ? 20.366  -1.125  -17.114 1.00 38.20 ? 58  HOH A O   1 
HETATM 1640 O O   . HOH H 5 .   ? -0.028  -3.057  0.843   1.00 28.15 ? 61  HOH A O   1 
HETATM 1641 O O   . HOH H 5 .   ? 19.475  4.089   -14.644 1.00 47.69 ? 64  HOH A O   1 
HETATM 1642 O O   . HOH H 5 .   ? 21.667  -13.936 -7.428  1.00 41.57 ? 67  HOH A O   1 
HETATM 1643 O O   . HOH H 5 .   ? 0.435   -10.274 4.716   1.00 41.92 ? 70  HOH A O   1 
HETATM 1644 O O   . HOH H 5 .   ? 22.542  -2.547  -18.299 1.00 38.05 ? 71  HOH A O   1 
HETATM 1645 O O   . HOH H 5 .   ? 10.136  0.353   -16.800 1.00 36.77 ? 72  HOH A O   1 
HETATM 1646 O O   . HOH H 5 .   ? -2.828  -20.080 -5.817  1.00 36.25 ? 77  HOH A O   1 
HETATM 1647 O O   . HOH H 5 .   ? 9.636   -22.892 2.962   1.00 36.22 ? 78  HOH A O   1 
HETATM 1648 O O   . HOH H 5 .   ? 8.845   -0.831  -19.898 1.00 50.79 ? 80  HOH A O   1 
HETATM 1649 O O   . HOH H 5 .   ? 3.213   3.733   4.641   1.00 50.17 ? 81  HOH A O   1 
HETATM 1650 O O   . HOH H 5 .   ? 5.415   -8.549  -18.313 1.00 29.24 ? 82  HOH A O   1 
HETATM 1651 O O   . HOH H 5 .   ? 20.655  -4.199  -1.630  1.00 45.45 ? 85  HOH A O   1 
HETATM 1652 O O   . HOH H 5 .   ? 20.152  -11.980 -14.987 1.00 43.14 ? 89  HOH A O   1 
HETATM 1653 O O   . HOH H 5 .   ? 3.738   -6.284  -18.255 1.00 34.74 ? 90  HOH A O   1 
HETATM 1654 O O   . HOH H 5 .   ? 17.322  2.388   -2.784  1.00 29.61 ? 91  HOH A O   1 
HETATM 1655 O O   . HOH H 5 .   ? 3.640   8.965   3.305   1.00 50.03 ? 94  HOH A O   1 
HETATM 1656 O O   . HOH H 5 .   ? -7.082  -4.570  -8.156  1.00 54.15 ? 95  HOH A O   1 
HETATM 1657 O O   . HOH H 5 .   ? 25.639  -10.214 -14.181 1.00 32.60 ? 97  HOH A O   1 
HETATM 1658 O O   . HOH H 5 .   ? 25.569  -7.887  -4.807  1.00 26.49 ? 98  HOH A O   1 
HETATM 1659 O O   . HOH H 5 .   ? 24.750  5.694   -14.857 1.00 40.40 ? 100 HOH A O   1 
HETATM 1660 O O   . HOH H 5 .   ? 16.930  -14.465 -2.002  1.00 36.89 ? 102 HOH A O   1 
HETATM 1661 O O   . HOH H 5 .   ? 12.612  8.014   -11.422 1.00 43.94 ? 103 HOH A O   1 
HETATM 1662 O O   . HOH H 5 .   ? 14.377  3.584   -2.888  1.00 22.09 ? 105 HOH A O   1 
HETATM 1663 O O   . HOH H 5 .   ? 16.600  -17.768 -1.387  1.00 34.91 ? 106 HOH A O   1 
HETATM 1664 O O   . HOH H 5 .   ? 1.528   -5.755  8.259   1.00 41.69 ? 109 HOH A O   1 
HETATM 1665 O O   . HOH H 5 .   ? 17.863  0.430   -16.902 1.00 42.88 ? 110 HOH A O   1 
HETATM 1666 O O   . HOH H 5 .   ? 0.491   -11.720 -12.042 1.00 33.18 ? 111 HOH A O   1 
HETATM 1667 O O   . HOH H 5 .   ? 14.016  6.722   -6.697  1.00 30.83 ? 112 HOH A O   1 
HETATM 1668 O O   . HOH H 5 .   ? 7.306   3.145   -4.639  1.00 45.40 ? 113 HOH A O   1 
HETATM 1669 O O   . HOH H 5 .   ? 1.636   -0.310  9.756   1.00 41.81 ? 118 HOH A O   1 
HETATM 1670 O O   . HOH H 5 .   ? 2.427   -2.337  11.989  1.00 48.98 ? 120 HOH A O   1 
HETATM 1671 O O   . HOH H 5 .   ? 0.346   -3.623  10.959  1.00 49.19 ? 121 HOH A O   1 
HETATM 1672 O O   . HOH H 5 .   ? 16.800  -6.107  -23.489 1.00 48.17 ? 122 HOH A O   1 
HETATM 1673 O O   . HOH H 5 .   ? 10.984  -21.580 4.519   1.00 38.14 ? 255 HOH A O   1 
HETATM 1674 O O   . HOH H 5 .   ? 18.984  -12.630 -8.370  1.00 41.95 ? 256 HOH A O   1 
HETATM 1675 O O   . HOH H 5 .   ? 0.945   -3.963  -15.546 1.00 48.34 ? 257 HOH A O   1 
HETATM 1676 O O   . HOH I 5 .   ? 3.474   4.726   -5.060  1.00 24.15 ? 106 HOH D O   1 
HETATM 1677 O O   . HOH I 5 .   ? -22.445 11.052  2.118   1.00 28.83 ? 107 HOH D O   1 
HETATM 1678 O O   . HOH I 5 .   ? -7.571  -2.224  -9.354  1.00 29.90 ? 108 HOH D O   1 
HETATM 1679 O O   . HOH I 5 .   ? 2.228   12.847  -9.007  1.00 17.05 ? 109 HOH D O   1 
HETATM 1680 O O   . HOH I 5 .   ? -21.885 0.480   10.037  1.00 19.51 ? 110 HOH D O   1 
HETATM 1681 O O   . HOH I 5 .   ? -6.652  8.707   -4.662  1.00 21.08 ? 111 HOH D O   1 
HETATM 1682 O O   . HOH I 5 .   ? -1.097  12.909  -9.746  1.00 24.09 ? 112 HOH D O   1 
HETATM 1683 O O   . HOH I 5 .   ? -21.737 2.242   11.760  1.00 44.85 ? 113 HOH D O   1 
HETATM 1684 O O   . HOH I 5 .   ? -1.191  15.227  -6.838  1.00 38.87 ? 114 HOH D O   1 
HETATM 1685 O O   . HOH I 5 .   ? 4.741   6.690   -5.764  1.00 36.56 ? 115 HOH D O   1 
HETATM 1686 O O   . HOH I 5 .   ? -4.113  4.014   16.266  1.00 33.24 ? 116 HOH D O   1 
HETATM 1687 O O   . HOH I 5 .   ? -25.615 35.942  -5.717  1.00 50.98 ? 117 HOH D O   1 
HETATM 1688 O O   . HOH I 5 .   ? -3.138  6.459   -8.450  1.00 16.69 ? 118 HOH D O   1 
HETATM 1689 O O   . HOH I 5 .   ? -27.497 34.736  -2.064  1.00 28.78 ? 119 HOH D O   1 
HETATM 1690 O O   . HOH I 5 .   ? -15.771 -5.081  13.780  1.00 31.08 ? 120 HOH D O   1 
HETATM 1691 O O   . HOH I 5 .   ? -0.492  12.611  -1.340  1.00 43.54 ? 121 HOH D O   1 
HETATM 1692 O O   . HOH I 5 .   ? -17.363 3.130   -1.062  1.00 28.97 ? 122 HOH D O   1 
HETATM 1693 O O   . HOH I 5 .   ? -14.509 -1.943  13.508  1.00 28.53 ? 123 HOH D O   1 
HETATM 1694 O O   . HOH I 5 .   ? -13.257 -1.316  21.487  1.00 38.45 ? 124 HOH D O   1 
HETATM 1695 O O   . HOH I 5 .   ? -14.408 15.455  18.373  1.00 40.44 ? 125 HOH D O   1 
HETATM 1696 O O   . HOH I 5 .   ? -21.379 6.055   15.352  1.00 49.12 ? 126 HOH D O   1 
HETATM 1697 O O   . HOH I 5 .   ? -22.673 6.552   18.388  1.00 36.45 ? 127 HOH D O   1 
HETATM 1698 O O   . HOH I 5 .   ? -3.806  12.666  4.880   1.00 25.59 ? 128 HOH D O   1 
HETATM 1699 O O   . HOH I 5 .   ? -14.475 7.880   17.353  1.00 15.90 ? 129 HOH D O   1 
HETATM 1700 O O   . HOH I 5 .   ? -2.846  13.214  -3.212  1.00 26.99 ? 130 HOH D O   1 
HETATM 1701 O O   . HOH I 5 .   ? 4.204   12.294  -10.704 1.00 26.26 ? 131 HOH D O   1 
HETATM 1702 O O   . HOH I 5 .   ? -4.779  10.265  -9.534  1.00 28.54 ? 132 HOH D O   1 
HETATM 1703 O O   . HOH I 5 .   ? -11.986 15.672  16.695  1.00 29.48 ? 133 HOH D O   1 
HETATM 1704 O O   . HOH I 5 .   ? -26.927 18.405  3.210   1.00 41.75 ? 134 HOH D O   1 
HETATM 1705 O O   . HOH I 5 .   ? -22.881 3.207   7.044   1.00 39.78 ? 135 HOH D O   1 
HETATM 1706 O O   . HOH I 5 .   ? -5.247  15.544  13.212  1.00 40.11 ? 136 HOH D O   1 
HETATM 1707 O O   . HOH I 5 .   ? -17.690 13.152  5.959   1.00 36.71 ? 137 HOH D O   1 
HETATM 1708 O O   . HOH I 5 .   ? -11.004 14.674  0.145   1.00 46.40 ? 138 HOH D O   1 
HETATM 1709 O O   . HOH I 5 .   ? 1.056   17.233  18.804  1.00 46.54 ? 139 HOH D O   1 
HETATM 1710 O O   . HOH I 5 .   ? -10.984 -0.795  -10.751 1.00 55.36 ? 140 HOH D O   1 
HETATM 1711 O O   . HOH I 5 .   ? -8.706  14.563  21.925  1.00 36.11 ? 141 HOH D O   1 
HETATM 1712 O O   . HOH I 5 .   ? -18.261 1.293   -0.606  1.00 33.90 ? 142 HOH D O   1 
HETATM 1713 O O   . HOH I 5 .   ? 1.151   21.904  17.466  1.00 42.38 ? 143 HOH D O   1 
HETATM 1714 O O   . HOH I 5 .   ? -5.949  5.039   -9.777  1.00 37.77 ? 144 HOH D O   1 
HETATM 1715 O O   . HOH I 5 .   ? -4.141  10.169  -13.089 1.00 48.77 ? 145 HOH D O   1 
HETATM 1716 O O   . HOH I 5 .   ? -21.574 4.925   5.425   1.00 29.99 ? 146 HOH D O   1 
HETATM 1717 O O   . HOH I 5 .   ? -6.732  11.154  -11.559 1.00 43.20 ? 147 HOH D O   1 
HETATM 1718 O O   . HOH I 5 .   ? -12.357 7.898   -9.282  1.00 43.02 ? 148 HOH D O   1 
HETATM 1719 O O   . HOH I 5 .   ? -24.636 15.357  1.261   1.00 28.86 ? 150 HOH D O   1 
HETATM 1720 O O   . HOH I 5 .   ? -6.504  9.622   18.572  1.00 35.46 ? 152 HOH D O   1 
HETATM 1721 O O   . HOH I 5 .   ? -6.900  -3.065  7.890   1.00 28.04 ? 153 HOH D O   1 
HETATM 1722 O O   . HOH I 5 .   ? 4.897   7.986   -3.577  1.00 46.69 ? 154 HOH D O   1 
HETATM 1723 O O   . HOH I 5 .   ? -4.273  -10.432 1.872   1.00 46.00 ? 155 HOH D O   1 
HETATM 1724 O O   . HOH I 5 .   ? -21.246 7.264   4.454   1.00 37.35 ? 156 HOH D O   1 
HETATM 1725 O O   . HOH I 5 .   ? -19.290 12.218  12.006  1.00 54.49 ? 157 HOH D O   1 
HETATM 1726 O O   . HOH I 5 .   ? -7.123  16.497  21.637  1.00 46.78 ? 158 HOH D O   1 
HETATM 1727 O O   . HOH I 5 .   ? 1.001   2.926   11.747  1.00 43.02 ? 159 HOH D O   1 
HETATM 1728 O O   . HOH I 5 .   ? -6.601  10.013  -7.461  1.00 50.60 ? 160 HOH D O   1 
HETATM 1729 O O   . HOH I 5 .   ? -3.436  -0.713  16.140  1.00 44.68 ? 161 HOH D O   1 
HETATM 1730 O O   . HOH I 5 .   ? -4.000  2.528   -14.386 1.00 51.72 ? 163 HOH D O   1 
HETATM 1731 O O   . HOH I 5 .   ? -11.306 -7.615  -1.929  1.00 38.85 ? 164 HOH D O   1 
HETATM 1732 O O   . HOH I 5 .   ? -5.565  0.904   12.462  1.00 35.39 ? 165 HOH D O   1 
HETATM 1733 O O   . HOH I 5 .   ? 10.780  12.090  -10.880 1.00 43.53 ? 166 HOH D O   1 
HETATM 1734 O O   . HOH I 5 .   ? -11.139 16.385  -1.419  1.00 33.95 ? 167 HOH D O   1 
HETATM 1735 O O   . HOH I 5 .   ? -9.498  -11.540 -3.608  1.00 36.59 ? 168 HOH D O   1 
HETATM 1736 O O   . HOH I 5 .   ? -4.805  -3.797  -9.679  1.00 28.27 ? 254 HOH D O   1 
# 
loop_
_pdbx_poly_seq_scheme.asym_id 
_pdbx_poly_seq_scheme.entity_id 
_pdbx_poly_seq_scheme.seq_id 
_pdbx_poly_seq_scheme.mon_id 
_pdbx_poly_seq_scheme.ndb_seq_num 
_pdbx_poly_seq_scheme.pdb_seq_num 
_pdbx_poly_seq_scheme.auth_seq_num 
_pdbx_poly_seq_scheme.pdb_mon_id 
_pdbx_poly_seq_scheme.auth_mon_id 
_pdbx_poly_seq_scheme.pdb_strand_id 
_pdbx_poly_seq_scheme.pdb_ins_code 
_pdbx_poly_seq_scheme.hetero 
A 1 1   GLY 1   129 ?   ?   ?   A . n 
A 1 2   SER 2   130 ?   ?   ?   A . n 
A 1 3   PRO 3   131 ?   ?   ?   A . n 
A 1 4   SER 4   132 ?   ?   ?   A . n 
A 1 5   ASN 5   133 ?   ?   ?   A . n 
A 1 6   TYR 6   134 ?   ?   ?   A . n 
A 1 7   ILE 7   135 ?   ?   ?   A . n 
A 1 8   THR 8   136 ?   ?   ?   A . n 
A 1 9   PRO 9   137 ?   ?   ?   A . n 
A 1 10  VAL 10  138 ?   ?   ?   A . n 
A 1 11  ASN 11  139 ?   ?   ?   A . n 
A 1 12  SER 12  140 ?   ?   ?   A . n 
A 1 13  LEU 13  141 141 LEU LEU A . n 
A 1 14  GLU 14  142 142 GLU GLU A . n 
A 1 15  LYS 15  143 143 LYS LYS A . n 
A 1 16  HIS 16  144 144 HIS HIS A . n 
A 1 17  SER 17  145 145 SER SER A . n 
A 1 18  TRP 18  146 146 TRP TRP A . n 
A 1 19  TYR 19  147 147 TYR TYR A . n 
A 1 20  HIS 20  148 148 HIS HIS A . n 
A 1 21  GLY 21  149 149 GLY GLY A . n 
A 1 22  PRO 22  150 150 PRO PRO A . n 
A 1 23  VAL 23  151 151 VAL VAL A . n 
A 1 24  SER 24  152 152 SER SER A . n 
A 1 25  ARG 25  153 153 ARG ARG A . n 
A 1 26  ASN 26  154 154 ASN ASN A . n 
A 1 27  ALA 27  155 155 ALA ALA A . n 
A 1 28  ALA 28  156 156 ALA ALA A . n 
A 1 29  GLU 29  157 157 GLU GLU A . n 
A 1 30  TYR 30  158 158 TYR TYR A . n 
A 1 31  LEU 31  159 159 LEU LEU A . n 
A 1 32  LEU 32  160 160 LEU LEU A . n 
A 1 33  SER 33  161 161 SER SER A . n 
A 1 34  SER 34  162 162 SER SER A . n 
A 1 35  GLY 35  163 163 GLY GLY A . n 
A 1 36  ILE 36  164 164 ILE ILE A . n 
A 1 37  ASN 37  165 165 ASN ASN A . n 
A 1 38  GLY 38  166 166 GLY GLY A . n 
A 1 39  SER 39  167 167 SER SER A . n 
A 1 40  PHE 40  168 168 PHE PHE A . n 
A 1 41  LEU 41  169 169 LEU LEU A . n 
A 1 42  VAL 42  170 170 VAL VAL A . n 
A 1 43  ARG 43  171 171 ARG ARG A . n 
A 1 44  GLU 44  172 172 GLU GLU A . n 
A 1 45  SER 45  173 173 SER SER A . n 
A 1 46  GLU 46  174 174 GLU GLU A . n 
A 1 47  SER 47  175 175 SER SER A . n 
A 1 48  SER 48  176 176 SER SER A . n 
A 1 49  PRO 49  177 177 PRO PRO A . n 
A 1 50  GLY 50  178 178 GLY GLY A . n 
A 1 51  GLN 51  179 179 GLN GLN A . n 
A 1 52  ARG 52  180 180 ARG ARG A . n 
A 1 53  SER 53  181 181 SER SER A . n 
A 1 54  ILE 54  182 182 ILE ILE A . n 
A 1 55  SER 55  183 183 SER SER A . n 
A 1 56  LEU 56  184 184 LEU LEU A . n 
A 1 57  ARG 57  185 185 ARG ARG A . n 
A 1 58  TYR 58  186 186 TYR TYR A . n 
A 1 59  GLU 59  187 187 GLU GLU A . n 
A 1 60  GLY 60  188 188 GLY GLY A . n 
A 1 61  ARG 61  189 189 ARG ARG A . n 
A 1 62  VAL 62  190 190 VAL VAL A . n 
A 1 63  TYR 63  191 191 TYR TYR A . n 
A 1 64  HIS 64  192 192 HIS HIS A . n 
A 1 65  TYR 65  193 193 TYR TYR A . n 
A 1 66  ARG 66  194 194 ARG ARG A . n 
A 1 67  ILE 67  195 195 ILE ILE A . n 
A 1 68  ASN 68  196 196 ASN ASN A . n 
A 1 69  THR 69  197 197 THR THR A . n 
A 1 70  ALA 70  198 198 ALA ALA A . n 
A 1 71  SER 71  199 199 SER SER A . n 
A 1 72  ASP 72  200 200 ASP ASP A . n 
A 1 73  GLY 73  201 201 GLY GLY A . n 
A 1 74  LYS 74  202 202 LYS LYS A . n 
A 1 75  LEU 75  203 203 LEU LEU A . n 
A 1 76  TYR 76  204 204 TYR TYR A . n 
A 1 77  VAL 77  205 205 VAL VAL A . n 
A 1 78  SER 78  206 206 SER SER A . n 
A 1 79  SER 79  207 207 SER SER A . n 
A 1 80  GLU 80  208 208 GLU GLU A . n 
A 1 81  SER 81  209 209 SER SER A . n 
A 1 82  ARG 82  210 210 ARG ARG A . n 
A 1 83  PHE 83  211 211 PHE PHE A . n 
A 1 84  ASN 84  212 212 ASN ASN A . n 
A 1 85  THR 85  213 213 THR THR A . n 
A 1 86  LEU 86  214 214 LEU LEU A . n 
A 1 87  ALA 87  215 215 ALA ALA A . n 
A 1 88  GLU 88  216 216 GLU GLU A . n 
A 1 89  LEU 89  217 217 LEU LEU A . n 
A 1 90  VAL 90  218 218 VAL VAL A . n 
A 1 91  HIS 91  219 219 HIS HIS A . n 
A 1 92  HIS 92  220 220 HIS HIS A . n 
A 1 93  HIS 93  221 221 HIS HIS A . n 
A 1 94  SER 94  222 222 SER SER A . n 
A 1 95  THR 95  223 223 THR THR A . n 
A 1 96  VAL 96  224 224 VAL VAL A . n 
A 1 97  ALA 97  225 225 ALA ALA A . n 
A 1 98  ASP 98  226 226 ASP ASP A . n 
A 1 99  GLY 99  227 227 GLY GLY A . n 
A 1 100 LEU 100 228 228 LEU LEU A . n 
A 1 101 ILE 101 229 229 ILE ILE A . n 
A 1 102 THR 102 230 230 THR THR A . n 
A 1 103 THR 103 231 231 THR THR A . n 
A 1 104 LEU 104 232 232 LEU LEU A . n 
A 1 105 HIS 105 233 233 HIS HIS A . n 
A 1 106 TYR 106 234 234 TYR TYR A . n 
A 1 107 PRO 107 235 235 PRO PRO A . n 
A 1 108 ALA 108 236 236 ALA ALA A . n 
A 1 109 PRO 109 237 237 PRO PRO A . n 
A 1 110 LYS 110 238 238 LYS LYS A . n 
A 1 111 ARG 111 239 ?   ?   ?   A . n 
A 1 112 ASN 112 240 ?   ?   ?   A . n 
A 1 113 LYS 113 241 ?   ?   ?   A . n 
A 1 114 PRO 114 242 ?   ?   ?   A . n 
A 1 115 THR 115 243 ?   ?   ?   A . n 
A 1 116 VAL 116 244 ?   ?   ?   A . n 
A 1 117 TYR 117 245 ?   ?   ?   A . n 
A 1 118 GLY 118 246 ?   ?   ?   A . n 
A 1 119 VAL 119 247 ?   ?   ?   A . n 
A 1 120 SER 120 248 ?   ?   ?   A . n 
A 1 121 PRO 121 249 ?   ?   ?   A . n 
A 1 122 ASN 122 250 ?   ?   ?   A . n 
A 1 123 TYR 123 251 ?   ?   ?   A . n 
B 2 1   GLY 1   1   1   GLY GLY D . n 
B 2 2   GLY 2   2   2   GLY GLY D . n 
B 2 3   SER 3   3   3   SER SER D . n 
B 2 4   GLY 4   4   4   GLY GLY D . n 
B 2 5   SER 5   5   5   SER SER D . n 
B 2 6   SER 6   6   6   SER SER D . n 
B 2 7   VAL 7   7   7   VAL VAL D . n 
B 2 8   SER 8   8   8   SER SER D . n 
B 2 9   SER 9   9   9   SER SER D . n 
B 2 10  VAL 10  10  10  VAL VAL D . n 
B 2 11  PRO 11  11  11  PRO PRO D . n 
B 2 12  THR 12  12  12  THR THR D . n 
B 2 13  LYS 13  13  13  LYS LYS D . n 
B 2 14  LEU 14  14  14  LEU LEU D . n 
B 2 15  GLU 15  15  15  GLU GLU D . n 
B 2 16  VAL 16  16  16  VAL VAL D . n 
B 2 17  VAL 17  17  17  VAL VAL D . n 
B 2 18  ASP 18  18  18  ASP ASP D . n 
B 2 19  ALA 19  19  19  ALA ALA D . n 
B 2 20  THR 20  20  20  THR THR D . n 
B 2 21  PRO 21  21  21  PRO PRO D . n 
B 2 22  THR 22  22  22  THR THR D . n 
B 2 23  SER 23  23  23  SER SER D . n 
B 2 24  LEU 24  24  24  LEU LEU D . n 
B 2 25  LYS 25  25  25  LYS LYS D . n 
B 2 26  ILE 26  26  26  ILE ILE D . n 
B 2 27  SER 27  27  27  SER SER D . n 
B 2 28  TRP 28  28  28  TRP TRP D . n 
B 2 29  ASP 29  29  29  ASP ASP D . n 
B 2 30  ALA 30  30  30  ALA ALA D . n 
B 2 31  TYR 31  31  31  TYR TYR D . n 
B 2 32  TYR 32  32  32  TYR TYR D . n 
B 2 33  SER 33  33  33  SER SER D . n 
B 2 34  SER 34  34  34  SER SER D . n 
B 2 35  TRP 35  35  35  TRP TRP D . n 
B 2 36  GLN 36  36  36  GLN GLN D . n 
B 2 37  ASN 37  37  37  ASN ASN D . n 
B 2 38  VAL 38  38  38  VAL VAL D . n 
B 2 39  LYS 39  39  39  LYS LYS D . n 
B 2 40  TYR 40  40  40  TYR TYR D . n 
B 2 41  TYR 41  41  41  TYR TYR D . n 
B 2 42  ARG 42  42  42  ARG ARG D . n 
B 2 43  ILE 43  43  43  ILE ILE D . n 
B 2 44  THR 44  44  44  THR THR D . n 
B 2 45  TYR 45  45  45  TYR TYR D . n 
B 2 46  GLY 46  46  46  GLY GLY D . n 
B 2 47  GLU 47  47  47  GLU GLU D . n 
B 2 48  THR 48  48  48  THR THR D . n 
B 2 49  GLY 49  49  49  GLY GLY D . n 
B 2 50  GLY 50  50  50  GLY GLY D . n 
B 2 51  ASP 51  51  51  ASP ASP D . n 
B 2 52  SER 52  52  52  SER SER D . n 
B 2 53  PRO 53  53  53  PRO PRO D . n 
B 2 54  VAL 54  54  54  VAL VAL D . n 
B 2 55  GLN 55  55  55  GLN GLN D . n 
B 2 56  GLU 56  56  56  GLU GLU D . n 
B 2 57  PHE 57  57  57  PHE PHE D . n 
B 2 58  THR 58  58  58  THR THR D . n 
B 2 59  VAL 59  59  59  VAL VAL D . n 
B 2 60  PRO 60  60  60  PRO PRO D . n 
B 2 61  GLY 61  61  61  GLY GLY D . n 
B 2 62  TYR 62  62  62  TYR TYR D . n 
B 2 63  TYR 63  63  63  TYR TYR D . n 
B 2 64  SER 64  64  64  SER SER D . n 
B 2 65  THR 65  65  65  THR THR D . n 
B 2 66  ALA 66  66  66  ALA ALA D . n 
B 2 67  THR 67  67  67  THR THR D . n 
B 2 68  ILE 68  68  68  ILE ILE D . n 
B 2 69  SER 69  69  69  SER SER D . n 
B 2 70  GLY 70  70  70  GLY GLY D . n 
B 2 71  LEU 71  71  71  LEU LEU D . n 
B 2 72  LYS 72  72  72  LYS LYS D . n 
B 2 73  PRO 73  73  73  PRO PRO D . n 
B 2 74  GLY 74  74  74  GLY GLY D . n 
B 2 75  VAL 75  75  75  VAL VAL D . n 
B 2 76  ASP 76  76  76  ASP ASP D . n 
B 2 77  TYR 77  77  77  TYR TYR D . n 
B 2 78  THR 78  78  78  THR THR D . n 
B 2 79  ILE 79  79  79  ILE ILE D . n 
B 2 80  THR 80  80  80  THR THR D . n 
B 2 81  VAL 81  81  81  VAL VAL D . n 
B 2 82  TYR 82  82  82  TYR TYR D . n 
B 2 83  ALA 83  83  83  ALA ALA D . n 
B 2 84  TYR 84  84  84  TYR TYR D . n 
B 2 85  ASP 85  85  85  ASP ASP D . n 
B 2 86  THR 86  86  86  THR THR D . n 
B 2 87  PHE 87  87  87  PHE PHE D . n 
B 2 88  PHE 88  88  88  PHE PHE D . n 
B 2 89  PRO 89  89  89  PRO PRO D . n 
B 2 90  GLY 90  90  90  GLY GLY D . n 
B 2 91  TYR 91  91  91  TYR TYR D . n 
B 2 92  GLU 92  92  92  GLU GLU D . n 
B 2 93  PRO 93  93  93  PRO PRO D . n 
B 2 94  ASN 94  94  94  ASN ASN D . n 
B 2 95  SER 95  95  95  SER SER D . n 
B 2 96  PRO 96  96  96  PRO PRO D . n 
B 2 97  ILE 97  97  97  ILE ILE D . n 
B 2 98  SER 98  98  98  SER SER D . n 
B 2 99  ILE 99  99  99  ILE ILE D . n 
B 2 100 ASN 100 100 100 ASN ASN D . n 
B 2 101 TYR 101 101 101 TYR TYR D . n 
B 2 102 ARG 102 102 102 ARG ARG D . n 
B 2 103 THR 103 103 103 THR THR D . n 
# 
loop_
_pdbx_nonpoly_scheme.asym_id 
_pdbx_nonpoly_scheme.entity_id 
_pdbx_nonpoly_scheme.mon_id 
_pdbx_nonpoly_scheme.ndb_seq_num 
_pdbx_nonpoly_scheme.pdb_seq_num 
_pdbx_nonpoly_scheme.auth_seq_num 
_pdbx_nonpoly_scheme.pdb_mon_id 
_pdbx_nonpoly_scheme.auth_mon_id 
_pdbx_nonpoly_scheme.pdb_strand_id 
_pdbx_nonpoly_scheme.pdb_ins_code 
C 3 GOL 1  1   1   GOL GOL A . 
D 3 GOL 1  252 252 GOL GOL A . 
E 3 GOL 1  253 253 GOL GOL A . 
F 3 GOL 1  104 104 GOL GOL D . 
G 4 SO4 1  105 105 SO4 SO4 D . 
H 5 HOH 1  3   3   HOH HOH A . 
H 5 HOH 2  4   4   HOH HOH A . 
H 5 HOH 3  5   5   HOH HOH A . 
H 5 HOH 4  8   8   HOH HOH A . 
H 5 HOH 5  9   9   HOH HOH A . 
H 5 HOH 6  11  11  HOH HOH A . 
H 5 HOH 7  12  12  HOH HOH A . 
H 5 HOH 8  14  14  HOH HOH A . 
H 5 HOH 9  17  17  HOH HOH A . 
H 5 HOH 10 19  19  HOH HOH A . 
H 5 HOH 11 20  20  HOH HOH A . 
H 5 HOH 12 23  23  HOH HOH A . 
H 5 HOH 13 24  24  HOH HOH A . 
H 5 HOH 14 25  25  HOH HOH A . 
H 5 HOH 15 26  26  HOH HOH A . 
H 5 HOH 16 27  27  HOH HOH A . 
H 5 HOH 17 28  28  HOH HOH A . 
H 5 HOH 18 31  31  HOH HOH A . 
H 5 HOH 19 37  37  HOH HOH A . 
H 5 HOH 20 39  39  HOH HOH A . 
H 5 HOH 21 40  40  HOH HOH A . 
H 5 HOH 22 41  41  HOH HOH A . 
H 5 HOH 23 45  45  HOH HOH A . 
H 5 HOH 24 46  46  HOH HOH A . 
H 5 HOH 25 49  49  HOH HOH A . 
H 5 HOH 26 52  52  HOH HOH A . 
H 5 HOH 27 53  53  HOH HOH A . 
H 5 HOH 28 55  55  HOH HOH A . 
H 5 HOH 29 57  57  HOH HOH A . 
H 5 HOH 30 58  58  HOH HOH A . 
H 5 HOH 31 61  61  HOH HOH A . 
H 5 HOH 32 64  64  HOH HOH A . 
H 5 HOH 33 67  67  HOH HOH A . 
H 5 HOH 34 70  70  HOH HOH A . 
H 5 HOH 35 71  71  HOH HOH A . 
H 5 HOH 36 72  72  HOH HOH A . 
H 5 HOH 37 77  77  HOH HOH A . 
H 5 HOH 38 78  78  HOH HOH A . 
H 5 HOH 39 80  80  HOH HOH A . 
H 5 HOH 40 81  81  HOH HOH A . 
H 5 HOH 41 82  82  HOH HOH A . 
H 5 HOH 42 85  85  HOH HOH A . 
H 5 HOH 43 89  89  HOH HOH A . 
H 5 HOH 44 90  90  HOH HOH A . 
H 5 HOH 45 91  91  HOH HOH A . 
H 5 HOH 46 94  94  HOH HOH A . 
H 5 HOH 47 95  95  HOH HOH A . 
H 5 HOH 48 97  97  HOH HOH A . 
H 5 HOH 49 98  98  HOH HOH A . 
H 5 HOH 50 100 100 HOH HOH A . 
H 5 HOH 51 102 102 HOH HOH A . 
H 5 HOH 52 103 103 HOH HOH A . 
H 5 HOH 53 105 105 HOH HOH A . 
H 5 HOH 54 106 106 HOH HOH A . 
H 5 HOH 55 109 109 HOH HOH A . 
H 5 HOH 56 110 110 HOH HOH A . 
H 5 HOH 57 111 111 HOH HOH A . 
H 5 HOH 58 112 112 HOH HOH A . 
H 5 HOH 59 113 113 HOH HOH A . 
H 5 HOH 60 118 118 HOH HOH A . 
H 5 HOH 61 120 120 HOH HOH A . 
H 5 HOH 62 121 121 HOH HOH A . 
H 5 HOH 63 122 122 HOH HOH A . 
H 5 HOH 64 255 255 HOH HOH A . 
H 5 HOH 65 256 256 HOH HOH A . 
H 5 HOH 66 257 257 HOH HOH A . 
I 5 HOH 1  106 106 HOH HOH D . 
I 5 HOH 2  107 107 HOH HOH D . 
I 5 HOH 3  108 108 HOH HOH D . 
I 5 HOH 4  109 109 HOH HOH D . 
I 5 HOH 5  110 110 HOH HOH D . 
I 5 HOH 6  111 111 HOH HOH D . 
I 5 HOH 7  112 112 HOH HOH D . 
I 5 HOH 8  113 113 HOH HOH D . 
I 5 HOH 9  114 114 HOH HOH D . 
I 5 HOH 10 115 115 HOH HOH D . 
I 5 HOH 11 116 116 HOH HOH D . 
I 5 HOH 12 117 117 HOH HOH D . 
I 5 HOH 13 118 118 HOH HOH D . 
I 5 HOH 14 119 119 HOH HOH D . 
I 5 HOH 15 120 120 HOH HOH D . 
I 5 HOH 16 121 121 HOH HOH D . 
I 5 HOH 17 122 122 HOH HOH D . 
I 5 HOH 18 123 123 HOH HOH D . 
I 5 HOH 19 124 124 HOH HOH D . 
I 5 HOH 20 125 125 HOH HOH D . 
I 5 HOH 21 126 126 HOH HOH D . 
I 5 HOH 22 127 127 HOH HOH D . 
I 5 HOH 23 128 128 HOH HOH D . 
I 5 HOH 24 129 129 HOH HOH D . 
I 5 HOH 25 130 130 HOH HOH D . 
I 5 HOH 26 131 131 HOH HOH D . 
I 5 HOH 27 132 132 HOH HOH D . 
I 5 HOH 28 133 133 HOH HOH D . 
I 5 HOH 29 134 134 HOH HOH D . 
I 5 HOH 30 135 135 HOH HOH D . 
I 5 HOH 31 136 136 HOH HOH D . 
I 5 HOH 32 137 137 HOH HOH D . 
I 5 HOH 33 138 138 HOH HOH D . 
I 5 HOH 34 139 139 HOH HOH D . 
I 5 HOH 35 140 140 HOH HOH D . 
I 5 HOH 36 141 141 HOH HOH D . 
I 5 HOH 37 142 142 HOH HOH D . 
I 5 HOH 38 143 143 HOH HOH D . 
I 5 HOH 39 144 144 HOH HOH D . 
I 5 HOH 40 145 145 HOH HOH D . 
I 5 HOH 41 146 146 HOH HOH D . 
I 5 HOH 42 147 147 HOH HOH D . 
I 5 HOH 43 148 148 HOH HOH D . 
I 5 HOH 44 150 150 HOH HOH D . 
I 5 HOH 45 152 152 HOH HOH D . 
I 5 HOH 46 153 153 HOH HOH D . 
I 5 HOH 47 154 154 HOH HOH D . 
I 5 HOH 48 155 155 HOH HOH D . 
I 5 HOH 49 156 156 HOH HOH D . 
I 5 HOH 50 157 157 HOH HOH D . 
I 5 HOH 51 158 158 HOH HOH D . 
I 5 HOH 52 159 159 HOH HOH D . 
I 5 HOH 53 160 160 HOH HOH D . 
I 5 HOH 54 161 161 HOH HOH D . 
I 5 HOH 55 163 163 HOH HOH D . 
I 5 HOH 56 164 164 HOH HOH D . 
I 5 HOH 57 165 165 HOH HOH D . 
I 5 HOH 58 166 166 HOH HOH D . 
I 5 HOH 59 167 167 HOH HOH D . 
I 5 HOH 60 168 168 HOH HOH D . 
I 5 HOH 61 254 254 HOH HOH D . 
# 
loop_
_pdbx_struct_assembly.id 
_pdbx_struct_assembly.details 
_pdbx_struct_assembly.method_details 
_pdbx_struct_assembly.oligomeric_details 
_pdbx_struct_assembly.oligomeric_count 
1 author_and_software_defined_assembly PISA dimeric 2 
2 software_defined_assembly            PISA dimeric 2 
3 software_defined_assembly            PISA dimeric 2 
# 
loop_
_pdbx_struct_assembly_gen.assembly_id 
_pdbx_struct_assembly_gen.oper_expression 
_pdbx_struct_assembly_gen.asym_id_list 
1 1 A,B,C,D,E,F,G,H,I 
2 1 A,C,D,E,H         
2 2 B,F,G,I           
3 1 A,C,D,E,H         
3 3 B,F,G,I           
# 
loop_
_pdbx_struct_assembly_prop.biol_id 
_pdbx_struct_assembly_prop.type 
_pdbx_struct_assembly_prop.value 
_pdbx_struct_assembly_prop.details 
1 'ABSA (A^2)' 2170  ? 
1 MORE         -20   ? 
1 'SSA (A^2)'  11220 ? 
2 'ABSA (A^2)' 1050  ? 
2 MORE         -22   ? 
2 'SSA (A^2)'  12340 ? 
3 'ABSA (A^2)' 2170  ? 
3 MORE         -18   ? 
3 'SSA (A^2)'  11220 ? 
# 
loop_
_pdbx_struct_oper_list.id 
_pdbx_struct_oper_list.type 
_pdbx_struct_oper_list.name 
_pdbx_struct_oper_list.symmetry_operation 
_pdbx_struct_oper_list.matrix[1][1] 
_pdbx_struct_oper_list.matrix[1][2] 
_pdbx_struct_oper_list.matrix[1][3] 
_pdbx_struct_oper_list.vector[1] 
_pdbx_struct_oper_list.matrix[2][1] 
_pdbx_struct_oper_list.matrix[2][2] 
_pdbx_struct_oper_list.matrix[2][3] 
_pdbx_struct_oper_list.vector[2] 
_pdbx_struct_oper_list.matrix[3][1] 
_pdbx_struct_oper_list.matrix[3][2] 
_pdbx_struct_oper_list.matrix[3][3] 
_pdbx_struct_oper_list.vector[3] 
1 'identity operation'         1_555 x,y,z             1.0000000000  0.0000000000 0.0000000000  0.0000000000   0.0000000000 1.0000000000 0.0000000000  0.0000000000   0.0000000000  0.0000000000  1.0000000000  0.0000000000 
2 'crystal symmetry operation' 3_655 -x+1,y+1/2,-z+1/2 -0.8920165671 0.3674210877 -0.2632644835 22.5326380784  0.3674210877 0.2501756251 -0.8957755863 26.8153650862  -0.2632644835 -0.8957755863 -0.3581590580 3.0690411540 
3 'crystal symmetry operation' 3_545 -x,y-1/2,-z+1/2   -0.8920165671 0.3674210877 -0.2632644835 -21.6640807761 0.3674210877 0.2501756251 -0.8957755863 -17.7595098446 -0.2632644835 -0.8957755863 -0.3581590580 9.9258829484 
# 
loop_
_pdbx_audit_revision_history.ordinal 
_pdbx_audit_revision_history.data_content_type 
_pdbx_audit_revision_history.major_revision 
_pdbx_audit_revision_history.minor_revision 
_pdbx_audit_revision_history.revision_date 
1 'Structure model' 1 0 2011-11-23 
2 'Structure model' 1 1 2023-09-13 
# 
_pdbx_audit_revision_details.ordinal             1 
_pdbx_audit_revision_details.revision_ordinal    1 
_pdbx_audit_revision_details.data_content_type   'Structure model' 
_pdbx_audit_revision_details.provider            repository 
_pdbx_audit_revision_details.type                'Initial release' 
_pdbx_audit_revision_details.description         ? 
_pdbx_audit_revision_details.details             ? 
# 
loop_
_pdbx_audit_revision_group.ordinal 
_pdbx_audit_revision_group.revision_ordinal 
_pdbx_audit_revision_group.data_content_type 
_pdbx_audit_revision_group.group 
1 2 'Structure model' 'Data collection'        
2 2 'Structure model' 'Database references'    
3 2 'Structure model' 'Derived calculations'   
4 2 'Structure model' 'Refinement description' 
# 
loop_
_pdbx_audit_revision_category.ordinal 
_pdbx_audit_revision_category.revision_ordinal 
_pdbx_audit_revision_category.data_content_type 
_pdbx_audit_revision_category.category 
1 2 'Structure model' chem_comp_atom                
2 2 'Structure model' chem_comp_bond                
3 2 'Structure model' database_2                    
4 2 'Structure model' pdbx_initial_refinement_model 
5 2 'Structure model' struct_ref_seq_dif            
6 2 'Structure model' struct_site                   
# 
loop_
_pdbx_audit_revision_item.ordinal 
_pdbx_audit_revision_item.revision_ordinal 
_pdbx_audit_revision_item.data_content_type 
_pdbx_audit_revision_item.item 
1 2 'Structure model' '_database_2.pdbx_DOI'                
2 2 'Structure model' '_database_2.pdbx_database_accession' 
3 2 'Structure model' '_struct_ref_seq_dif.details'         
4 2 'Structure model' '_struct_site.pdbx_auth_asym_id'      
5 2 'Structure model' '_struct_site.pdbx_auth_comp_id'      
6 2 'Structure model' '_struct_site.pdbx_auth_seq_id'       
# 
loop_
_software.name 
_software.classification 
_software.version 
_software.citation_id 
_software.pdbx_ordinal 
PHASER    phasing          .        ? 1 
REFMAC    refinement       5.5.0109 ? 2 
DENZO     'data reduction' .        ? 3 
SCALEPACK 'data scaling'   .        ? 4 
# 
loop_
_pdbx_validate_close_contact.id 
_pdbx_validate_close_contact.PDB_model_num 
_pdbx_validate_close_contact.auth_atom_id_1 
_pdbx_validate_close_contact.auth_asym_id_1 
_pdbx_validate_close_contact.auth_comp_id_1 
_pdbx_validate_close_contact.auth_seq_id_1 
_pdbx_validate_close_contact.PDB_ins_code_1 
_pdbx_validate_close_contact.label_alt_id_1 
_pdbx_validate_close_contact.auth_atom_id_2 
_pdbx_validate_close_contact.auth_asym_id_2 
_pdbx_validate_close_contact.auth_comp_id_2 
_pdbx_validate_close_contact.auth_seq_id_2 
_pdbx_validate_close_contact.PDB_ins_code_2 
_pdbx_validate_close_contact.label_alt_id_2 
_pdbx_validate_close_contact.dist 
1 1 O D HOH 122 ? ? O D HOH 142 ? ? 2.10 
2 1 O A HOH 4   ? ? O A HOH 12  ? ? 2.16 
# 
loop_
_pdbx_validate_torsion.id 
_pdbx_validate_torsion.PDB_model_num 
_pdbx_validate_torsion.auth_comp_id 
_pdbx_validate_torsion.auth_asym_id 
_pdbx_validate_torsion.auth_seq_id 
_pdbx_validate_torsion.PDB_ins_code 
_pdbx_validate_torsion.label_alt_id 
_pdbx_validate_torsion.phi 
_pdbx_validate_torsion.psi 
1 1 TYR D 31 ? ? -140.41 -52.74 
2 1 SER D 52 ? ? -41.18  155.07 
# 
loop_
_pdbx_unobs_or_zero_occ_residues.id 
_pdbx_unobs_or_zero_occ_residues.PDB_model_num 
_pdbx_unobs_or_zero_occ_residues.polymer_flag 
_pdbx_unobs_or_zero_occ_residues.occupancy_flag 
_pdbx_unobs_or_zero_occ_residues.auth_asym_id 
_pdbx_unobs_or_zero_occ_residues.auth_comp_id 
_pdbx_unobs_or_zero_occ_residues.auth_seq_id 
_pdbx_unobs_or_zero_occ_residues.PDB_ins_code 
_pdbx_unobs_or_zero_occ_residues.label_asym_id 
_pdbx_unobs_or_zero_occ_residues.label_comp_id 
_pdbx_unobs_or_zero_occ_residues.label_seq_id 
1  1 Y 1 A GLY 129 ? A GLY 1   
2  1 Y 1 A SER 130 ? A SER 2   
3  1 Y 1 A PRO 131 ? A PRO 3   
4  1 Y 1 A SER 132 ? A SER 4   
5  1 Y 1 A ASN 133 ? A ASN 5   
6  1 Y 1 A TYR 134 ? A TYR 6   
7  1 Y 1 A ILE 135 ? A ILE 7   
8  1 Y 1 A THR 136 ? A THR 8   
9  1 Y 1 A PRO 137 ? A PRO 9   
10 1 Y 1 A VAL 138 ? A VAL 10  
11 1 Y 1 A ASN 139 ? A ASN 11  
12 1 Y 1 A SER 140 ? A SER 12  
13 1 Y 1 A ARG 239 ? A ARG 111 
14 1 Y 1 A ASN 240 ? A ASN 112 
15 1 Y 1 A LYS 241 ? A LYS 113 
16 1 Y 1 A PRO 242 ? A PRO 114 
17 1 Y 1 A THR 243 ? A THR 115 
18 1 Y 1 A VAL 244 ? A VAL 116 
19 1 Y 1 A TYR 245 ? A TYR 117 
20 1 Y 1 A GLY 246 ? A GLY 118 
21 1 Y 1 A VAL 247 ? A VAL 119 
22 1 Y 1 A SER 248 ? A SER 120 
23 1 Y 1 A PRO 249 ? A PRO 121 
24 1 Y 1 A ASN 250 ? A ASN 122 
25 1 Y 1 A TYR 251 ? A TYR 123 
# 
loop_
_chem_comp_atom.comp_id 
_chem_comp_atom.atom_id 
_chem_comp_atom.type_symbol 
_chem_comp_atom.pdbx_aromatic_flag 
_chem_comp_atom.pdbx_stereo_config 
_chem_comp_atom.pdbx_ordinal 
ALA N    N N N 1   
ALA CA   C N S 2   
ALA C    C N N 3   
ALA O    O N N 4   
ALA CB   C N N 5   
ALA OXT  O N N 6   
ALA H    H N N 7   
ALA H2   H N N 8   
ALA HA   H N N 9   
ALA HB1  H N N 10  
ALA HB2  H N N 11  
ALA HB3  H N N 12  
ALA HXT  H N N 13  
ARG N    N N N 14  
ARG CA   C N S 15  
ARG C    C N N 16  
ARG O    O N N 17  
ARG CB   C N N 18  
ARG CG   C N N 19  
ARG CD   C N N 20  
ARG NE   N N N 21  
ARG CZ   C N N 22  
ARG NH1  N N N 23  
ARG NH2  N N N 24  
ARG OXT  O N N 25  
ARG H    H N N 26  
ARG H2   H N N 27  
ARG HA   H N N 28  
ARG HB2  H N N 29  
ARG HB3  H N N 30  
ARG HG2  H N N 31  
ARG HG3  H N N 32  
ARG HD2  H N N 33  
ARG HD3  H N N 34  
ARG HE   H N N 35  
ARG HH11 H N N 36  
ARG HH12 H N N 37  
ARG HH21 H N N 38  
ARG HH22 H N N 39  
ARG HXT  H N N 40  
ASN N    N N N 41  
ASN CA   C N S 42  
ASN C    C N N 43  
ASN O    O N N 44  
ASN CB   C N N 45  
ASN CG   C N N 46  
ASN OD1  O N N 47  
ASN ND2  N N N 48  
ASN OXT  O N N 49  
ASN H    H N N 50  
ASN H2   H N N 51  
ASN HA   H N N 52  
ASN HB2  H N N 53  
ASN HB3  H N N 54  
ASN HD21 H N N 55  
ASN HD22 H N N 56  
ASN HXT  H N N 57  
ASP N    N N N 58  
ASP CA   C N S 59  
ASP C    C N N 60  
ASP O    O N N 61  
ASP CB   C N N 62  
ASP CG   C N N 63  
ASP OD1  O N N 64  
ASP OD2  O N N 65  
ASP OXT  O N N 66  
ASP H    H N N 67  
ASP H2   H N N 68  
ASP HA   H N N 69  
ASP HB2  H N N 70  
ASP HB3  H N N 71  
ASP HD2  H N N 72  
ASP HXT  H N N 73  
GLN N    N N N 74  
GLN CA   C N S 75  
GLN C    C N N 76  
GLN O    O N N 77  
GLN CB   C N N 78  
GLN CG   C N N 79  
GLN CD   C N N 80  
GLN OE1  O N N 81  
GLN NE2  N N N 82  
GLN OXT  O N N 83  
GLN H    H N N 84  
GLN H2   H N N 85  
GLN HA   H N N 86  
GLN HB2  H N N 87  
GLN HB3  H N N 88  
GLN HG2  H N N 89  
GLN HG3  H N N 90  
GLN HE21 H N N 91  
GLN HE22 H N N 92  
GLN HXT  H N N 93  
GLU N    N N N 94  
GLU CA   C N S 95  
GLU C    C N N 96  
GLU O    O N N 97  
GLU CB   C N N 98  
GLU CG   C N N 99  
GLU CD   C N N 100 
GLU OE1  O N N 101 
GLU OE2  O N N 102 
GLU OXT  O N N 103 
GLU H    H N N 104 
GLU H2   H N N 105 
GLU HA   H N N 106 
GLU HB2  H N N 107 
GLU HB3  H N N 108 
GLU HG2  H N N 109 
GLU HG3  H N N 110 
GLU HE2  H N N 111 
GLU HXT  H N N 112 
GLY N    N N N 113 
GLY CA   C N N 114 
GLY C    C N N 115 
GLY O    O N N 116 
GLY OXT  O N N 117 
GLY H    H N N 118 
GLY H2   H N N 119 
GLY HA2  H N N 120 
GLY HA3  H N N 121 
GLY HXT  H N N 122 
GOL C1   C N N 123 
GOL O1   O N N 124 
GOL C2   C N N 125 
GOL O2   O N N 126 
GOL C3   C N N 127 
GOL O3   O N N 128 
GOL H11  H N N 129 
GOL H12  H N N 130 
GOL HO1  H N N 131 
GOL H2   H N N 132 
GOL HO2  H N N 133 
GOL H31  H N N 134 
GOL H32  H N N 135 
GOL HO3  H N N 136 
HIS N    N N N 137 
HIS CA   C N S 138 
HIS C    C N N 139 
HIS O    O N N 140 
HIS CB   C N N 141 
HIS CG   C Y N 142 
HIS ND1  N Y N 143 
HIS CD2  C Y N 144 
HIS CE1  C Y N 145 
HIS NE2  N Y N 146 
HIS OXT  O N N 147 
HIS H    H N N 148 
HIS H2   H N N 149 
HIS HA   H N N 150 
HIS HB2  H N N 151 
HIS HB3  H N N 152 
HIS HD1  H N N 153 
HIS HD2  H N N 154 
HIS HE1  H N N 155 
HIS HE2  H N N 156 
HIS HXT  H N N 157 
HOH O    O N N 158 
HOH H1   H N N 159 
HOH H2   H N N 160 
ILE N    N N N 161 
ILE CA   C N S 162 
ILE C    C N N 163 
ILE O    O N N 164 
ILE CB   C N S 165 
ILE CG1  C N N 166 
ILE CG2  C N N 167 
ILE CD1  C N N 168 
ILE OXT  O N N 169 
ILE H    H N N 170 
ILE H2   H N N 171 
ILE HA   H N N 172 
ILE HB   H N N 173 
ILE HG12 H N N 174 
ILE HG13 H N N 175 
ILE HG21 H N N 176 
ILE HG22 H N N 177 
ILE HG23 H N N 178 
ILE HD11 H N N 179 
ILE HD12 H N N 180 
ILE HD13 H N N 181 
ILE HXT  H N N 182 
LEU N    N N N 183 
LEU CA   C N S 184 
LEU C    C N N 185 
LEU O    O N N 186 
LEU CB   C N N 187 
LEU CG   C N N 188 
LEU CD1  C N N 189 
LEU CD2  C N N 190 
LEU OXT  O N N 191 
LEU H    H N N 192 
LEU H2   H N N 193 
LEU HA   H N N 194 
LEU HB2  H N N 195 
LEU HB3  H N N 196 
LEU HG   H N N 197 
LEU HD11 H N N 198 
LEU HD12 H N N 199 
LEU HD13 H N N 200 
LEU HD21 H N N 201 
LEU HD22 H N N 202 
LEU HD23 H N N 203 
LEU HXT  H N N 204 
LYS N    N N N 205 
LYS CA   C N S 206 
LYS C    C N N 207 
LYS O    O N N 208 
LYS CB   C N N 209 
LYS CG   C N N 210 
LYS CD   C N N 211 
LYS CE   C N N 212 
LYS NZ   N N N 213 
LYS OXT  O N N 214 
LYS H    H N N 215 
LYS H2   H N N 216 
LYS HA   H N N 217 
LYS HB2  H N N 218 
LYS HB3  H N N 219 
LYS HG2  H N N 220 
LYS HG3  H N N 221 
LYS HD2  H N N 222 
LYS HD3  H N N 223 
LYS HE2  H N N 224 
LYS HE3  H N N 225 
LYS HZ1  H N N 226 
LYS HZ2  H N N 227 
LYS HZ3  H N N 228 
LYS HXT  H N N 229 
PHE N    N N N 230 
PHE CA   C N S 231 
PHE C    C N N 232 
PHE O    O N N 233 
PHE CB   C N N 234 
PHE CG   C Y N 235 
PHE CD1  C Y N 236 
PHE CD2  C Y N 237 
PHE CE1  C Y N 238 
PHE CE2  C Y N 239 
PHE CZ   C Y N 240 
PHE OXT  O N N 241 
PHE H    H N N 242 
PHE H2   H N N 243 
PHE HA   H N N 244 
PHE HB2  H N N 245 
PHE HB3  H N N 246 
PHE HD1  H N N 247 
PHE HD2  H N N 248 
PHE HE1  H N N 249 
PHE HE2  H N N 250 
PHE HZ   H N N 251 
PHE HXT  H N N 252 
PRO N    N N N 253 
PRO CA   C N S 254 
PRO C    C N N 255 
PRO O    O N N 256 
PRO CB   C N N 257 
PRO CG   C N N 258 
PRO CD   C N N 259 
PRO OXT  O N N 260 
PRO H    H N N 261 
PRO HA   H N N 262 
PRO HB2  H N N 263 
PRO HB3  H N N 264 
PRO HG2  H N N 265 
PRO HG3  H N N 266 
PRO HD2  H N N 267 
PRO HD3  H N N 268 
PRO HXT  H N N 269 
SER N    N N N 270 
SER CA   C N S 271 
SER C    C N N 272 
SER O    O N N 273 
SER CB   C N N 274 
SER OG   O N N 275 
SER OXT  O N N 276 
SER H    H N N 277 
SER H2   H N N 278 
SER HA   H N N 279 
SER HB2  H N N 280 
SER HB3  H N N 281 
SER HG   H N N 282 
SER HXT  H N N 283 
SO4 S    S N N 284 
SO4 O1   O N N 285 
SO4 O2   O N N 286 
SO4 O3   O N N 287 
SO4 O4   O N N 288 
THR N    N N N 289 
THR CA   C N S 290 
THR C    C N N 291 
THR O    O N N 292 
THR CB   C N R 293 
THR OG1  O N N 294 
THR CG2  C N N 295 
THR OXT  O N N 296 
THR H    H N N 297 
THR H2   H N N 298 
THR HA   H N N 299 
THR HB   H N N 300 
THR HG1  H N N 301 
THR HG21 H N N 302 
THR HG22 H N N 303 
THR HG23 H N N 304 
THR HXT  H N N 305 
TRP N    N N N 306 
TRP CA   C N S 307 
TRP C    C N N 308 
TRP O    O N N 309 
TRP CB   C N N 310 
TRP CG   C Y N 311 
TRP CD1  C Y N 312 
TRP CD2  C Y N 313 
TRP NE1  N Y N 314 
TRP CE2  C Y N 315 
TRP CE3  C Y N 316 
TRP CZ2  C Y N 317 
TRP CZ3  C Y N 318 
TRP CH2  C Y N 319 
TRP OXT  O N N 320 
TRP H    H N N 321 
TRP H2   H N N 322 
TRP HA   H N N 323 
TRP HB2  H N N 324 
TRP HB3  H N N 325 
TRP HD1  H N N 326 
TRP HE1  H N N 327 
TRP HE3  H N N 328 
TRP HZ2  H N N 329 
TRP HZ3  H N N 330 
TRP HH2  H N N 331 
TRP HXT  H N N 332 
TYR N    N N N 333 
TYR CA   C N S 334 
TYR C    C N N 335 
TYR O    O N N 336 
TYR CB   C N N 337 
TYR CG   C Y N 338 
TYR CD1  C Y N 339 
TYR CD2  C Y N 340 
TYR CE1  C Y N 341 
TYR CE2  C Y N 342 
TYR CZ   C Y N 343 
TYR OH   O N N 344 
TYR OXT  O N N 345 
TYR H    H N N 346 
TYR H2   H N N 347 
TYR HA   H N N 348 
TYR HB2  H N N 349 
TYR HB3  H N N 350 
TYR HD1  H N N 351 
TYR HD2  H N N 352 
TYR HE1  H N N 353 
TYR HE2  H N N 354 
TYR HH   H N N 355 
TYR HXT  H N N 356 
VAL N    N N N 357 
VAL CA   C N S 358 
VAL C    C N N 359 
VAL O    O N N 360 
VAL CB   C N N 361 
VAL CG1  C N N 362 
VAL CG2  C N N 363 
VAL OXT  O N N 364 
VAL H    H N N 365 
VAL H2   H N N 366 
VAL HA   H N N 367 
VAL HB   H N N 368 
VAL HG11 H N N 369 
VAL HG12 H N N 370 
VAL HG13 H N N 371 
VAL HG21 H N N 372 
VAL HG22 H N N 373 
VAL HG23 H N N 374 
VAL HXT  H N N 375 
# 
loop_
_chem_comp_bond.comp_id 
_chem_comp_bond.atom_id_1 
_chem_comp_bond.atom_id_2 
_chem_comp_bond.value_order 
_chem_comp_bond.pdbx_aromatic_flag 
_chem_comp_bond.pdbx_stereo_config 
_chem_comp_bond.pdbx_ordinal 
ALA N   CA   sing N N 1   
ALA N   H    sing N N 2   
ALA N   H2   sing N N 3   
ALA CA  C    sing N N 4   
ALA CA  CB   sing N N 5   
ALA CA  HA   sing N N 6   
ALA C   O    doub N N 7   
ALA C   OXT  sing N N 8   
ALA CB  HB1  sing N N 9   
ALA CB  HB2  sing N N 10  
ALA CB  HB3  sing N N 11  
ALA OXT HXT  sing N N 12  
ARG N   CA   sing N N 13  
ARG N   H    sing N N 14  
ARG N   H2   sing N N 15  
ARG CA  C    sing N N 16  
ARG CA  CB   sing N N 17  
ARG CA  HA   sing N N 18  
ARG C   O    doub N N 19  
ARG C   OXT  sing N N 20  
ARG CB  CG   sing N N 21  
ARG CB  HB2  sing N N 22  
ARG CB  HB3  sing N N 23  
ARG CG  CD   sing N N 24  
ARG CG  HG2  sing N N 25  
ARG CG  HG3  sing N N 26  
ARG CD  NE   sing N N 27  
ARG CD  HD2  sing N N 28  
ARG CD  HD3  sing N N 29  
ARG NE  CZ   sing N N 30  
ARG NE  HE   sing N N 31  
ARG CZ  NH1  sing N N 32  
ARG CZ  NH2  doub N N 33  
ARG NH1 HH11 sing N N 34  
ARG NH1 HH12 sing N N 35  
ARG NH2 HH21 sing N N 36  
ARG NH2 HH22 sing N N 37  
ARG OXT HXT  sing N N 38  
ASN N   CA   sing N N 39  
ASN N   H    sing N N 40  
ASN N   H2   sing N N 41  
ASN CA  C    sing N N 42  
ASN CA  CB   sing N N 43  
ASN CA  HA   sing N N 44  
ASN C   O    doub N N 45  
ASN C   OXT  sing N N 46  
ASN CB  CG   sing N N 47  
ASN CB  HB2  sing N N 48  
ASN CB  HB3  sing N N 49  
ASN CG  OD1  doub N N 50  
ASN CG  ND2  sing N N 51  
ASN ND2 HD21 sing N N 52  
ASN ND2 HD22 sing N N 53  
ASN OXT HXT  sing N N 54  
ASP N   CA   sing N N 55  
ASP N   H    sing N N 56  
ASP N   H2   sing N N 57  
ASP CA  C    sing N N 58  
ASP CA  CB   sing N N 59  
ASP CA  HA   sing N N 60  
ASP C   O    doub N N 61  
ASP C   OXT  sing N N 62  
ASP CB  CG   sing N N 63  
ASP CB  HB2  sing N N 64  
ASP CB  HB3  sing N N 65  
ASP CG  OD1  doub N N 66  
ASP CG  OD2  sing N N 67  
ASP OD2 HD2  sing N N 68  
ASP OXT HXT  sing N N 69  
GLN N   CA   sing N N 70  
GLN N   H    sing N N 71  
GLN N   H2   sing N N 72  
GLN CA  C    sing N N 73  
GLN CA  CB   sing N N 74  
GLN CA  HA   sing N N 75  
GLN C   O    doub N N 76  
GLN C   OXT  sing N N 77  
GLN CB  CG   sing N N 78  
GLN CB  HB2  sing N N 79  
GLN CB  HB3  sing N N 80  
GLN CG  CD   sing N N 81  
GLN CG  HG2  sing N N 82  
GLN CG  HG3  sing N N 83  
GLN CD  OE1  doub N N 84  
GLN CD  NE2  sing N N 85  
GLN NE2 HE21 sing N N 86  
GLN NE2 HE22 sing N N 87  
GLN OXT HXT  sing N N 88  
GLU N   CA   sing N N 89  
GLU N   H    sing N N 90  
GLU N   H2   sing N N 91  
GLU CA  C    sing N N 92  
GLU CA  CB   sing N N 93  
GLU CA  HA   sing N N 94  
GLU C   O    doub N N 95  
GLU C   OXT  sing N N 96  
GLU CB  CG   sing N N 97  
GLU CB  HB2  sing N N 98  
GLU CB  HB3  sing N N 99  
GLU CG  CD   sing N N 100 
GLU CG  HG2  sing N N 101 
GLU CG  HG3  sing N N 102 
GLU CD  OE1  doub N N 103 
GLU CD  OE2  sing N N 104 
GLU OE2 HE2  sing N N 105 
GLU OXT HXT  sing N N 106 
GLY N   CA   sing N N 107 
GLY N   H    sing N N 108 
GLY N   H2   sing N N 109 
GLY CA  C    sing N N 110 
GLY CA  HA2  sing N N 111 
GLY CA  HA3  sing N N 112 
GLY C   O    doub N N 113 
GLY C   OXT  sing N N 114 
GLY OXT HXT  sing N N 115 
GOL C1  O1   sing N N 116 
GOL C1  C2   sing N N 117 
GOL C1  H11  sing N N 118 
GOL C1  H12  sing N N 119 
GOL O1  HO1  sing N N 120 
GOL C2  O2   sing N N 121 
GOL C2  C3   sing N N 122 
GOL C2  H2   sing N N 123 
GOL O2  HO2  sing N N 124 
GOL C3  O3   sing N N 125 
GOL C3  H31  sing N N 126 
GOL C3  H32  sing N N 127 
GOL O3  HO3  sing N N 128 
HIS N   CA   sing N N 129 
HIS N   H    sing N N 130 
HIS N   H2   sing N N 131 
HIS CA  C    sing N N 132 
HIS CA  CB   sing N N 133 
HIS CA  HA   sing N N 134 
HIS C   O    doub N N 135 
HIS C   OXT  sing N N 136 
HIS CB  CG   sing N N 137 
HIS CB  HB2  sing N N 138 
HIS CB  HB3  sing N N 139 
HIS CG  ND1  sing Y N 140 
HIS CG  CD2  doub Y N 141 
HIS ND1 CE1  doub Y N 142 
HIS ND1 HD1  sing N N 143 
HIS CD2 NE2  sing Y N 144 
HIS CD2 HD2  sing N N 145 
HIS CE1 NE2  sing Y N 146 
HIS CE1 HE1  sing N N 147 
HIS NE2 HE2  sing N N 148 
HIS OXT HXT  sing N N 149 
HOH O   H1   sing N N 150 
HOH O   H2   sing N N 151 
ILE N   CA   sing N N 152 
ILE N   H    sing N N 153 
ILE N   H2   sing N N 154 
ILE CA  C    sing N N 155 
ILE CA  CB   sing N N 156 
ILE CA  HA   sing N N 157 
ILE C   O    doub N N 158 
ILE C   OXT  sing N N 159 
ILE CB  CG1  sing N N 160 
ILE CB  CG2  sing N N 161 
ILE CB  HB   sing N N 162 
ILE CG1 CD1  sing N N 163 
ILE CG1 HG12 sing N N 164 
ILE CG1 HG13 sing N N 165 
ILE CG2 HG21 sing N N 166 
ILE CG2 HG22 sing N N 167 
ILE CG2 HG23 sing N N 168 
ILE CD1 HD11 sing N N 169 
ILE CD1 HD12 sing N N 170 
ILE CD1 HD13 sing N N 171 
ILE OXT HXT  sing N N 172 
LEU N   CA   sing N N 173 
LEU N   H    sing N N 174 
LEU N   H2   sing N N 175 
LEU CA  C    sing N N 176 
LEU CA  CB   sing N N 177 
LEU CA  HA   sing N N 178 
LEU C   O    doub N N 179 
LEU C   OXT  sing N N 180 
LEU CB  CG   sing N N 181 
LEU CB  HB2  sing N N 182 
LEU CB  HB3  sing N N 183 
LEU CG  CD1  sing N N 184 
LEU CG  CD2  sing N N 185 
LEU CG  HG   sing N N 186 
LEU CD1 HD11 sing N N 187 
LEU CD1 HD12 sing N N 188 
LEU CD1 HD13 sing N N 189 
LEU CD2 HD21 sing N N 190 
LEU CD2 HD22 sing N N 191 
LEU CD2 HD23 sing N N 192 
LEU OXT HXT  sing N N 193 
LYS N   CA   sing N N 194 
LYS N   H    sing N N 195 
LYS N   H2   sing N N 196 
LYS CA  C    sing N N 197 
LYS CA  CB   sing N N 198 
LYS CA  HA   sing N N 199 
LYS C   O    doub N N 200 
LYS C   OXT  sing N N 201 
LYS CB  CG   sing N N 202 
LYS CB  HB2  sing N N 203 
LYS CB  HB3  sing N N 204 
LYS CG  CD   sing N N 205 
LYS CG  HG2  sing N N 206 
LYS CG  HG3  sing N N 207 
LYS CD  CE   sing N N 208 
LYS CD  HD2  sing N N 209 
LYS CD  HD3  sing N N 210 
LYS CE  NZ   sing N N 211 
LYS CE  HE2  sing N N 212 
LYS CE  HE3  sing N N 213 
LYS NZ  HZ1  sing N N 214 
LYS NZ  HZ2  sing N N 215 
LYS NZ  HZ3  sing N N 216 
LYS OXT HXT  sing N N 217 
PHE N   CA   sing N N 218 
PHE N   H    sing N N 219 
PHE N   H2   sing N N 220 
PHE CA  C    sing N N 221 
PHE CA  CB   sing N N 222 
PHE CA  HA   sing N N 223 
PHE C   O    doub N N 224 
PHE C   OXT  sing N N 225 
PHE CB  CG   sing N N 226 
PHE CB  HB2  sing N N 227 
PHE CB  HB3  sing N N 228 
PHE CG  CD1  doub Y N 229 
PHE CG  CD2  sing Y N 230 
PHE CD1 CE1  sing Y N 231 
PHE CD1 HD1  sing N N 232 
PHE CD2 CE2  doub Y N 233 
PHE CD2 HD2  sing N N 234 
PHE CE1 CZ   doub Y N 235 
PHE CE1 HE1  sing N N 236 
PHE CE2 CZ   sing Y N 237 
PHE CE2 HE2  sing N N 238 
PHE CZ  HZ   sing N N 239 
PHE OXT HXT  sing N N 240 
PRO N   CA   sing N N 241 
PRO N   CD   sing N N 242 
PRO N   H    sing N N 243 
PRO CA  C    sing N N 244 
PRO CA  CB   sing N N 245 
PRO CA  HA   sing N N 246 
PRO C   O    doub N N 247 
PRO C   OXT  sing N N 248 
PRO CB  CG   sing N N 249 
PRO CB  HB2  sing N N 250 
PRO CB  HB3  sing N N 251 
PRO CG  CD   sing N N 252 
PRO CG  HG2  sing N N 253 
PRO CG  HG3  sing N N 254 
PRO CD  HD2  sing N N 255 
PRO CD  HD3  sing N N 256 
PRO OXT HXT  sing N N 257 
SER N   CA   sing N N 258 
SER N   H    sing N N 259 
SER N   H2   sing N N 260 
SER CA  C    sing N N 261 
SER CA  CB   sing N N 262 
SER CA  HA   sing N N 263 
SER C   O    doub N N 264 
SER C   OXT  sing N N 265 
SER CB  OG   sing N N 266 
SER CB  HB2  sing N N 267 
SER CB  HB3  sing N N 268 
SER OG  HG   sing N N 269 
SER OXT HXT  sing N N 270 
SO4 S   O1   doub N N 271 
SO4 S   O2   doub N N 272 
SO4 S   O3   sing N N 273 
SO4 S   O4   sing N N 274 
THR N   CA   sing N N 275 
THR N   H    sing N N 276 
THR N   H2   sing N N 277 
THR CA  C    sing N N 278 
THR CA  CB   sing N N 279 
THR CA  HA   sing N N 280 
THR C   O    doub N N 281 
THR C   OXT  sing N N 282 
THR CB  OG1  sing N N 283 
THR CB  CG2  sing N N 284 
THR CB  HB   sing N N 285 
THR OG1 HG1  sing N N 286 
THR CG2 HG21 sing N N 287 
THR CG2 HG22 sing N N 288 
THR CG2 HG23 sing N N 289 
THR OXT HXT  sing N N 290 
TRP N   CA   sing N N 291 
TRP N   H    sing N N 292 
TRP N   H2   sing N N 293 
TRP CA  C    sing N N 294 
TRP CA  CB   sing N N 295 
TRP CA  HA   sing N N 296 
TRP C   O    doub N N 297 
TRP C   OXT  sing N N 298 
TRP CB  CG   sing N N 299 
TRP CB  HB2  sing N N 300 
TRP CB  HB3  sing N N 301 
TRP CG  CD1  doub Y N 302 
TRP CG  CD2  sing Y N 303 
TRP CD1 NE1  sing Y N 304 
TRP CD1 HD1  sing N N 305 
TRP CD2 CE2  doub Y N 306 
TRP CD2 CE3  sing Y N 307 
TRP NE1 CE2  sing Y N 308 
TRP NE1 HE1  sing N N 309 
TRP CE2 CZ2  sing Y N 310 
TRP CE3 CZ3  doub Y N 311 
TRP CE3 HE3  sing N N 312 
TRP CZ2 CH2  doub Y N 313 
TRP CZ2 HZ2  sing N N 314 
TRP CZ3 CH2  sing Y N 315 
TRP CZ3 HZ3  sing N N 316 
TRP CH2 HH2  sing N N 317 
TRP OXT HXT  sing N N 318 
TYR N   CA   sing N N 319 
TYR N   H    sing N N 320 
TYR N   H2   sing N N 321 
TYR CA  C    sing N N 322 
TYR CA  CB   sing N N 323 
TYR CA  HA   sing N N 324 
TYR C   O    doub N N 325 
TYR C   OXT  sing N N 326 
TYR CB  CG   sing N N 327 
TYR CB  HB2  sing N N 328 
TYR CB  HB3  sing N N 329 
TYR CG  CD1  doub Y N 330 
TYR CG  CD2  sing Y N 331 
TYR CD1 CE1  sing Y N 332 
TYR CD1 HD1  sing N N 333 
TYR CD2 CE2  doub Y N 334 
TYR CD2 HD2  sing N N 335 
TYR CE1 CZ   doub Y N 336 
TYR CE1 HE1  sing N N 337 
TYR CE2 CZ   sing Y N 338 
TYR CE2 HE2  sing N N 339 
TYR CZ  OH   sing N N 340 
TYR OH  HH   sing N N 341 
TYR OXT HXT  sing N N 342 
VAL N   CA   sing N N 343 
VAL N   H    sing N N 344 
VAL N   H2   sing N N 345 
VAL CA  C    sing N N 346 
VAL CA  CB   sing N N 347 
VAL CA  HA   sing N N 348 
VAL C   O    doub N N 349 
VAL C   OXT  sing N N 350 
VAL CB  CG1  sing N N 351 
VAL CB  CG2  sing N N 352 
VAL CB  HB   sing N N 353 
VAL CG1 HG11 sing N N 354 
VAL CG1 HG12 sing N N 355 
VAL CG1 HG13 sing N N 356 
VAL CG2 HG21 sing N N 357 
VAL CG2 HG22 sing N N 358 
VAL CG2 HG23 sing N N 359 
VAL OXT HXT  sing N N 360 
# 
loop_
_pdbx_entity_nonpoly.entity_id 
_pdbx_entity_nonpoly.name 
_pdbx_entity_nonpoly.comp_id 
3 GLYCEROL      GOL 
4 'SULFATE ION' SO4 
5 water         HOH 
# 
loop_
_pdbx_initial_refinement_model.id 
_pdbx_initial_refinement_model.entity_id_list 
_pdbx_initial_refinement_model.type 
_pdbx_initial_refinement_model.source_name 
_pdbx_initial_refinement_model.accession_code 
_pdbx_initial_refinement_model.details 
1 ? 'experimental model' PDB 1OPK '1OPK: 154-235, 1FNF: LOOPS OMITTED' 
2 ? 'experimental model' PDB 1FNF '1OPK: 154-235, 1FNF: LOOPS OMITTED' 
# 
